data_3OVG
#
_entry.id   3OVG
#
_cell.length_a   89.256
_cell.length_b   89.186
_cell.length_c   96.059
_cell.angle_alpha   98.95
_cell.angle_beta   92.89
_cell.angle_gamma   119.86
#
_symmetry.space_group_name_H-M   'P 1'
#
loop_
_entity.id
_entity.type
_entity.pdbx_description
1 polymer amidohydrolase
2 non-polymer 'ZINC ION'
3 non-polymer 'PHOSPHATE ION'
4 water water
#
_entity_poly.entity_id   1
_entity_poly.type   'polypeptide(L)'
_entity_poly.pdbx_seq_one_letter_code
;(MSE)SLENKFARTVLGDIPVEKLGITDCHDHFIKNGGPEVEEHIDFL(MSE)LNVDASIKEFKEFIDRGGSTIVT
(MSE)DPPNVGRDVLKTLEIANAVKNLGGNVI(MSE)STGFHKAKFYDKYSSWLAVVPTEEIVK(MSE)CVAEIEEG
(MSE)DEYNYNGPVVKRSKAKAGII(KCX)AGTGYGAIDRLELKALEVAARTSILTGCPILVHTQLGT(MSE)ALEVAKH
LIGFGANPDKIQISHLNKNPDKYYYEKVIKETGVTLCFDGPDRVKYYPDSLLAENIKYLVDKGLQKHITLSLDAGRILYQ
RNYGLTKGKQTFGLAYLFDRFLPLLKQVGVSKEAIFDILVNNPKRVLAFDEKRNFDPLKVSKEVLELKKELNLNEGHHHH
HH
;
_entity_poly.pdbx_strand_id   A,B,C,D,E,F
#
loop_
_chem_comp.id
_chem_comp.type
_chem_comp.name
_chem_comp.formula
PO4 non-polymer 'PHOSPHATE ION' 'O4 P -3'
ZN non-polymer 'ZINC ION' 'Zn 2'
#
# COMPACT_ATOMS: atom_id res chain seq x y z
N ASN A 5 23.54 -42.67 -27.79
CA ASN A 5 24.57 -41.63 -27.76
C ASN A 5 23.92 -40.21 -27.56
N LYS A 6 23.29 -40.03 -26.42
CA LYS A 6 22.47 -38.86 -26.17
C LYS A 6 23.25 -37.84 -25.37
N PHE A 7 23.00 -36.55 -25.63
CA PHE A 7 23.69 -35.51 -24.87
C PHE A 7 22.74 -34.54 -24.18
N ALA A 8 23.27 -33.85 -23.17
CA ALA A 8 22.62 -32.67 -22.60
C ALA A 8 23.52 -31.49 -22.93
N ARG A 9 22.95 -30.31 -23.00
CA ARG A 9 23.72 -29.15 -23.43
C ARG A 9 24.00 -28.24 -22.23
N THR A 10 25.22 -28.27 -21.69
CA THR A 10 25.57 -27.43 -20.55
C THR A 10 26.24 -26.16 -21.05
N VAL A 11 26.41 -25.22 -20.14
CA VAL A 11 27.04 -23.94 -20.48
C VAL A 11 28.48 -24.16 -20.90
N LEU A 12 29.08 -25.24 -20.46
CA LEU A 12 30.46 -25.49 -20.85
C LEU A 12 30.54 -26.47 -22.02
N GLY A 13 29.40 -26.85 -22.59
CA GLY A 13 29.42 -27.81 -23.70
C GLY A 13 28.52 -29.03 -23.53
N ASP A 14 28.32 -29.75 -24.64
CA ASP A 14 27.45 -30.90 -24.63
C ASP A 14 28.17 -31.98 -23.89
N ILE A 15 27.46 -32.71 -23.02
CA ILE A 15 28.04 -33.85 -22.36
C ILE A 15 27.18 -35.09 -22.55
N PRO A 16 27.77 -36.28 -22.46
CA PRO A 16 26.92 -37.49 -22.51
C PRO A 16 25.94 -37.45 -21.36
N VAL A 17 24.71 -37.92 -21.56
CA VAL A 17 23.75 -37.84 -20.48
C VAL A 17 24.18 -38.63 -19.22
N GLU A 18 25.05 -39.61 -19.37
CA GLU A 18 25.48 -40.44 -18.24
C GLU A 18 26.29 -39.58 -17.29
N LYS A 19 26.67 -38.38 -17.73
CA LYS A 19 27.53 -37.51 -16.94
C LYS A 19 26.69 -36.47 -16.14
N LEU A 20 25.39 -36.45 -16.40
CA LEU A 20 24.48 -35.58 -15.64
C LEU A 20 24.48 -35.93 -14.14
N GLY A 21 24.48 -37.21 -13.81
CA GLY A 21 24.42 -37.65 -12.41
C GLY A 21 23.16 -37.16 -11.72
N ILE A 22 23.24 -36.96 -10.39
CA ILE A 22 22.12 -36.43 -9.65
C ILE A 22 21.88 -34.96 -10.06
N THR A 23 20.65 -34.68 -10.48
CA THR A 23 20.31 -33.40 -11.07
C THR A 23 19.15 -32.72 -10.37
N ASP A 24 19.40 -31.47 -10.01
CA ASP A 24 18.43 -30.57 -9.46
C ASP A 24 17.84 -29.90 -10.68
N CYS A 25 16.57 -30.16 -10.97
CA CYS A 25 15.99 -29.82 -12.28
C CYS A 25 15.42 -28.41 -12.40
N HIS A 26 15.46 -27.63 -11.32
CA HIS A 26 14.95 -26.27 -11.35
C HIS A 26 15.47 -25.48 -10.16
N ASP A 27 16.40 -24.57 -10.41
CA ASP A 27 17.00 -23.84 -9.32
C ASP A 27 17.65 -22.55 -9.81
N HIS A 28 18.33 -21.85 -8.91
CA HIS A 28 18.81 -20.52 -9.24
C HIS A 28 20.07 -20.25 -8.47
N PHE A 29 20.86 -19.31 -8.97
CA PHE A 29 21.97 -18.79 -8.19
C PHE A 29 22.03 -17.28 -8.34
N ILE A 30 22.10 -16.83 -9.59
CA ILE A 30 22.10 -15.42 -9.89
C ILE A 30 20.76 -14.98 -10.49
N LYS A 31 20.15 -13.97 -9.87
CA LYS A 31 18.99 -13.29 -10.41
C LYS A 31 19.39 -11.83 -10.45
N ASN A 32 19.64 -11.34 -11.65
CA ASN A 32 20.19 -10.02 -11.83
C ASN A 32 19.10 -9.04 -12.28
N GLY A 33 18.43 -8.40 -11.33
CA GLY A 33 17.35 -7.49 -11.68
C GLY A 33 16.17 -8.17 -12.35
N GLY A 34 15.39 -7.40 -13.10
CA GLY A 34 14.28 -7.98 -13.81
C GLY A 34 13.01 -7.79 -13.05
N PRO A 35 11.88 -8.15 -13.67
CA PRO A 35 10.53 -7.93 -13.13
C PRO A 35 10.31 -8.60 -11.76
N GLU A 36 10.94 -9.73 -11.51
CA GLU A 36 10.68 -10.42 -10.25
C GLU A 36 11.28 -9.67 -9.07
N VAL A 37 12.48 -9.12 -9.28
CA VAL A 37 13.12 -8.33 -8.24
C VAL A 37 12.27 -7.10 -7.87
N GLU A 38 11.57 -6.59 -8.88
CA GLU A 38 10.52 -5.59 -8.68
C GLU A 38 9.48 -5.93 -7.60
N GLU A 39 9.03 -7.19 -7.56
CA GLU A 39 8.05 -7.61 -6.55
C GLU A 39 8.61 -7.69 -5.13
N HIS A 40 9.90 -8.01 -5.01
CA HIS A 40 10.53 -8.13 -3.70
C HIS A 40 12.06 -8.16 -3.75
N ILE A 41 12.69 -7.40 -2.87
CA ILE A 41 14.15 -7.31 -2.85
C ILE A 41 14.83 -8.68 -2.67
N ASP A 42 14.17 -9.62 -1.98
CA ASP A 42 14.71 -10.99 -1.76
C ASP A 42 14.98 -11.80 -3.05
N PHE A 43 14.35 -11.37 -4.15
CA PHE A 43 14.59 -12.00 -5.45
C PHE A 43 15.92 -11.57 -6.08
N LEU A 44 16.53 -10.53 -5.52
CA LEU A 44 17.82 -10.08 -6.01
C LEU A 44 18.95 -10.91 -5.40
N MSE A 45 19.68 -11.64 -6.25
CA MSE A 45 20.71 -12.58 -5.81
C MSE A 45 21.96 -12.44 -6.66
O MSE A 45 22.01 -12.95 -7.81
CB MSE A 45 20.17 -14.03 -5.89
CG MSE A 45 18.85 -14.21 -5.15
SE MSE A 45 17.96 -15.98 -5.36
CE MSE A 45 19.43 -17.10 -4.67
N LEU A 46 22.97 -11.78 -6.12
CA LEU A 46 24.08 -11.35 -6.96
C LEU A 46 25.44 -11.89 -6.55
N ASN A 47 25.45 -12.90 -5.71
CA ASN A 47 26.71 -13.26 -5.05
C ASN A 47 27.28 -14.56 -5.63
N VAL A 48 28.31 -14.39 -6.47
CA VAL A 48 28.99 -15.50 -7.07
C VAL A 48 29.67 -16.39 -6.01
N ASP A 49 30.39 -15.79 -5.08
CA ASP A 49 31.10 -16.57 -4.07
C ASP A 49 30.12 -17.41 -3.28
N ALA A 50 29.01 -16.83 -2.86
CA ALA A 50 28.02 -17.59 -2.10
C ALA A 50 27.40 -18.71 -2.91
N SER A 51 27.19 -18.49 -4.21
CA SER A 51 26.53 -19.49 -5.05
C SER A 51 27.42 -20.70 -5.22
N ILE A 52 28.71 -20.42 -5.43
CA ILE A 52 29.72 -21.45 -5.58
C ILE A 52 29.84 -22.31 -4.31
N LYS A 53 29.87 -21.66 -3.15
CA LYS A 53 29.90 -22.45 -1.90
C LYS A 53 28.64 -23.30 -1.77
N GLU A 54 27.49 -22.76 -2.17
CA GLU A 54 26.27 -23.56 -2.11
C GLU A 54 26.38 -24.77 -3.06
N PHE A 55 26.83 -24.52 -4.29
CA PHE A 55 26.98 -25.57 -5.28
C PHE A 55 27.89 -26.69 -4.76
N LYS A 56 29.00 -26.31 -4.12
CA LYS A 56 29.94 -27.27 -3.48
C LYS A 56 29.27 -28.11 -2.39
N GLU A 57 28.38 -27.52 -1.61
CA GLU A 57 27.65 -28.36 -0.66
C GLU A 57 26.76 -29.41 -1.36
N PHE A 58 26.12 -28.98 -2.43
CA PHE A 58 25.29 -29.87 -3.23
C PHE A 58 26.13 -31.02 -3.80
N ILE A 59 27.32 -30.70 -4.30
CA ILE A 59 28.23 -31.72 -4.83
C ILE A 59 28.74 -32.61 -3.67
N ASP A 60 29.13 -31.97 -2.56
CA ASP A 60 29.51 -32.71 -1.36
C ASP A 60 28.50 -33.81 -1.04
N ARG A 61 27.21 -33.53 -1.21
CA ARG A 61 26.19 -34.52 -0.85
C ARG A 61 25.96 -35.52 -1.97
N GLY A 62 26.60 -35.30 -3.11
CA GLY A 62 26.46 -36.23 -4.24
C GLY A 62 25.82 -35.65 -5.50
N GLY A 63 25.45 -34.39 -5.48
CA GLY A 63 24.81 -33.83 -6.67
C GLY A 63 25.87 -33.57 -7.72
N SER A 64 25.44 -33.49 -8.98
CA SER A 64 26.32 -33.06 -10.08
C SER A 64 25.74 -31.89 -10.88
N THR A 65 24.47 -32.01 -11.27
CA THR A 65 23.96 -31.04 -12.22
C THR A 65 22.87 -30.11 -11.67
N ILE A 66 23.00 -28.83 -11.98
CA ILE A 66 21.92 -27.91 -11.64
C ILE A 66 21.41 -27.18 -12.87
N VAL A 67 20.11 -27.29 -13.13
CA VAL A 67 19.48 -26.54 -14.22
C VAL A 67 18.94 -25.19 -13.69
N THR A 68 19.56 -24.09 -14.10
CA THR A 68 19.12 -22.79 -13.65
C THR A 68 18.03 -22.24 -14.57
N MSE A 69 16.81 -22.12 -14.05
CA MSE A 69 15.66 -21.83 -14.88
C MSE A 69 15.31 -20.31 -15.02
O MSE A 69 14.19 -19.91 -14.75
CB MSE A 69 14.44 -22.63 -14.37
CG MSE A 69 14.59 -24.17 -14.58
SE MSE A 69 14.88 -24.68 -16.47
CE MSE A 69 13.60 -23.46 -17.39
N ASP A 70 16.26 -19.50 -15.45
CA ASP A 70 15.97 -18.10 -15.67
C ASP A 70 15.87 -17.77 -17.17
N PRO A 71 14.68 -17.39 -17.64
CA PRO A 71 14.62 -17.03 -19.06
C PRO A 71 15.34 -15.68 -19.23
N PRO A 72 15.73 -15.35 -20.45
CA PRO A 72 16.61 -14.18 -20.67
C PRO A 72 16.15 -12.90 -19.97
N ASN A 73 14.85 -12.61 -20.02
CA ASN A 73 14.36 -11.30 -19.59
C ASN A 73 13.98 -11.23 -18.12
N VAL A 74 14.09 -12.35 -17.42
CA VAL A 74 13.73 -12.36 -16.00
C VAL A 74 14.91 -12.85 -15.15
N GLY A 75 15.88 -11.97 -14.90
CA GLY A 75 16.96 -12.26 -13.98
C GLY A 75 18.22 -12.97 -14.44
N ARG A 76 18.21 -13.50 -15.67
CA ARG A 76 19.28 -14.36 -16.16
C ARG A 76 20.56 -13.57 -16.27
N ASP A 77 21.65 -14.18 -15.81
CA ASP A 77 22.96 -13.54 -15.86
C ASP A 77 23.95 -14.58 -16.42
N VAL A 78 24.23 -14.46 -17.71
CA VAL A 78 25.13 -15.39 -18.39
C VAL A 78 26.55 -15.35 -17.83
N LEU A 79 27.11 -14.15 -17.68
CA LEU A 79 28.49 -14.03 -17.24
C LEU A 79 28.69 -14.56 -15.83
N LYS A 80 27.87 -14.12 -14.90
CA LYS A 80 28.07 -14.61 -13.54
C LYS A 80 27.79 -16.12 -13.42
N THR A 81 26.77 -16.62 -14.13
CA THR A 81 26.47 -18.07 -14.06
C THR A 81 27.63 -18.88 -14.64
N LEU A 82 28.24 -18.36 -15.70
CA LEU A 82 29.44 -18.99 -16.25
C LEU A 82 30.55 -19.05 -15.22
N GLU A 83 30.74 -17.99 -14.42
CA GLU A 83 31.79 -18.02 -13.37
C GLU A 83 31.50 -19.16 -12.40
N ILE A 84 30.24 -19.35 -12.05
CA ILE A 84 29.87 -20.42 -11.14
C ILE A 84 30.17 -21.79 -11.80
N ALA A 85 29.78 -21.96 -13.07
CA ALA A 85 30.00 -23.23 -13.75
C ALA A 85 31.50 -23.60 -13.80
N ASN A 86 32.33 -22.62 -14.17
CA ASN A 86 33.77 -22.84 -14.29
C ASN A 86 34.41 -23.15 -12.96
N ALA A 87 33.88 -22.54 -11.90
CA ALA A 87 34.41 -22.77 -10.55
C ALA A 87 34.13 -24.21 -10.08
N VAL A 88 33.10 -24.85 -10.63
CA VAL A 88 32.83 -26.19 -10.17
C VAL A 88 33.05 -27.30 -11.20
N LYS A 89 33.51 -26.96 -12.41
CA LYS A 89 33.65 -28.00 -13.42
C LYS A 89 34.61 -29.13 -13.00
N ASN A 90 35.70 -28.78 -12.32
CA ASN A 90 36.67 -29.80 -11.90
C ASN A 90 36.19 -30.73 -10.79
N LEU A 91 35.13 -30.29 -10.09
CA LEU A 91 34.48 -31.08 -9.05
C LEU A 91 33.33 -31.90 -9.63
N GLY A 92 33.19 -31.88 -10.95
CA GLY A 92 32.14 -32.65 -11.59
C GLY A 92 30.78 -31.96 -11.69
N GLY A 93 30.72 -30.66 -11.38
CA GLY A 93 29.47 -29.92 -11.42
C GLY A 93 29.11 -29.50 -12.85
N ASN A 94 27.83 -29.55 -13.20
CA ASN A 94 27.36 -29.05 -14.51
C ASN A 94 26.25 -28.03 -14.34
N VAL A 95 26.23 -27.03 -15.23
CA VAL A 95 25.14 -26.07 -15.29
C VAL A 95 24.44 -26.05 -16.65
N ILE A 96 23.12 -26.10 -16.63
CA ILE A 96 22.34 -26.00 -17.84
C ILE A 96 21.52 -24.74 -17.72
N MSE A 97 21.61 -23.85 -18.71
CA MSE A 97 20.89 -22.60 -18.62
C MSE A 97 19.71 -22.59 -19.59
O MSE A 97 19.66 -23.44 -20.48
CB MSE A 97 21.83 -21.41 -18.86
CG MSE A 97 22.77 -21.18 -17.67
SE MSE A 97 23.83 -19.54 -18.07
CE MSE A 97 22.52 -18.15 -17.56
N SER A 98 18.82 -21.59 -19.46
CA SER A 98 17.57 -21.63 -20.19
C SER A 98 17.39 -20.51 -21.17
N THR A 99 16.69 -20.79 -22.26
CA THR A 99 16.15 -19.68 -23.05
C THR A 99 14.62 -19.56 -22.85
N GLY A 100 13.93 -18.81 -23.68
CA GLY A 100 12.50 -18.69 -23.54
C GLY A 100 11.93 -17.59 -22.65
N PHE A 101 10.79 -17.87 -22.01
CA PHE A 101 9.97 -16.86 -21.38
C PHE A 101 9.40 -17.28 -20.04
N HIS A 102 9.18 -16.31 -19.16
CA HIS A 102 8.44 -16.54 -17.92
C HIS A 102 6.93 -16.35 -18.17
N LYS A 103 6.13 -16.34 -17.12
CA LYS A 103 4.70 -16.08 -17.26
C LYS A 103 4.48 -14.64 -17.70
N ALA A 104 3.30 -14.40 -18.26
CA ALA A 104 2.94 -13.13 -18.89
C ALA A 104 3.04 -11.92 -17.95
N LYS A 105 2.80 -12.16 -16.66
CA LYS A 105 2.85 -11.10 -15.67
C LYS A 105 4.17 -10.35 -15.72
N PHE A 106 5.23 -11.04 -16.12
CA PHE A 106 6.58 -10.45 -16.16
C PHE A 106 6.94 -9.78 -17.49
N TYR A 107 5.96 -9.62 -18.38
CA TYR A 107 6.17 -8.93 -19.65
C TYR A 107 5.09 -7.89 -19.91
N ASP A 108 5.48 -6.67 -20.24
CA ASP A 108 4.50 -5.66 -20.60
C ASP A 108 3.55 -6.15 -21.70
N LYS A 109 2.27 -6.27 -21.43
CA LYS A 109 1.35 -6.86 -22.41
C LYS A 109 1.10 -6.00 -23.61
N TYR A 110 1.48 -4.74 -23.56
CA TYR A 110 1.22 -3.86 -24.67
C TYR A 110 2.39 -3.78 -25.64
N SER A 111 3.59 -3.73 -25.10
CA SER A 111 4.75 -3.29 -25.89
C SER A 111 5.99 -4.19 -25.78
N SER A 112 5.95 -5.21 -24.93
CA SER A 112 7.07 -6.12 -24.78
C SER A 112 7.29 -6.89 -26.10
N TRP A 113 8.50 -7.42 -26.32
CA TRP A 113 8.75 -8.15 -27.57
C TRP A 113 7.93 -9.45 -27.65
N LEU A 114 7.64 -10.05 -26.50
CA LEU A 114 6.75 -11.21 -26.48
C LEU A 114 5.39 -10.85 -27.07
N ALA A 115 4.89 -9.68 -26.72
CA ALA A 115 3.56 -9.27 -27.17
C ALA A 115 3.57 -8.92 -28.65
N VAL A 116 4.61 -8.22 -29.08
CA VAL A 116 4.62 -7.53 -30.36
C VAL A 116 5.30 -8.27 -31.51
N VAL A 117 6.34 -9.03 -31.20
CA VAL A 117 7.13 -9.69 -32.25
C VAL A 117 6.50 -11.00 -32.74
N PRO A 118 6.44 -11.20 -34.07
CA PRO A 118 5.84 -12.40 -34.64
C PRO A 118 6.50 -13.65 -34.10
N THR A 119 5.68 -14.63 -33.73
CA THR A 119 6.17 -15.87 -33.16
C THR A 119 7.38 -16.42 -33.89
N GLU A 120 7.27 -16.51 -35.21
CA GLU A 120 8.34 -16.98 -36.08
C GLU A 120 9.70 -16.35 -35.76
N GLU A 121 9.74 -15.02 -35.58
CA GLU A 121 11.01 -14.34 -35.27
C GLU A 121 11.47 -14.64 -33.83
N ILE A 122 10.52 -14.76 -32.92
CA ILE A 122 10.87 -15.09 -31.55
C ILE A 122 11.50 -16.49 -31.51
N VAL A 123 10.92 -17.43 -32.26
CA VAL A 123 11.49 -18.77 -32.40
C VAL A 123 12.95 -18.73 -32.87
N LYS A 124 13.27 -17.94 -33.91
CA LYS A 124 14.65 -17.80 -34.36
C LYS A 124 15.58 -17.36 -33.25
N MSE A 125 15.16 -16.39 -32.48
CA MSE A 125 15.99 -15.88 -31.40
C MSE A 125 16.19 -16.95 -30.32
O MSE A 125 17.29 -17.05 -29.74
CB MSE A 125 15.37 -14.62 -30.80
CG MSE A 125 15.44 -13.44 -31.69
SE MSE A 125 17.28 -12.95 -32.23
CE MSE A 125 18.12 -12.46 -30.62
N CYS A 126 15.17 -17.74 -30.02
CA CYS A 126 15.35 -18.78 -28.99
C CYS A 126 16.21 -19.89 -29.54
N VAL A 127 15.94 -20.32 -30.77
CA VAL A 127 16.85 -21.25 -31.44
C VAL A 127 18.31 -20.80 -31.43
N ALA A 128 18.56 -19.52 -31.73
CA ALA A 128 19.92 -18.97 -31.71
C ALA A 128 20.57 -19.20 -30.35
N GLU A 129 19.80 -19.08 -29.27
CA GLU A 129 20.39 -19.26 -27.94
C GLU A 129 20.78 -20.71 -27.70
N ILE A 130 19.96 -21.64 -28.19
CA ILE A 130 20.24 -23.08 -28.08
C ILE A 130 21.42 -23.50 -29.00
N GLU A 131 21.49 -22.94 -30.22
CA GLU A 131 22.42 -23.43 -31.25
C GLU A 131 23.63 -22.53 -31.55
N GLU A 132 23.56 -21.24 -31.26
CA GLU A 132 24.72 -20.40 -31.49
C GLU A 132 25.36 -19.95 -30.18
N GLY A 133 24.55 -19.35 -29.31
CA GLY A 133 25.03 -18.89 -28.03
C GLY A 133 24.01 -17.96 -27.36
N MSE A 134 23.94 -18.01 -26.02
CA MSE A 134 23.11 -17.05 -25.31
C MSE A 134 23.59 -15.61 -25.47
O MSE A 134 24.79 -15.34 -25.42
CB MSE A 134 23.05 -17.41 -23.84
CG MSE A 134 22.21 -18.66 -23.62
SE MSE A 134 22.30 -19.21 -21.74
CE MSE A 134 24.19 -19.82 -21.78
N ASP A 135 22.65 -14.69 -25.63
CA ASP A 135 22.99 -13.26 -25.60
C ASP A 135 23.48 -12.88 -24.19
N GLU A 136 24.69 -12.36 -24.09
CA GLU A 136 25.20 -11.88 -22.80
C GLU A 136 24.37 -10.71 -22.30
N TYR A 137 23.66 -10.03 -23.21
CA TYR A 137 22.77 -8.91 -22.83
C TYR A 137 21.34 -9.38 -22.62
N ASN A 138 21.14 -10.71 -22.66
CA ASN A 138 19.87 -11.34 -22.27
C ASN A 138 18.63 -10.83 -22.97
N TYR A 139 18.80 -10.40 -24.21
CA TYR A 139 17.66 -10.07 -25.05
C TYR A 139 16.86 -8.90 -24.49
N ASN A 140 17.48 -8.04 -23.70
N ASN A 140 17.57 -8.04 -23.75
CA ASN A 140 16.74 -6.90 -23.16
CA ASN A 140 17.07 -6.80 -23.11
C ASN A 140 16.86 -5.63 -24.04
C ASN A 140 16.88 -5.62 -24.04
N GLY A 141 17.21 -5.78 -25.31
CA GLY A 141 17.26 -4.63 -26.22
C GLY A 141 17.77 -5.02 -27.60
N PRO A 142 18.01 -4.03 -28.48
CA PRO A 142 18.34 -4.35 -29.88
C PRO A 142 19.80 -4.73 -30.10
N VAL A 143 20.65 -4.62 -29.09
CA VAL A 143 22.05 -4.94 -29.25
C VAL A 143 22.26 -6.35 -28.70
N VAL A 144 22.82 -7.24 -29.51
CA VAL A 144 23.03 -8.63 -29.07
C VAL A 144 24.51 -8.95 -29.08
N LYS A 145 25.00 -9.59 -28.00
CA LYS A 145 26.41 -10.04 -27.98
C LYS A 145 26.45 -11.47 -27.46
N ARG A 146 26.66 -12.43 -28.36
CA ARG A 146 26.52 -13.86 -27.99
C ARG A 146 27.72 -14.44 -27.23
N SER A 147 27.43 -15.18 -26.16
CA SER A 147 28.39 -16.01 -25.45
C SER A 147 28.72 -17.23 -26.30
N LYS A 148 29.87 -17.86 -26.04
CA LYS A 148 30.10 -19.21 -26.59
C LYS A 148 29.23 -20.25 -25.85
N ALA A 149 28.78 -19.90 -24.65
CA ALA A 149 27.89 -20.79 -23.88
C ALA A 149 26.50 -20.78 -24.53
N LYS A 150 25.91 -21.96 -24.65
CA LYS A 150 24.58 -22.10 -25.22
C LYS A 150 23.61 -22.56 -24.16
N ALA A 151 22.36 -22.19 -24.34
CA ALA A 151 21.27 -22.71 -23.56
C ALA A 151 20.98 -24.17 -23.90
N GLY A 152 20.54 -24.92 -22.88
CA GLY A 152 20.21 -26.32 -23.05
C GLY A 152 18.79 -26.73 -22.68
N ILE A 153 17.89 -25.76 -22.53
CA ILE A 153 16.48 -26.01 -22.25
C ILE A 153 15.72 -24.72 -22.55
N ILE A 154 14.41 -24.80 -22.76
CA ILE A 154 13.64 -23.59 -22.99
C ILE A 154 12.47 -23.62 -22.04
N KCX A 155 12.13 -22.43 -21.57
CA KCX A 155 11.15 -22.23 -20.55
CB KCX A 155 11.73 -21.28 -19.50
CG KCX A 155 10.84 -21.10 -18.27
CD KCX A 155 11.36 -20.23 -17.13
CE KCX A 155 10.60 -20.39 -15.80
NZ KCX A 155 11.53 -20.38 -14.70
C KCX A 155 9.92 -21.52 -21.14
O KCX A 155 10.04 -20.75 -22.06
CX KCX A 155 10.87 -20.21 -13.42
OQ1 KCX A 155 9.79 -20.71 -13.28
OQ2 KCX A 155 11.69 -19.83 -12.31
N ALA A 156 8.76 -21.86 -20.58
CA ALA A 156 7.52 -21.09 -20.67
C ALA A 156 6.86 -21.01 -19.26
N GLY A 157 5.88 -20.12 -19.13
CA GLY A 157 5.18 -19.93 -17.87
C GLY A 157 3.70 -19.62 -18.04
N THR A 158 2.87 -20.13 -17.14
CA THR A 158 1.45 -19.85 -17.12
C THR A 158 1.07 -19.23 -15.80
N GLY A 159 0.00 -18.44 -15.81
CA GLY A 159 -0.38 -17.62 -14.68
C GLY A 159 -1.42 -18.35 -13.84
N TYR A 160 -1.94 -17.66 -12.80
CA TYR A 160 -2.82 -18.30 -11.84
C TYR A 160 -4.18 -18.59 -12.40
N GLY A 161 -4.49 -19.89 -12.51
CA GLY A 161 -5.80 -20.36 -12.93
C GLY A 161 -6.14 -19.92 -14.34
N ALA A 162 -5.13 -19.64 -15.16
CA ALA A 162 -5.42 -19.22 -16.53
C ALA A 162 -4.18 -19.25 -17.40
N ILE A 163 -4.39 -19.51 -18.69
CA ILE A 163 -3.32 -19.39 -19.66
C ILE A 163 -3.61 -18.19 -20.52
N ASP A 164 -2.78 -17.17 -20.35
CA ASP A 164 -2.94 -15.91 -21.04
C ASP A 164 -2.59 -16.10 -22.51
N ARG A 165 -3.21 -15.34 -23.38
CA ARG A 165 -2.88 -15.43 -24.79
C ARG A 165 -1.37 -15.39 -25.04
N LEU A 166 -0.65 -14.54 -24.30
CA LEU A 166 0.81 -14.40 -24.46
C LEU A 166 1.61 -15.62 -23.96
N GLU A 167 1.01 -16.33 -23.04
CA GLU A 167 1.57 -17.58 -22.55
C GLU A 167 1.34 -18.74 -23.54
N LEU A 168 0.21 -18.74 -24.24
CA LEU A 168 0.03 -19.75 -25.28
C LEU A 168 1.03 -19.46 -26.40
N LYS A 169 1.29 -18.19 -26.68
CA LYS A 169 2.34 -17.78 -27.63
C LYS A 169 3.71 -18.31 -27.18
N ALA A 170 4.01 -18.18 -25.89
CA ALA A 170 5.32 -18.62 -25.39
C ALA A 170 5.37 -20.16 -25.40
N LEU A 171 4.23 -20.81 -25.19
CA LEU A 171 4.20 -22.27 -25.28
C LEU A 171 4.48 -22.73 -26.70
N GLU A 172 3.94 -22.02 -27.68
CA GLU A 172 4.17 -22.34 -29.08
C GLU A 172 5.66 -22.09 -29.37
N VAL A 173 6.19 -21.01 -28.84
CA VAL A 173 7.60 -20.73 -29.05
C VAL A 173 8.44 -21.88 -28.47
N ALA A 174 8.07 -22.35 -27.28
CA ALA A 174 8.83 -23.44 -26.65
C ALA A 174 8.73 -24.72 -27.48
N ALA A 175 7.51 -25.08 -27.88
CA ALA A 175 7.30 -26.30 -28.66
C ALA A 175 8.08 -26.25 -29.97
N ARG A 176 8.04 -25.11 -30.64
CA ARG A 176 8.72 -24.99 -31.95
C ARG A 176 10.26 -25.05 -31.84
N THR A 177 10.79 -24.39 -30.84
CA THR A 177 12.23 -24.41 -30.56
C THR A 177 12.66 -25.82 -30.18
N SER A 178 11.83 -26.49 -29.39
CA SER A 178 12.17 -27.84 -28.93
C SER A 178 12.14 -28.81 -30.16
N ILE A 179 11.10 -28.71 -30.95
CA ILE A 179 11.01 -29.53 -32.15
C ILE A 179 12.19 -29.28 -33.08
N LEU A 180 12.51 -28.01 -33.30
CA LEU A 180 13.57 -27.66 -34.23
C LEU A 180 14.98 -28.03 -33.76
N THR A 181 15.24 -27.92 -32.45
CA THR A 181 16.61 -28.09 -31.91
C THR A 181 16.79 -29.40 -31.17
N GLY A 182 15.67 -30.02 -30.79
CA GLY A 182 15.67 -31.20 -29.96
C GLY A 182 15.73 -30.91 -28.47
N CYS A 183 15.73 -29.62 -28.09
CA CYS A 183 15.96 -29.28 -26.66
C CYS A 183 14.78 -29.62 -25.70
N PRO A 184 15.09 -29.86 -24.42
CA PRO A 184 14.04 -30.03 -23.42
C PRO A 184 13.28 -28.72 -23.16
N ILE A 185 12.16 -28.88 -22.45
CA ILE A 185 11.22 -27.81 -22.15
C ILE A 185 10.95 -27.94 -20.66
N LEU A 186 10.95 -26.81 -19.94
CA LEU A 186 10.34 -26.82 -18.61
C LEU A 186 9.35 -25.66 -18.48
N VAL A 187 8.14 -25.97 -18.01
CA VAL A 187 7.12 -24.94 -17.82
C VAL A 187 6.79 -24.65 -16.34
N HIS A 188 6.85 -23.36 -15.96
CA HIS A 188 6.41 -22.85 -14.65
C HIS A 188 4.88 -22.78 -14.66
N THR A 189 4.20 -23.50 -13.77
CA THR A 189 2.76 -23.24 -13.58
C THR A 189 2.62 -22.42 -12.31
N GLN A 190 1.54 -21.64 -12.19
CA GLN A 190 1.39 -20.76 -11.05
C GLN A 190 0.48 -21.48 -10.03
N LEU A 191 1.02 -21.83 -8.86
CA LEU A 191 0.27 -22.64 -7.88
C LEU A 191 -0.17 -23.99 -8.45
N GLY A 192 0.50 -24.44 -9.50
CA GLY A 192 0.31 -25.78 -10.05
C GLY A 192 -1.02 -25.89 -10.80
N THR A 193 -1.55 -24.74 -11.25
CA THR A 193 -2.75 -24.70 -12.06
C THR A 193 -2.48 -24.81 -13.58
N MSE A 194 -3.47 -25.31 -14.29
CA MSE A 194 -3.45 -25.44 -15.76
C MSE A 194 -2.37 -26.39 -16.27
O MSE A 194 -2.01 -26.36 -17.46
CB MSE A 194 -3.24 -24.07 -16.41
CG MSE A 194 -4.17 -23.00 -15.88
SE MSE A 194 -6.05 -23.47 -16.24
CE MSE A 194 -6.10 -23.25 -18.23
N ALA A 195 -1.86 -27.24 -15.39
CA ALA A 195 -0.74 -28.10 -15.77
C ALA A 195 -1.15 -29.07 -16.89
N LEU A 196 -2.35 -29.64 -16.77
CA LEU A 196 -2.86 -30.57 -17.76
C LEU A 196 -2.87 -29.86 -19.13
N GLU A 197 -3.34 -28.62 -19.13
CA GLU A 197 -3.56 -27.89 -20.35
C GLU A 197 -2.22 -27.45 -20.98
N VAL A 198 -1.27 -27.01 -20.16
CA VAL A 198 0.08 -26.77 -20.65
C VAL A 198 0.61 -28.01 -21.40
N ALA A 199 0.51 -29.16 -20.75
CA ALA A 199 0.90 -30.45 -21.35
C ALA A 199 0.23 -30.70 -22.69
N LYS A 200 -1.09 -30.62 -22.75
CA LYS A 200 -1.80 -30.89 -24.00
C LYS A 200 -1.45 -29.91 -25.09
N HIS A 201 -1.25 -28.65 -24.72
CA HIS A 201 -0.96 -27.66 -25.73
C HIS A 201 0.39 -27.97 -26.36
N LEU A 202 1.42 -28.16 -25.55
CA LEU A 202 2.76 -28.39 -26.07
C LEU A 202 2.75 -29.57 -27.02
N ILE A 203 2.10 -30.65 -26.58
CA ILE A 203 1.99 -31.85 -27.36
C ILE A 203 1.16 -31.59 -28.59
N GLY A 204 0.13 -30.75 -28.46
CA GLY A 204 -0.65 -30.36 -29.61
C GLY A 204 0.15 -29.60 -30.66
N PHE A 205 1.15 -28.83 -30.25
CA PHE A 205 2.00 -28.17 -31.22
C PHE A 205 2.96 -29.16 -31.88
N GLY A 206 3.10 -30.34 -31.30
CA GLY A 206 4.00 -31.33 -31.85
C GLY A 206 5.20 -31.61 -30.95
N ALA A 207 5.26 -31.01 -29.77
CA ALA A 207 6.39 -31.29 -28.87
C ALA A 207 6.35 -32.73 -28.40
N ASN A 208 7.53 -33.32 -28.16
CA ASN A 208 7.64 -34.65 -27.58
C ASN A 208 7.37 -34.64 -26.07
N PRO A 209 6.32 -35.35 -25.61
CA PRO A 209 6.03 -35.42 -24.17
C PRO A 209 7.29 -35.81 -23.39
N ASP A 210 8.18 -36.55 -24.01
CA ASP A 210 9.36 -37.01 -23.32
C ASP A 210 10.37 -35.93 -22.97
N LYS A 211 10.21 -34.76 -23.58
CA LYS A 211 11.12 -33.62 -23.38
C LYS A 211 10.55 -32.56 -22.42
N ILE A 212 9.38 -32.84 -21.87
CA ILE A 212 8.62 -31.83 -21.15
C ILE A 212 8.61 -32.06 -19.65
N GLN A 213 9.10 -31.05 -18.93
CA GLN A 213 8.84 -30.98 -17.49
C GLN A 213 7.87 -29.85 -17.14
N ILE A 214 7.01 -30.14 -16.16
CA ILE A 214 6.11 -29.12 -15.65
C ILE A 214 6.39 -28.87 -14.17
N SER A 215 6.74 -27.63 -13.82
CA SER A 215 7.18 -27.30 -12.46
C SER A 215 6.02 -26.80 -11.57
N HIS A 216 6.25 -26.88 -10.25
CA HIS A 216 5.38 -26.33 -9.19
C HIS A 216 4.05 -27.03 -8.90
N LEU A 217 3.90 -28.27 -9.34
CA LEU A 217 2.65 -28.95 -9.05
C LEU A 217 2.55 -29.15 -7.54
N ASN A 218 3.68 -29.09 -6.84
CA ASN A 218 3.68 -29.20 -5.37
C ASN A 218 2.78 -28.14 -4.68
N LYS A 219 2.49 -27.05 -5.39
CA LYS A 219 1.58 -26.01 -4.87
C LYS A 219 0.07 -26.26 -5.15
N ASN A 220 -0.24 -27.37 -5.79
CA ASN A 220 -1.61 -27.81 -6.00
C ASN A 220 -1.59 -29.29 -5.60
N PRO A 221 -1.62 -29.57 -4.29
CA PRO A 221 -1.34 -30.91 -3.70
C PRO A 221 -2.51 -31.89 -3.93
N ASP A 222 -2.72 -32.26 -5.18
CA ASP A 222 -3.90 -33.02 -5.53
C ASP A 222 -3.36 -34.29 -6.22
N LYS A 223 -3.29 -35.39 -5.49
CA LYS A 223 -2.64 -36.59 -6.01
C LYS A 223 -3.34 -37.14 -7.26
N TYR A 224 -4.64 -36.89 -7.36
CA TYR A 224 -5.46 -37.38 -8.47
C TYR A 224 -5.11 -36.60 -9.72
N TYR A 225 -4.98 -35.30 -9.56
CA TYR A 225 -4.57 -34.41 -10.64
C TYR A 225 -3.17 -34.79 -11.13
N TYR A 226 -2.24 -35.07 -10.21
CA TYR A 226 -0.86 -35.41 -10.58
C TYR A 226 -0.91 -36.62 -11.49
N GLU A 227 -1.68 -37.60 -11.04
CA GLU A 227 -1.78 -38.86 -11.69
C GLU A 227 -2.42 -38.71 -13.09
N LYS A 228 -3.49 -37.89 -13.14
CA LYS A 228 -4.21 -37.59 -14.37
C LYS A 228 -3.27 -37.00 -15.43
N VAL A 229 -2.48 -36.03 -14.99
CA VAL A 229 -1.60 -35.31 -15.92
C VAL A 229 -0.58 -36.27 -16.50
N ILE A 230 0.10 -37.00 -15.64
CA ILE A 230 1.09 -37.97 -16.09
C ILE A 230 0.49 -39.01 -17.04
N LYS A 231 -0.62 -39.62 -16.61
CA LYS A 231 -1.22 -40.69 -17.36
C LYS A 231 -1.87 -40.23 -18.68
N GLU A 232 -2.43 -39.03 -18.74
CA GLU A 232 -3.05 -38.56 -19.98
C GLU A 232 -2.04 -37.98 -20.97
N THR A 233 -0.88 -37.54 -20.49
CA THR A 233 0.05 -36.82 -21.37
C THR A 233 1.46 -37.37 -21.44
N GLY A 234 1.90 -38.02 -20.37
CA GLY A 234 3.20 -38.66 -20.35
C GLY A 234 4.32 -37.68 -20.02
N VAL A 235 3.97 -36.48 -19.59
CA VAL A 235 4.99 -35.48 -19.25
C VAL A 235 5.57 -35.83 -17.89
N THR A 236 6.55 -35.05 -17.45
CA THR A 236 7.23 -35.27 -16.16
C THR A 236 6.92 -34.06 -15.26
N LEU A 237 6.58 -34.35 -14.02
CA LEU A 237 6.31 -33.32 -13.01
C LEU A 237 7.63 -33.02 -12.29
N CYS A 238 8.10 -31.79 -12.37
CA CYS A 238 9.27 -31.34 -11.60
C CYS A 238 8.80 -30.71 -10.31
N PHE A 239 8.94 -31.41 -9.19
CA PHE A 239 8.50 -30.83 -7.93
C PHE A 239 9.57 -29.99 -7.29
N ASP A 240 9.18 -28.82 -6.79
CA ASP A 240 9.96 -28.25 -5.69
C ASP A 240 9.06 -28.37 -4.45
N GLY A 241 9.30 -27.56 -3.40
CA GLY A 241 8.49 -27.63 -2.19
C GLY A 241 9.17 -27.94 -0.86
N PRO A 242 10.29 -28.67 -0.90
CA PRO A 242 10.99 -28.85 0.38
C PRO A 242 11.32 -27.49 1.05
N ASP A 243 11.09 -27.39 2.36
CA ASP A 243 11.29 -26.15 3.13
C ASP A 243 10.59 -24.93 2.54
N ARG A 244 9.32 -25.11 2.23
CA ARG A 244 8.48 -24.00 1.80
C ARG A 244 7.19 -24.06 2.64
N VAL A 245 7.31 -23.88 3.95
CA VAL A 245 6.21 -24.13 4.89
C VAL A 245 5.03 -23.17 4.73
N LYS A 246 5.31 -21.95 4.29
CA LYS A 246 4.20 -21.01 4.06
C LYS A 246 3.28 -21.52 2.96
N TYR A 247 3.70 -22.55 2.22
CA TYR A 247 2.80 -23.13 1.23
C TYR A 247 2.22 -24.44 1.75
N TYR A 248 3.09 -25.42 1.99
CA TYR A 248 2.68 -26.74 2.41
C TYR A 248 3.84 -27.44 3.12
N PRO A 249 3.50 -28.31 4.08
CA PRO A 249 4.56 -28.98 4.82
C PRO A 249 5.28 -30.03 3.92
N ASP A 250 6.58 -30.25 4.14
CA ASP A 250 7.31 -31.31 3.42
C ASP A 250 6.51 -32.63 3.37
N SER A 251 5.82 -32.95 4.47
CA SER A 251 5.19 -34.28 4.57
C SER A 251 4.18 -34.46 3.46
N LEU A 252 3.56 -33.37 3.04
CA LEU A 252 2.48 -33.51 2.08
C LEU A 252 3.05 -33.91 0.71
N LEU A 253 4.10 -33.22 0.29
CA LEU A 253 4.80 -33.56 -0.94
C LEU A 253 5.36 -35.02 -0.89
N ALA A 254 5.96 -35.39 0.23
CA ALA A 254 6.44 -36.76 0.41
C ALA A 254 5.33 -37.79 0.18
N GLU A 255 4.21 -37.64 0.87
CA GLU A 255 3.14 -38.61 0.69
C GLU A 255 2.53 -38.55 -0.72
N ASN A 256 2.48 -37.37 -1.34
CA ASN A 256 1.94 -37.35 -2.69
C ASN A 256 2.87 -38.06 -3.71
N ILE A 257 4.17 -37.92 -3.49
CA ILE A 257 5.16 -38.59 -4.33
C ILE A 257 5.06 -40.12 -4.13
N LYS A 258 4.90 -40.54 -2.89
CA LYS A 258 4.69 -41.95 -2.55
C LYS A 258 3.47 -42.53 -3.32
N TYR A 259 2.37 -41.79 -3.33
CA TYR A 259 1.19 -42.22 -4.06
C TYR A 259 1.54 -42.45 -5.54
N LEU A 260 2.22 -41.48 -6.14
CA LEU A 260 2.56 -41.57 -7.56
C LEU A 260 3.48 -42.77 -7.83
N VAL A 261 4.42 -43.01 -6.94
CA VAL A 261 5.33 -44.16 -7.10
C VAL A 261 4.54 -45.46 -6.99
N ASP A 262 3.66 -45.55 -5.99
CA ASP A 262 2.82 -46.75 -5.85
C ASP A 262 1.95 -47.01 -7.11
N LYS A 263 1.51 -45.94 -7.77
CA LYS A 263 0.72 -46.05 -8.98
C LYS A 263 1.59 -46.35 -10.19
N GLY A 264 2.90 -46.45 -9.98
CA GLY A 264 3.79 -46.92 -11.04
C GLY A 264 4.30 -45.79 -11.90
N LEU A 265 4.26 -44.59 -11.34
CA LEU A 265 4.60 -43.41 -12.12
C LEU A 265 5.98 -42.83 -11.77
N GLN A 266 6.84 -43.63 -11.13
CA GLN A 266 8.13 -43.09 -10.67
C GLN A 266 9.06 -42.55 -11.78
N LYS A 267 8.86 -42.97 -13.01
CA LYS A 267 9.68 -42.43 -14.10
C LYS A 267 9.26 -41.03 -14.56
N HIS A 268 8.19 -40.48 -13.98
CA HIS A 268 7.64 -39.19 -14.39
C HIS A 268 7.77 -38.08 -13.36
N ILE A 269 8.80 -38.18 -12.52
CA ILE A 269 8.99 -37.27 -11.41
C ILE A 269 10.43 -36.80 -11.36
N THR A 270 10.65 -35.49 -11.30
CA THR A 270 11.97 -35.03 -10.95
C THR A 270 11.85 -34.14 -9.71
N LEU A 271 13.00 -33.75 -9.16
CA LEU A 271 13.03 -32.95 -7.94
C LEU A 271 13.88 -31.69 -8.18
N SER A 272 13.74 -30.72 -7.28
CA SER A 272 14.34 -29.40 -7.41
C SER A 272 14.14 -28.69 -6.08
N LEU A 273 14.91 -27.65 -5.83
CA LEU A 273 14.69 -26.79 -4.65
C LEU A 273 14.00 -25.46 -5.09
N ASP A 274 14.18 -25.07 -6.35
CA ASP A 274 13.72 -23.78 -6.79
C ASP A 274 14.08 -22.72 -5.73
N ALA A 275 15.37 -22.62 -5.39
CA ALA A 275 15.82 -21.68 -4.36
C ALA A 275 16.01 -20.30 -4.97
N GLY A 276 14.88 -19.64 -5.27
CA GLY A 276 14.91 -18.42 -6.06
C GLY A 276 14.67 -17.15 -5.27
N ARG A 277 14.83 -17.23 -3.95
CA ARG A 277 14.88 -16.07 -3.08
C ARG A 277 16.16 -16.19 -2.26
N ILE A 278 16.68 -15.05 -1.82
CA ILE A 278 17.96 -15.03 -1.14
C ILE A 278 18.03 -15.88 0.15
N LEU A 279 16.91 -16.03 0.86
CA LEU A 279 16.89 -16.86 2.10
C LEU A 279 16.63 -18.36 1.88
N TYR A 280 16.63 -18.78 0.63
CA TYR A 280 16.39 -20.18 0.30
C TYR A 280 17.70 -20.93 0.03
N GLN A 281 18.84 -20.27 0.27
CA GLN A 281 20.12 -20.96 0.23
C GLN A 281 20.89 -20.67 1.51
N ARG A 282 21.65 -21.65 1.98
CA ARG A 282 22.37 -21.55 3.24
C ARG A 282 23.42 -20.43 3.18
N ASN A 283 24.27 -20.47 2.16
CA ASN A 283 25.37 -19.51 2.07
C ASN A 283 24.89 -18.09 1.79
N TYR A 284 23.94 -17.94 0.87
CA TYR A 284 23.22 -16.67 0.77
C TYR A 284 22.60 -16.20 2.10
N GLY A 285 21.96 -17.11 2.84
CA GLY A 285 21.45 -16.75 4.16
C GLY A 285 22.54 -16.12 5.05
N LEU A 286 23.72 -16.72 5.05
CA LEU A 286 24.79 -16.22 5.90
C LEU A 286 25.17 -14.78 5.55
N THR A 287 25.17 -14.45 4.26
CA THR A 287 25.45 -13.06 3.84
C THR A 287 24.42 -12.10 4.41
N LYS A 288 23.23 -12.62 4.73
CA LYS A 288 22.22 -11.77 5.30
C LYS A 288 22.18 -11.89 6.82
N GLY A 289 23.18 -12.55 7.42
CA GLY A 289 23.18 -12.67 8.87
C GLY A 289 22.19 -13.67 9.41
N LYS A 290 21.83 -14.69 8.63
CA LYS A 290 20.86 -15.68 9.09
C LYS A 290 21.25 -17.14 8.80
N GLN A 291 20.78 -18.03 9.69
CA GLN A 291 20.83 -19.47 9.46
C GLN A 291 19.58 -19.86 8.68
N THR A 292 19.77 -20.47 7.51
CA THR A 292 18.71 -20.88 6.59
C THR A 292 19.09 -22.22 6.00
N PHE A 293 18.14 -22.93 5.43
CA PHE A 293 18.47 -24.15 4.70
C PHE A 293 18.57 -23.84 3.23
N GLY A 294 19.31 -24.67 2.51
CA GLY A 294 19.45 -24.53 1.07
C GLY A 294 19.50 -25.88 0.35
N LEU A 295 20.41 -26.01 -0.61
CA LEU A 295 20.50 -27.20 -1.44
C LEU A 295 20.80 -28.47 -0.61
N ALA A 296 21.61 -28.38 0.45
CA ALA A 296 21.96 -29.58 1.20
C ALA A 296 20.74 -30.21 1.88
N TYR A 297 19.76 -29.37 2.19
CA TYR A 297 18.49 -29.81 2.79
C TYR A 297 17.84 -30.96 2.01
N LEU A 298 17.99 -30.93 0.68
CA LEU A 298 17.43 -31.98 -0.16
C LEU A 298 17.88 -33.35 0.36
N PHE A 299 19.19 -33.48 0.60
CA PHE A 299 19.84 -34.72 0.98
C PHE A 299 19.73 -34.98 2.48
N ASP A 300 19.93 -33.94 3.27
CA ASP A 300 19.97 -34.09 4.73
C ASP A 300 18.60 -34.36 5.36
N ARG A 301 17.53 -33.91 4.70
CA ARG A 301 16.20 -33.88 5.34
C ARG A 301 15.12 -34.42 4.41
N PHE A 302 15.06 -33.93 3.17
CA PHE A 302 13.91 -34.31 2.38
C PHE A 302 13.97 -35.75 1.83
N LEU A 303 15.12 -36.21 1.35
CA LEU A 303 15.18 -37.58 0.85
C LEU A 303 15.04 -38.59 2.01
N PRO A 304 15.68 -38.32 3.17
CA PRO A 304 15.35 -39.22 4.29
C PRO A 304 13.85 -39.25 4.56
N LEU A 305 13.15 -38.12 4.39
CA LEU A 305 11.70 -38.14 4.59
C LEU A 305 10.98 -39.00 3.55
N LEU A 306 11.40 -38.88 2.29
CA LEU A 306 10.90 -39.75 1.23
C LEU A 306 11.03 -41.25 1.61
N LYS A 307 12.22 -41.64 2.06
CA LYS A 307 12.40 -43.06 2.41
C LYS A 307 11.50 -43.38 3.57
N GLN A 308 11.38 -42.44 4.51
CA GLN A 308 10.54 -42.66 5.71
C GLN A 308 9.08 -42.97 5.39
N VAL A 309 8.50 -42.26 4.42
CA VAL A 309 7.10 -42.50 4.10
C VAL A 309 6.97 -43.71 3.16
N GLY A 310 8.09 -44.27 2.72
CA GLY A 310 8.02 -45.50 1.93
C GLY A 310 8.43 -45.46 0.47
N VAL A 311 9.13 -44.40 0.04
CA VAL A 311 9.63 -44.35 -1.32
C VAL A 311 10.93 -45.13 -1.34
N SER A 312 11.06 -46.03 -2.32
CA SER A 312 12.18 -46.94 -2.43
C SER A 312 13.44 -46.22 -2.89
N LYS A 313 14.59 -46.82 -2.64
CA LYS A 313 15.83 -46.23 -3.15
C LYS A 313 15.88 -46.20 -4.68
N GLU A 314 15.31 -47.21 -5.31
CA GLU A 314 15.24 -47.26 -6.76
C GLU A 314 14.45 -46.09 -7.33
N ALA A 315 13.26 -45.85 -6.79
CA ALA A 315 12.43 -44.73 -7.27
C ALA A 315 13.16 -43.41 -7.07
N ILE A 316 13.81 -43.27 -5.91
CA ILE A 316 14.62 -42.10 -5.64
C ILE A 316 15.71 -41.95 -6.71
N PHE A 317 16.33 -43.08 -7.08
CA PHE A 317 17.35 -43.08 -8.15
C PHE A 317 16.80 -42.59 -9.50
N ASP A 318 15.62 -43.10 -9.88
CA ASP A 318 14.95 -42.63 -11.07
C ASP A 318 14.70 -41.13 -10.96
N ILE A 319 14.17 -40.69 -9.83
CA ILE A 319 13.85 -39.28 -9.65
C ILE A 319 15.05 -38.33 -9.80
N LEU A 320 16.20 -38.70 -9.22
CA LEU A 320 17.37 -37.84 -9.20
C LEU A 320 18.28 -38.03 -10.43
N VAL A 321 18.31 -39.25 -10.98
CA VAL A 321 19.33 -39.61 -11.98
C VAL A 321 18.76 -40.07 -13.31
N ASN A 322 17.95 -41.11 -13.29
CA ASN A 322 17.36 -41.68 -14.51
C ASN A 322 16.35 -40.79 -15.26
N ASN A 323 15.44 -40.17 -14.52
CA ASN A 323 14.43 -39.33 -15.16
C ASN A 323 15.09 -38.09 -15.79
N PRO A 324 16.01 -37.43 -15.06
CA PRO A 324 16.64 -36.27 -15.72
C PRO A 324 17.52 -36.66 -16.92
N LYS A 325 18.12 -37.85 -16.87
CA LYS A 325 18.92 -38.36 -17.96
C LYS A 325 18.05 -38.49 -19.21
N ARG A 326 16.82 -38.91 -19.00
CA ARG A 326 15.80 -39.00 -20.04
C ARG A 326 15.30 -37.64 -20.51
N VAL A 327 14.78 -36.83 -19.58
CA VAL A 327 14.05 -35.63 -19.97
C VAL A 327 14.95 -34.47 -20.44
N LEU A 328 16.23 -34.49 -20.08
CA LEU A 328 17.16 -33.42 -20.44
C LEU A 328 17.99 -33.73 -21.69
N ALA A 329 17.88 -34.96 -22.21
CA ALA A 329 18.64 -35.36 -23.39
C ALA A 329 18.08 -34.67 -24.63
N PHE A 330 18.91 -34.15 -25.54
CA PHE A 330 18.34 -33.61 -26.77
C PHE A 330 17.69 -34.71 -27.62
N ASP A 331 16.57 -34.38 -28.27
CA ASP A 331 16.02 -35.26 -29.30
C ASP A 331 16.78 -34.97 -30.56
N GLU A 332 16.62 -35.84 -31.57
CA GLU A 332 17.04 -35.50 -32.91
C GLU A 332 16.15 -34.33 -33.37
N LYS A 333 16.75 -33.46 -34.18
CA LYS A 333 16.08 -32.33 -34.81
C LYS A 333 14.97 -32.76 -35.77
N ARG A 334 13.89 -31.98 -35.80
CA ARG A 334 12.78 -32.21 -36.71
C ARG A 334 12.46 -30.89 -37.36
N ASN A 335 11.74 -30.97 -38.47
CA ASN A 335 11.10 -29.81 -39.05
C ASN A 335 9.76 -29.59 -38.36
N PHE A 336 9.37 -28.34 -38.21
CA PHE A 336 8.11 -28.04 -37.58
C PHE A 336 7.01 -28.16 -38.63
N ASP A 337 6.01 -28.99 -38.38
CA ASP A 337 4.95 -29.19 -39.37
C ASP A 337 3.59 -28.63 -38.89
N PRO A 338 3.22 -27.44 -39.38
CA PRO A 338 1.92 -26.81 -39.03
C PRO A 338 0.73 -27.74 -39.15
N LEU A 339 0.74 -28.67 -40.11
CA LEU A 339 -0.43 -29.51 -40.33
C LEU A 339 -0.56 -30.55 -39.24
N LYS A 340 0.44 -30.66 -38.37
CA LYS A 340 0.32 -31.60 -37.26
C LYS A 340 -0.17 -30.89 -36.00
N VAL A 341 -0.43 -29.58 -36.09
CA VAL A 341 -0.94 -28.87 -34.92
C VAL A 341 -2.39 -29.31 -34.69
N SER A 342 -2.72 -29.65 -33.46
CA SER A 342 -4.03 -30.27 -33.15
C SER A 342 -5.18 -29.29 -33.31
N LYS A 343 -6.36 -29.80 -33.62
CA LYS A 343 -7.55 -28.95 -33.75
C LYS A 343 -7.78 -28.12 -32.49
N GLU A 344 -7.65 -28.78 -31.34
CA GLU A 344 -7.87 -28.14 -30.06
C GLU A 344 -7.01 -26.87 -29.89
N VAL A 345 -5.74 -26.96 -30.21
CA VAL A 345 -4.84 -25.82 -30.10
C VAL A 345 -5.16 -24.71 -31.13
N LEU A 346 -5.46 -25.09 -32.36
CA LEU A 346 -5.76 -24.10 -33.41
C LEU A 346 -7.03 -23.31 -33.07
N GLU A 347 -8.01 -24.01 -32.53
CA GLU A 347 -9.22 -23.32 -32.15
C GLU A 347 -9.00 -22.40 -30.93
N LEU A 348 -8.17 -22.81 -29.97
CA LEU A 348 -7.82 -21.94 -28.85
C LEU A 348 -7.07 -20.69 -29.34
N LYS A 349 -6.18 -20.84 -30.32
CA LYS A 349 -5.44 -19.70 -30.81
C LYS A 349 -6.41 -18.68 -31.42
N LYS A 350 -7.40 -19.20 -32.13
CA LYS A 350 -8.43 -18.37 -32.75
C LYS A 350 -9.22 -17.62 -31.66
N GLU A 351 -9.68 -18.36 -30.65
CA GLU A 351 -10.39 -17.78 -29.50
C GLU A 351 -9.60 -16.67 -28.77
N LEU A 352 -8.27 -16.83 -28.70
CA LEU A 352 -7.40 -15.89 -28.01
C LEU A 352 -6.75 -14.87 -28.98
N ASN A 353 -7.32 -14.72 -30.18
CA ASN A 353 -6.77 -13.80 -31.20
C ASN A 353 -5.24 -13.84 -31.42
N LEU A 354 -4.69 -15.02 -31.66
CA LEU A 354 -3.24 -15.12 -31.83
C LEU A 354 -2.79 -15.23 -33.31
N ASN A 355 -3.72 -15.52 -34.21
CA ASN A 355 -3.35 -15.61 -35.63
C ASN A 355 -2.56 -14.41 -36.13
N ASN B 5 -46.83 -30.18 -4.38
CA ASN B 5 -47.22 -28.94 -5.06
C ASN B 5 -46.30 -27.72 -4.79
N LYS B 6 -45.03 -27.99 -4.61
CA LYS B 6 -44.08 -26.96 -4.24
C LYS B 6 -43.56 -26.20 -5.45
N PHE B 7 -43.36 -24.90 -5.26
CA PHE B 7 -42.71 -24.05 -6.27
C PHE B 7 -41.38 -23.42 -5.80
N ALA B 8 -40.57 -23.01 -6.77
CA ALA B 8 -39.40 -22.17 -6.55
C ALA B 8 -39.69 -20.85 -7.27
N ARG B 9 -39.18 -19.74 -6.76
CA ARG B 9 -39.52 -18.45 -7.32
C ARG B 9 -38.39 -17.97 -8.23
N THR B 10 -38.56 -18.09 -9.55
CA THR B 10 -37.55 -17.62 -10.47
C THR B 10 -37.91 -16.22 -10.94
N VAL B 11 -36.97 -15.55 -11.59
CA VAL B 11 -37.15 -14.17 -12.04
C VAL B 11 -38.17 -14.11 -13.16
N LEU B 12 -38.46 -15.27 -13.73
CA LEU B 12 -39.46 -15.33 -14.78
C LEU B 12 -40.78 -15.91 -14.22
N GLY B 13 -40.84 -16.15 -12.91
CA GLY B 13 -42.11 -16.57 -12.32
C GLY B 13 -41.92 -17.84 -11.51
N ASP B 14 -42.99 -18.32 -10.88
CA ASP B 14 -42.91 -19.49 -10.02
C ASP B 14 -42.95 -20.73 -10.92
N ILE B 15 -42.14 -21.76 -10.62
CA ILE B 15 -42.10 -23.00 -11.39
C ILE B 15 -42.27 -24.15 -10.43
N PRO B 16 -42.88 -25.26 -10.88
CA PRO B 16 -42.87 -26.46 -10.04
C PRO B 16 -41.40 -26.82 -9.72
N VAL B 17 -41.12 -27.28 -8.50
CA VAL B 17 -39.73 -27.63 -8.18
C VAL B 17 -39.17 -28.76 -9.07
N GLU B 18 -40.04 -29.63 -9.59
CA GLU B 18 -39.65 -30.71 -10.50
C GLU B 18 -38.96 -30.16 -11.73
N LYS B 19 -39.16 -28.87 -12.02
CA LYS B 19 -38.54 -28.24 -13.18
C LYS B 19 -37.21 -27.53 -12.81
N LEU B 20 -36.81 -27.57 -11.54
CA LEU B 20 -35.45 -27.07 -11.21
C LEU B 20 -34.33 -27.83 -11.93
N GLY B 21 -34.42 -29.16 -11.96
CA GLY B 21 -33.40 -29.95 -12.63
C GLY B 21 -32.06 -29.79 -11.90
N ILE B 22 -30.95 -29.99 -12.62
CA ILE B 22 -29.62 -29.84 -12.04
C ILE B 22 -29.40 -28.34 -11.70
N THR B 23 -29.04 -28.07 -10.45
CA THR B 23 -29.04 -26.70 -9.93
C THR B 23 -27.70 -26.31 -9.32
N ASP B 24 -27.15 -25.23 -9.82
CA ASP B 24 -25.95 -24.58 -9.32
C ASP B 24 -26.45 -23.60 -8.25
N CYS B 25 -26.21 -23.91 -6.98
CA CYS B 25 -26.87 -23.19 -5.88
C CYS B 25 -26.24 -21.84 -5.46
N HIS B 26 -25.14 -21.40 -6.09
CA HIS B 26 -24.46 -20.15 -5.70
C HIS B 26 -23.52 -19.75 -6.81
N ASP B 27 -23.96 -18.81 -7.62
CA ASP B 27 -23.12 -18.38 -8.70
C ASP B 27 -23.44 -16.96 -9.09
N HIS B 28 -22.84 -16.49 -10.18
CA HIS B 28 -22.93 -15.10 -10.53
C HIS B 28 -22.77 -14.98 -12.01
N PHE B 29 -23.31 -13.92 -12.59
CA PHE B 29 -22.99 -13.56 -13.96
C PHE B 29 -22.68 -12.06 -13.99
N ILE B 30 -23.62 -11.26 -13.49
CA ILE B 30 -23.42 -9.82 -13.50
C ILE B 30 -23.13 -9.30 -12.10
N LYS B 31 -22.04 -8.56 -11.99
CA LYS B 31 -21.72 -7.83 -10.78
C LYS B 31 -21.42 -6.40 -11.19
N ASN B 32 -22.42 -5.55 -11.03
CA ASN B 32 -22.36 -4.17 -11.46
C ASN B 32 -21.95 -3.29 -10.31
N GLY B 33 -20.66 -3.03 -10.16
CA GLY B 33 -20.18 -2.11 -9.14
C GLY B 33 -20.39 -2.64 -7.74
N GLY B 34 -20.40 -1.74 -6.76
CA GLY B 34 -20.61 -2.16 -5.39
C GLY B 34 -19.28 -2.32 -4.70
N PRO B 35 -19.33 -2.58 -3.38
CA PRO B 35 -18.15 -2.60 -2.50
C PRO B 35 -17.13 -3.66 -2.90
N GLU B 36 -17.59 -4.79 -3.44
CA GLU B 36 -16.65 -5.83 -3.85
C GLU B 36 -15.71 -5.37 -4.93
N VAL B 37 -16.28 -4.67 -5.90
CA VAL B 37 -15.51 -4.17 -7.02
C VAL B 37 -14.46 -3.20 -6.50
N GLU B 38 -14.81 -2.49 -5.44
CA GLU B 38 -13.84 -1.64 -4.75
C GLU B 38 -12.61 -2.41 -4.29
N GLU B 39 -12.81 -3.68 -3.89
CA GLU B 39 -11.71 -4.56 -3.47
C GLU B 39 -10.76 -4.99 -4.58
N HIS B 40 -11.29 -5.31 -5.75
CA HIS B 40 -10.51 -5.78 -6.89
C HIS B 40 -11.29 -5.61 -8.21
N ILE B 41 -10.68 -5.00 -9.21
CA ILE B 41 -11.37 -4.77 -10.47
C ILE B 41 -11.97 -6.08 -11.01
N ASP B 42 -11.36 -7.21 -10.65
CA ASP B 42 -11.76 -8.55 -11.15
C ASP B 42 -13.22 -8.95 -10.78
N PHE B 43 -13.76 -8.33 -9.73
CA PHE B 43 -15.15 -8.57 -9.31
C PHE B 43 -16.15 -7.86 -10.21
N LEU B 44 -15.67 -6.99 -11.09
CA LEU B 44 -16.56 -6.23 -11.99
C LEU B 44 -16.88 -7.09 -13.21
N MSE B 45 -18.15 -7.40 -13.41
CA MSE B 45 -18.56 -8.40 -14.41
C MSE B 45 -19.82 -7.91 -15.09
O MSE B 45 -20.92 -7.96 -14.52
CB MSE B 45 -18.83 -9.77 -13.74
CG MSE B 45 -17.58 -10.41 -13.12
SE MSE B 45 -17.89 -12.04 -12.01
CE MSE B 45 -18.34 -13.33 -13.44
N LEU B 46 -19.68 -7.45 -16.33
CA LEU B 46 -20.71 -6.65 -16.92
C LEU B 46 -21.13 -7.15 -18.29
N ASN B 47 -20.77 -8.38 -18.63
CA ASN B 47 -20.94 -8.83 -20.00
C ASN B 47 -22.08 -9.84 -20.16
N VAL B 48 -23.22 -9.34 -20.61
CA VAL B 48 -24.37 -10.19 -20.84
C VAL B 48 -24.08 -11.33 -21.83
N ASP B 49 -23.47 -11.01 -22.96
CA ASP B 49 -23.15 -12.00 -23.98
C ASP B 49 -22.23 -13.08 -23.42
N ALA B 50 -21.14 -12.68 -22.78
CA ALA B 50 -20.28 -13.71 -22.20
C ALA B 50 -21.05 -14.59 -21.21
N SER B 51 -21.96 -13.99 -20.44
CA SER B 51 -22.69 -14.72 -19.40
C SER B 51 -23.66 -15.71 -20.04
N ILE B 52 -24.41 -15.25 -21.05
CA ILE B 52 -25.29 -16.15 -21.79
C ILE B 52 -24.57 -17.35 -22.42
N LYS B 53 -23.41 -17.10 -23.06
CA LYS B 53 -22.57 -18.19 -23.58
C LYS B 53 -22.17 -19.22 -22.50
N GLU B 54 -21.82 -18.75 -21.32
CA GLU B 54 -21.43 -19.62 -20.22
C GLU B 54 -22.64 -20.43 -19.75
N PHE B 55 -23.77 -19.75 -19.55
CA PHE B 55 -25.05 -20.41 -19.23
C PHE B 55 -25.38 -21.52 -20.25
N LYS B 56 -25.22 -21.23 -21.54
CA LYS B 56 -25.47 -22.24 -22.55
C LYS B 56 -24.54 -23.46 -22.41
N GLU B 57 -23.27 -23.26 -22.02
CA GLU B 57 -22.37 -24.39 -21.77
C GLU B 57 -22.86 -25.22 -20.57
N PHE B 58 -23.21 -24.54 -19.49
CA PHE B 58 -23.86 -25.19 -18.35
C PHE B 58 -25.08 -26.05 -18.75
N ILE B 59 -25.99 -25.49 -19.56
CA ILE B 59 -27.14 -26.24 -20.05
C ILE B 59 -26.71 -27.42 -20.92
N ASP B 60 -25.76 -27.16 -21.83
CA ASP B 60 -25.23 -28.20 -22.73
C ASP B 60 -24.74 -29.39 -21.92
N ARG B 61 -24.16 -29.16 -20.73
CA ARG B 61 -23.68 -30.27 -19.89
C ARG B 61 -24.80 -30.94 -19.10
N GLY B 62 -26.00 -30.37 -19.18
CA GLY B 62 -27.15 -30.93 -18.46
C GLY B 62 -27.70 -30.04 -17.34
N GLY B 63 -27.08 -28.88 -17.09
CA GLY B 63 -27.58 -27.99 -16.06
C GLY B 63 -28.92 -27.35 -16.46
N SER B 64 -29.72 -26.92 -15.49
CA SER B 64 -30.91 -26.12 -15.75
C SER B 64 -30.95 -24.84 -14.93
N THR B 65 -30.74 -24.91 -13.61
CA THR B 65 -30.99 -23.75 -12.77
C THR B 65 -29.70 -23.15 -12.16
N ILE B 66 -29.64 -21.83 -12.12
CA ILE B 66 -28.52 -21.11 -11.49
C ILE B 66 -29.07 -20.09 -10.52
N VAL B 67 -28.69 -20.23 -9.25
CA VAL B 67 -29.11 -19.26 -8.25
C VAL B 67 -28.03 -18.16 -8.18
N THR B 68 -28.37 -16.95 -8.61
CA THR B 68 -27.40 -15.85 -8.54
C THR B 68 -27.46 -15.13 -7.20
N MSE B 69 -26.40 -15.26 -6.40
CA MSE B 69 -26.42 -14.82 -5.00
C MSE B 69 -25.89 -13.40 -4.78
O MSE B 69 -24.98 -13.16 -4.00
CB MSE B 69 -25.69 -15.82 -4.09
CG MSE B 69 -26.40 -17.21 -3.98
SE MSE B 69 -28.29 -17.11 -3.34
CE MSE B 69 -28.06 -15.80 -1.88
N ASP B 70 -26.45 -12.43 -5.48
CA ASP B 70 -26.07 -11.04 -5.24
C ASP B 70 -27.16 -10.31 -4.48
N PRO B 71 -26.86 -9.87 -3.27
CA PRO B 71 -27.86 -9.09 -2.56
C PRO B 71 -27.92 -7.67 -3.19
N PRO B 72 -29.05 -6.95 -3.00
CA PRO B 72 -29.29 -5.69 -3.73
C PRO B 72 -28.06 -4.74 -3.70
N ASN B 73 -27.49 -4.50 -2.53
CA ASN B 73 -26.42 -3.48 -2.37
C ASN B 73 -25.00 -3.91 -2.76
N VAL B 74 -24.81 -5.18 -3.09
CA VAL B 74 -23.51 -5.68 -3.50
C VAL B 74 -23.54 -6.36 -4.87
N GLY B 75 -23.41 -5.55 -5.92
CA GLY B 75 -23.22 -6.06 -7.27
C GLY B 75 -24.49 -6.36 -8.06
N ARG B 76 -25.62 -6.55 -7.38
CA ARG B 76 -26.81 -7.06 -8.05
C ARG B 76 -27.26 -6.20 -9.21
N ASP B 77 -27.64 -6.85 -10.30
CA ASP B 77 -28.16 -6.11 -11.46
C ASP B 77 -29.41 -6.77 -12.04
N VAL B 78 -30.57 -6.24 -11.72
CA VAL B 78 -31.84 -6.85 -12.13
C VAL B 78 -32.00 -6.86 -13.66
N LEU B 79 -31.82 -5.68 -14.27
CA LEU B 79 -32.01 -5.55 -15.71
C LEU B 79 -31.15 -6.52 -16.51
N LYS B 80 -29.84 -6.54 -16.28
CA LYS B 80 -29.00 -7.40 -17.08
C LYS B 80 -29.21 -8.87 -16.75
N THR B 81 -29.43 -9.22 -15.48
CA THR B 81 -29.68 -10.63 -15.18
C THR B 81 -30.94 -11.13 -15.85
N LEU B 82 -31.95 -10.25 -15.97
CA LEU B 82 -33.15 -10.63 -16.69
C LEU B 82 -32.88 -10.89 -18.16
N GLU B 83 -31.96 -10.13 -18.73
CA GLU B 83 -31.60 -10.35 -20.13
C GLU B 83 -31.04 -11.74 -20.28
N ILE B 84 -30.18 -12.12 -19.35
CA ILE B 84 -29.62 -13.46 -19.37
C ILE B 84 -30.71 -14.52 -19.27
N ALA B 85 -31.58 -14.40 -18.27
CA ALA B 85 -32.66 -15.37 -18.02
C ALA B 85 -33.57 -15.54 -19.24
N ASN B 86 -33.89 -14.43 -19.89
CA ASN B 86 -34.80 -14.46 -21.04
C ASN B 86 -34.16 -15.15 -22.22
N ALA B 87 -32.85 -14.96 -22.39
CA ALA B 87 -32.06 -15.61 -23.45
C ALA B 87 -31.96 -17.14 -23.34
N VAL B 88 -32.07 -17.68 -22.14
CA VAL B 88 -31.96 -19.13 -22.02
C VAL B 88 -33.27 -19.83 -21.61
N LYS B 89 -34.34 -19.05 -21.48
CA LYS B 89 -35.58 -19.67 -20.96
C LYS B 89 -36.11 -20.78 -21.86
N ASN B 90 -35.95 -20.60 -23.17
CA ASN B 90 -36.43 -21.56 -24.13
C ASN B 90 -35.53 -22.75 -24.21
N LEU B 91 -34.30 -22.59 -23.71
CA LEU B 91 -33.38 -23.71 -23.56
C LEU B 91 -33.53 -24.47 -22.24
N GLY B 92 -34.53 -24.13 -21.43
CA GLY B 92 -34.71 -24.82 -20.17
C GLY B 92 -34.03 -24.15 -18.98
N GLY B 93 -33.28 -23.08 -19.24
CA GLY B 93 -32.61 -22.35 -18.16
C GLY B 93 -33.53 -21.64 -17.17
N ASN B 94 -33.15 -21.68 -15.90
CA ASN B 94 -33.86 -20.94 -14.84
C ASN B 94 -32.86 -20.08 -14.07
N VAL B 95 -33.24 -18.84 -13.77
CA VAL B 95 -32.48 -18.00 -12.87
C VAL B 95 -33.30 -17.66 -11.60
N ILE B 96 -32.70 -17.86 -10.44
CA ILE B 96 -33.27 -17.38 -9.19
C ILE B 96 -32.38 -16.24 -8.65
N MSE B 97 -32.98 -15.06 -8.38
CA MSE B 97 -32.26 -13.96 -7.73
C MSE B 97 -32.52 -13.81 -6.24
O MSE B 97 -33.45 -14.40 -5.71
CB MSE B 97 -32.52 -12.63 -8.46
CG MSE B 97 -31.91 -12.70 -9.85
SE MSE B 97 -32.20 -11.03 -10.83
CE MSE B 97 -30.70 -9.95 -10.13
N SER B 98 -31.69 -13.01 -5.58
CA SER B 98 -31.68 -12.87 -4.12
C SER B 98 -32.03 -11.49 -3.61
N THR B 99 -32.67 -11.43 -2.45
CA THR B 99 -32.74 -10.17 -1.71
C THR B 99 -31.83 -10.25 -0.46
N GLY B 100 -31.94 -9.33 0.49
CA GLY B 100 -31.18 -9.51 1.70
C GLY B 100 -29.80 -8.85 1.65
N PHE B 101 -28.83 -9.45 2.32
CA PHE B 101 -27.59 -8.75 2.64
C PHE B 101 -26.35 -9.58 2.57
N HIS B 102 -25.24 -8.89 2.36
CA HIS B 102 -23.92 -9.52 2.38
C HIS B 102 -23.32 -9.34 3.76
N LYS B 103 -22.06 -9.74 3.93
CA LYS B 103 -21.39 -9.59 5.21
C LYS B 103 -21.20 -8.10 5.57
N ALA B 104 -21.11 -7.82 6.87
CA ALA B 104 -21.01 -6.45 7.40
C ALA B 104 -19.95 -5.58 6.76
N LYS B 105 -18.83 -6.19 6.38
CA LYS B 105 -17.69 -5.45 5.84
C LYS B 105 -18.12 -4.64 4.62
N PHE B 106 -19.17 -5.12 3.94
CA PHE B 106 -19.67 -4.46 2.73
C PHE B 106 -20.70 -3.36 2.95
N TYR B 107 -20.92 -2.98 4.22
CA TYR B 107 -21.87 -1.90 4.55
C TYR B 107 -21.26 -0.92 5.55
N ASP B 108 -21.54 0.37 5.39
CA ASP B 108 -21.00 1.35 6.33
C ASP B 108 -21.55 1.11 7.75
N LYS B 109 -20.68 0.81 8.71
CA LYS B 109 -21.19 0.48 10.04
C LYS B 109 -21.85 1.66 10.74
N TYR B 110 -21.62 2.88 10.27
CA TYR B 110 -22.21 4.04 10.93
C TYR B 110 -23.51 4.49 10.30
N SER B 111 -23.58 4.51 8.97
CA SER B 111 -24.65 5.23 8.31
C SER B 111 -25.41 4.43 7.25
N SER B 112 -25.05 3.15 7.04
CA SER B 112 -25.70 2.33 6.03
C SER B 112 -27.12 2.03 6.50
N TRP B 113 -28.02 1.65 5.58
CA TRP B 113 -29.39 1.42 6.02
C TRP B 113 -29.48 0.16 6.90
N LEU B 114 -28.62 -0.82 6.66
CA LEU B 114 -28.53 -1.99 7.52
C LEU B 114 -28.26 -1.54 8.95
N ALA B 115 -27.37 -0.58 9.12
CA ALA B 115 -26.99 -0.15 10.47
C ALA B 115 -28.15 0.64 11.11
N VAL B 116 -28.74 1.56 10.37
CA VAL B 116 -29.60 2.58 10.96
C VAL B 116 -31.11 2.29 10.90
N VAL B 117 -31.57 1.56 9.90
CA VAL B 117 -33.03 1.38 9.72
C VAL B 117 -33.53 0.24 10.62
N PRO B 118 -34.64 0.47 11.32
CA PRO B 118 -35.20 -0.55 12.20
C PRO B 118 -35.41 -1.87 11.48
N THR B 119 -35.05 -2.98 12.14
CA THR B 119 -35.20 -4.33 11.60
C THR B 119 -36.55 -4.58 10.92
N GLU B 120 -37.65 -4.21 11.57
CA GLU B 120 -38.99 -4.44 11.01
C GLU B 120 -39.14 -3.82 9.63
N GLU B 121 -38.52 -2.64 9.46
CA GLU B 121 -38.69 -1.93 8.19
C GLU B 121 -37.88 -2.57 7.09
N ILE B 122 -36.72 -3.07 7.46
CA ILE B 122 -35.87 -3.76 6.52
C ILE B 122 -36.58 -5.04 6.06
N VAL B 123 -37.18 -5.73 7.03
CA VAL B 123 -37.91 -6.95 6.70
C VAL B 123 -38.98 -6.65 5.63
N LYS B 124 -39.71 -5.54 5.80
CA LYS B 124 -40.74 -5.14 4.83
C LYS B 124 -40.14 -4.97 3.48
N MSE B 125 -38.97 -4.34 3.42
CA MSE B 125 -38.32 -4.12 2.13
C MSE B 125 -37.89 -5.44 1.47
O MSE B 125 -37.97 -5.60 0.26
CB MSE B 125 -37.13 -3.18 2.25
CG MSE B 125 -37.49 -1.67 2.51
SE MSE B 125 -38.73 -0.96 1.09
CE MSE B 125 -37.62 -0.53 -0.38
N CYS B 126 -37.39 -6.38 2.27
CA CYS B 126 -36.98 -7.68 1.70
C CYS B 126 -38.20 -8.55 1.31
N VAL B 127 -39.26 -8.50 2.12
CA VAL B 127 -40.51 -9.23 1.79
C VAL B 127 -41.04 -8.71 0.47
N ALA B 128 -40.97 -7.38 0.27
CA ALA B 128 -41.42 -6.74 -0.98
C ALA B 128 -40.67 -7.22 -2.23
N GLU B 129 -39.37 -7.46 -2.13
CA GLU B 129 -38.63 -8.01 -3.27
C GLU B 129 -39.04 -9.43 -3.54
N ILE B 130 -39.37 -10.19 -2.49
CA ILE B 130 -39.85 -11.55 -2.67
C ILE B 130 -41.29 -11.57 -3.24
N GLU B 131 -42.13 -10.67 -2.77
CA GLU B 131 -43.58 -10.76 -3.06
C GLU B 131 -44.14 -9.75 -4.06
N GLU B 132 -43.49 -8.63 -4.26
CA GLU B 132 -43.98 -7.64 -5.21
C GLU B 132 -43.07 -7.56 -6.41
N GLY B 133 -41.79 -7.38 -6.13
CA GLY B 133 -40.82 -7.30 -7.21
C GLY B 133 -39.51 -6.67 -6.70
N MSE B 134 -38.36 -7.08 -7.27
CA MSE B 134 -37.08 -6.47 -6.94
C MSE B 134 -36.99 -5.02 -7.40
O MSE B 134 -37.41 -4.68 -8.50
CB MSE B 134 -35.95 -7.25 -7.57
CG MSE B 134 -35.75 -8.61 -6.88
SE MSE B 134 -34.43 -9.72 -7.75
CE MSE B 134 -35.47 -10.15 -9.39
N ASP B 135 -36.40 -4.18 -6.59
CA ASP B 135 -36.10 -2.81 -6.98
C ASP B 135 -35.03 -2.83 -8.09
N GLU B 136 -35.33 -2.27 -9.27
CA GLU B 136 -34.32 -2.19 -10.33
C GLU B 136 -33.18 -1.29 -9.92
N TYR B 137 -33.40 -0.46 -8.90
CA TYR B 137 -32.37 0.46 -8.44
C TYR B 137 -31.64 -0.15 -7.25
N ASN B 138 -32.00 -1.40 -6.95
CA ASN B 138 -31.26 -2.26 -5.97
C ASN B 138 -31.16 -1.72 -4.56
N TYR B 139 -32.15 -0.92 -4.15
CA TYR B 139 -32.18 -0.42 -2.78
C TYR B 139 -30.94 0.43 -2.46
N ASN B 140 -30.43 1.10 -3.48
CA ASN B 140 -29.23 1.92 -3.34
C ASN B 140 -29.52 3.41 -3.00
N GLY B 141 -30.78 3.69 -2.71
CA GLY B 141 -31.21 5.00 -2.31
C GLY B 141 -32.72 5.09 -2.14
N PRO B 142 -33.26 6.32 -2.09
CA PRO B 142 -34.63 6.51 -1.62
C PRO B 142 -35.68 6.33 -2.71
N VAL B 143 -35.25 6.25 -3.96
CA VAL B 143 -36.16 6.06 -5.06
C VAL B 143 -36.20 4.58 -5.41
N VAL B 144 -37.39 4.02 -5.47
CA VAL B 144 -37.54 2.60 -5.77
C VAL B 144 -38.33 2.44 -7.07
N LYS B 145 -37.87 1.53 -7.93
CA LYS B 145 -38.64 1.22 -9.13
C LYS B 145 -38.69 -0.30 -9.29
N ARG B 146 -39.83 -0.90 -8.96
CA ARG B 146 -39.92 -2.36 -8.87
C ARG B 146 -40.01 -3.03 -10.24
N SER B 147 -39.25 -4.11 -10.37
CA SER B 147 -39.31 -4.97 -11.55
C SER B 147 -40.55 -5.85 -11.42
N LYS B 148 -40.99 -6.45 -12.52
CA LYS B 148 -41.97 -7.53 -12.37
C LYS B 148 -41.30 -8.82 -11.83
N ALA B 149 -39.98 -8.90 -11.94
CA ALA B 149 -39.24 -10.07 -11.50
C ALA B 149 -39.16 -10.00 -9.99
N LYS B 150 -39.44 -11.13 -9.31
CA LYS B 150 -39.29 -11.25 -7.86
C LYS B 150 -38.03 -12.05 -7.46
N ALA B 151 -37.47 -11.79 -6.29
CA ALA B 151 -36.39 -12.63 -5.76
C ALA B 151 -36.97 -13.95 -5.22
N GLY B 152 -36.17 -15.02 -5.20
CA GLY B 152 -36.68 -16.32 -4.78
C GLY B 152 -35.87 -16.92 -3.64
N ILE B 153 -35.03 -16.10 -3.01
CA ILE B 153 -34.19 -16.51 -1.88
C ILE B 153 -33.68 -15.22 -1.19
N ILE B 154 -33.27 -15.33 0.07
CA ILE B 154 -32.72 -14.18 0.74
C ILE B 154 -31.37 -14.60 1.28
N KCX B 155 -30.45 -13.65 1.21
CA KCX B 155 -29.10 -13.85 1.66
CB KCX B 155 -28.18 -13.20 0.62
CG KCX B 155 -26.70 -13.60 0.71
CD KCX B 155 -25.71 -12.90 -0.25
CE KCX B 155 -24.31 -13.58 -0.34
NZ KCX B 155 -23.81 -13.64 -1.70
C KCX B 155 -28.82 -13.12 2.98
O KCX B 155 -29.47 -12.17 3.32
CX KCX B 155 -22.48 -14.23 -1.80
OQ1 KCX B 155 -21.95 -14.49 -0.74
OQ2 KCX B 155 -21.70 -14.00 -2.96
N ALA B 156 -27.84 -13.62 3.71
CA ALA B 156 -27.12 -12.86 4.73
C ALA B 156 -25.65 -13.32 4.68
N GLY B 157 -24.77 -12.64 5.42
CA GLY B 157 -23.38 -13.06 5.47
C GLY B 157 -22.71 -12.77 6.81
N THR B 158 -21.74 -13.61 7.17
CA THR B 158 -21.00 -13.40 8.39
C THR B 158 -19.54 -13.25 8.04
N GLY B 159 -18.77 -12.61 8.91
CA GLY B 159 -17.37 -12.28 8.58
C GLY B 159 -16.37 -13.28 9.13
N TYR B 160 -15.08 -12.95 9.05
CA TYR B 160 -14.04 -13.90 9.45
C TYR B 160 -13.98 -14.12 10.94
N GLY B 161 -14.28 -15.35 11.35
CA GLY B 161 -14.14 -15.76 12.73
C GLY B 161 -14.97 -14.97 13.71
N ALA B 162 -16.05 -14.35 13.24
CA ALA B 162 -16.95 -13.55 14.08
C ALA B 162 -18.28 -13.30 13.38
N ILE B 163 -19.36 -13.23 14.13
CA ILE B 163 -20.60 -12.68 13.60
C ILE B 163 -20.76 -11.28 14.18
N ASP B 164 -20.67 -10.30 13.30
CA ASP B 164 -20.83 -8.91 13.69
C ASP B 164 -22.29 -8.63 14.11
N ARG B 165 -22.50 -7.60 14.91
CA ARG B 165 -23.83 -7.31 15.41
C ARG B 165 -24.79 -7.02 14.26
N LEU B 166 -24.28 -6.37 13.21
CA LEU B 166 -25.09 -6.07 12.04
C LEU B 166 -25.40 -7.34 11.23
N GLU B 167 -24.51 -8.31 11.29
CA GLU B 167 -24.75 -9.59 10.63
C GLU B 167 -25.83 -10.40 11.35
N LEU B 168 -25.86 -10.33 12.68
CA LEU B 168 -26.93 -10.96 13.44
C LEU B 168 -28.24 -10.25 13.09
N LYS B 169 -28.15 -8.94 12.90
CA LYS B 169 -29.30 -8.21 12.40
C LYS B 169 -29.76 -8.73 11.04
N ALA B 170 -28.83 -8.93 10.11
CA ALA B 170 -29.23 -9.41 8.78
C ALA B 170 -29.76 -10.86 8.85
N LEU B 171 -29.22 -11.65 9.77
CA LEU B 171 -29.73 -13.00 9.98
C LEU B 171 -31.17 -12.97 10.51
N GLU B 172 -31.46 -12.06 11.43
CA GLU B 172 -32.83 -11.89 11.87
C GLU B 172 -33.75 -11.44 10.70
N VAL B 173 -33.26 -10.51 9.89
CA VAL B 173 -33.97 -10.10 8.69
C VAL B 173 -34.24 -11.32 7.76
N ALA B 174 -33.22 -12.14 7.59
CA ALA B 174 -33.34 -13.32 6.75
C ALA B 174 -34.36 -14.31 7.34
N ALA B 175 -34.24 -14.63 8.62
CA ALA B 175 -35.18 -15.57 9.24
C ALA B 175 -36.63 -15.07 9.12
N ARG B 176 -36.84 -13.79 9.43
CA ARG B 176 -38.19 -13.20 9.44
C ARG B 176 -38.81 -13.18 8.04
N THR B 177 -38.05 -12.69 7.07
CA THR B 177 -38.44 -12.71 5.67
C THR B 177 -38.83 -14.14 5.18
N SER B 178 -38.00 -15.13 5.48
CA SER B 178 -38.29 -16.56 5.17
C SER B 178 -39.55 -17.07 5.88
N ILE B 179 -39.68 -16.80 7.19
CA ILE B 179 -40.89 -17.23 7.91
C ILE B 179 -42.13 -16.62 7.28
N LEU B 180 -42.07 -15.31 6.99
CA LEU B 180 -43.19 -14.56 6.43
C LEU B 180 -43.59 -14.95 4.99
N THR B 181 -42.60 -15.20 4.14
CA THR B 181 -42.85 -15.45 2.72
C THR B 181 -42.76 -16.91 2.33
N GLY B 182 -42.02 -17.69 3.12
CA GLY B 182 -41.75 -19.08 2.80
C GLY B 182 -40.46 -19.26 2.03
N CYS B 183 -39.80 -18.15 1.68
CA CYS B 183 -38.59 -18.23 0.82
C CYS B 183 -37.42 -18.96 1.49
N PRO B 184 -36.56 -19.57 0.67
CA PRO B 184 -35.34 -20.17 1.23
C PRO B 184 -34.30 -19.09 1.59
N ILE B 185 -33.27 -19.50 2.32
CA ILE B 185 -32.21 -18.63 2.82
C ILE B 185 -30.86 -19.24 2.44
N LEU B 186 -29.89 -18.40 2.07
CA LEU B 186 -28.51 -18.85 1.89
C LEU B 186 -27.59 -17.87 2.59
N VAL B 187 -26.65 -18.40 3.36
CA VAL B 187 -25.76 -17.53 4.13
C VAL B 187 -24.32 -17.70 3.67
N HIS B 188 -23.67 -16.61 3.24
CA HIS B 188 -22.22 -16.58 3.05
C HIS B 188 -21.50 -16.64 4.40
N THR B 189 -20.59 -17.60 4.59
CA THR B 189 -19.68 -17.51 5.72
C THR B 189 -18.29 -17.21 5.20
N GLN B 190 -17.48 -16.57 6.01
CA GLN B 190 -16.16 -16.12 5.55
C GLN B 190 -15.18 -17.21 5.96
N LEU B 191 -14.59 -17.85 4.97
CA LEU B 191 -13.66 -18.94 5.21
C LEU B 191 -14.30 -20.11 5.96
N GLY B 192 -15.64 -20.22 5.94
CA GLY B 192 -16.28 -21.39 6.52
C GLY B 192 -16.40 -21.31 8.02
N THR B 193 -16.19 -20.10 8.57
CA THR B 193 -16.22 -19.96 10.05
C THR B 193 -17.62 -19.58 10.53
N MSE B 194 -17.93 -19.95 11.79
CA MSE B 194 -19.18 -19.60 12.46
C MSE B 194 -20.41 -20.22 11.80
O MSE B 194 -21.51 -19.72 11.96
CB MSE B 194 -19.36 -18.08 12.41
CG MSE B 194 -18.18 -17.29 12.96
SE MSE B 194 -17.74 -17.78 14.82
CE MSE B 194 -19.45 -17.62 15.78
N ALA B 195 -20.21 -21.27 11.00
CA ALA B 195 -21.30 -21.88 10.27
C ALA B 195 -22.35 -22.46 11.24
N LEU B 196 -21.86 -23.08 12.30
CA LEU B 196 -22.72 -23.74 13.27
C LEU B 196 -23.58 -22.69 13.99
N GLU B 197 -22.98 -21.56 14.33
CA GLU B 197 -23.70 -20.48 14.99
C GLU B 197 -24.74 -19.80 14.05
N VAL B 198 -24.38 -19.55 12.79
CA VAL B 198 -25.34 -19.10 11.80
C VAL B 198 -26.60 -20.01 11.77
N ALA B 199 -26.37 -21.30 11.63
CA ALA B 199 -27.47 -22.25 11.65
C ALA B 199 -28.29 -22.12 12.92
N LYS B 200 -27.66 -22.18 14.09
CA LYS B 200 -28.43 -22.09 15.34
C LYS B 200 -29.20 -20.78 15.51
N HIS B 201 -28.61 -19.66 15.06
CA HIS B 201 -29.33 -18.40 15.20
C HIS B 201 -30.54 -18.35 14.30
N LEU B 202 -30.38 -18.76 13.04
CA LEU B 202 -31.50 -18.72 12.11
C LEU B 202 -32.61 -19.58 12.67
N ILE B 203 -32.26 -20.79 13.06
CA ILE B 203 -33.24 -21.67 13.67
C ILE B 203 -33.83 -21.04 14.92
N GLY B 204 -32.98 -20.49 15.77
CA GLY B 204 -33.43 -19.80 16.96
C GLY B 204 -34.50 -18.72 16.72
N PHE B 205 -34.40 -18.05 15.58
CA PHE B 205 -35.30 -16.96 15.24
C PHE B 205 -36.62 -17.58 14.79
N GLY B 206 -36.59 -18.87 14.49
CA GLY B 206 -37.77 -19.59 14.02
C GLY B 206 -37.69 -20.03 12.57
N ALA B 207 -36.53 -19.90 11.91
CA ALA B 207 -36.47 -20.33 10.48
C ALA B 207 -36.48 -21.83 10.35
N ASN B 208 -36.97 -22.31 9.21
CA ASN B 208 -37.00 -23.74 8.94
C ASN B 208 -35.66 -24.24 8.42
N PRO B 209 -34.99 -25.11 9.20
CA PRO B 209 -33.66 -25.62 8.84
C PRO B 209 -33.72 -26.21 7.43
N ASP B 210 -34.89 -26.69 7.08
CA ASP B 210 -35.07 -27.32 5.79
C ASP B 210 -34.92 -26.32 4.65
N LYS B 211 -35.04 -25.04 4.96
CA LYS B 211 -34.94 -23.95 3.99
C LYS B 211 -33.53 -23.31 3.93
N ILE B 212 -32.60 -23.84 4.72
CA ILE B 212 -31.36 -23.10 4.96
C ILE B 212 -30.17 -23.78 4.29
N GLN B 213 -29.44 -22.98 3.50
CA GLN B 213 -28.15 -23.38 2.97
C GLN B 213 -27.07 -22.49 3.55
N ILE B 214 -25.91 -23.05 3.82
CA ILE B 214 -24.78 -22.22 4.24
C ILE B 214 -23.62 -22.43 3.28
N SER B 215 -23.09 -21.34 2.72
CA SER B 215 -22.01 -21.41 1.72
C SER B 215 -20.59 -21.31 2.30
N HIS B 216 -19.64 -21.81 1.54
CA HIS B 216 -18.18 -21.62 1.76
C HIS B 216 -17.52 -22.53 2.81
N LEU B 217 -18.23 -23.59 3.21
CA LEU B 217 -17.64 -24.49 4.17
C LEU B 217 -16.40 -25.10 3.54
N ASN B 218 -16.35 -25.17 2.20
CA ASN B 218 -15.15 -25.66 1.54
C ASN B 218 -13.88 -24.97 1.95
N LYS B 219 -13.98 -23.74 2.44
CA LYS B 219 -12.78 -22.98 2.83
C LYS B 219 -12.31 -23.29 4.27
N ASN B 220 -13.02 -24.19 4.96
CA ASN B 220 -12.63 -24.65 6.32
C ASN B 220 -12.75 -26.16 6.24
N PRO B 221 -11.71 -26.84 5.70
CA PRO B 221 -11.92 -28.23 5.25
C PRO B 221 -11.82 -29.17 6.44
N ASP B 222 -12.88 -29.15 7.23
CA ASP B 222 -12.91 -29.89 8.47
C ASP B 222 -14.10 -30.84 8.37
N LYS B 223 -13.85 -32.11 8.07
CA LYS B 223 -14.93 -33.06 7.88
C LYS B 223 -15.75 -33.25 9.13
N TYR B 224 -15.11 -33.11 10.30
CA TYR B 224 -15.82 -33.30 11.57
C TYR B 224 -16.76 -32.16 11.82
N TYR B 225 -16.28 -30.94 11.55
CA TYR B 225 -17.14 -29.78 11.66
C TYR B 225 -18.36 -29.85 10.71
N TYR B 226 -18.13 -30.22 9.44
CA TYR B 226 -19.22 -30.32 8.49
C TYR B 226 -20.32 -31.19 9.11
N GLU B 227 -19.87 -32.32 9.62
CA GLU B 227 -20.76 -33.32 10.15
C GLU B 227 -21.50 -32.78 11.38
N LYS B 228 -20.79 -32.12 12.29
CA LYS B 228 -21.43 -31.49 13.47
C LYS B 228 -22.53 -30.49 13.05
N VAL B 229 -22.22 -29.65 12.05
CA VAL B 229 -23.19 -28.63 11.67
C VAL B 229 -24.45 -29.32 11.16
N ILE B 230 -24.28 -30.31 10.31
CA ILE B 230 -25.45 -30.97 9.69
C ILE B 230 -26.24 -31.75 10.73
N LYS B 231 -25.53 -32.50 11.54
CA LYS B 231 -26.25 -33.38 12.46
C LYS B 231 -26.94 -32.58 13.55
N GLU B 232 -26.35 -31.47 14.00
CA GLU B 232 -26.92 -30.74 15.13
C GLU B 232 -28.02 -29.80 14.69
N THR B 233 -28.04 -29.40 13.42
CA THR B 233 -29.00 -28.38 12.99
C THR B 233 -29.91 -28.77 11.82
N GLY B 234 -29.46 -29.71 10.99
CA GLY B 234 -30.26 -30.10 9.84
C GLY B 234 -30.15 -29.17 8.63
N VAL B 235 -29.30 -28.14 8.69
CA VAL B 235 -29.14 -27.31 7.52
C VAL B 235 -28.42 -28.04 6.37
N THR B 236 -28.31 -27.36 5.25
CA THR B 236 -27.66 -27.88 4.06
C THR B 236 -26.38 -27.06 3.80
N LEU B 237 -25.29 -27.75 3.47
CA LEU B 237 -24.03 -27.12 3.11
C LEU B 237 -23.91 -26.98 1.58
N CYS B 238 -23.81 -25.75 1.12
CA CYS B 238 -23.63 -25.50 -0.31
C CYS B 238 -22.14 -25.30 -0.58
N PHE B 239 -21.44 -26.29 -1.13
CA PHE B 239 -20.00 -26.09 -1.34
C PHE B 239 -19.71 -25.42 -2.66
N ASP B 240 -18.73 -24.54 -2.65
CA ASP B 240 -18.03 -24.23 -3.87
C ASP B 240 -16.61 -24.78 -3.68
N GLY B 241 -15.65 -24.33 -4.48
CA GLY B 241 -14.28 -24.82 -4.34
C GLY B 241 -13.66 -25.48 -5.59
N PRO B 242 -14.48 -26.04 -6.47
CA PRO B 242 -13.76 -26.56 -7.66
C PRO B 242 -12.94 -25.46 -8.36
N ASP B 243 -11.72 -25.79 -8.77
CA ASP B 243 -10.81 -24.85 -9.43
C ASP B 243 -10.58 -23.56 -8.63
N ARG B 244 -10.30 -23.72 -7.35
CA ARG B 244 -9.93 -22.62 -6.48
C ARG B 244 -8.64 -23.02 -5.73
N VAL B 245 -7.59 -23.29 -6.49
CA VAL B 245 -6.38 -23.89 -5.96
C VAL B 245 -5.67 -23.01 -4.91
N LYS B 246 -5.79 -21.68 -5.01
CA LYS B 246 -5.14 -20.79 -4.05
C LYS B 246 -5.75 -21.01 -2.67
N TYR B 247 -6.91 -21.67 -2.59
CA TYR B 247 -7.40 -22.04 -1.28
C TYR B 247 -7.05 -23.50 -0.97
N TYR B 248 -7.60 -24.41 -1.74
CA TYR B 248 -7.45 -25.86 -1.53
C TYR B 248 -7.63 -26.60 -2.85
N PRO B 249 -6.99 -27.78 -2.98
CA PRO B 249 -7.11 -28.61 -4.18
C PRO B 249 -8.50 -29.22 -4.29
N ASP B 250 -8.96 -29.48 -5.51
CA ASP B 250 -10.24 -30.16 -5.72
C ASP B 250 -10.32 -31.42 -4.87
N SER B 251 -9.19 -32.10 -4.76
CA SER B 251 -9.17 -33.45 -4.16
C SER B 251 -9.69 -33.43 -2.71
N LEU B 252 -9.43 -32.33 -2.02
CA LEU B 252 -9.79 -32.18 -0.60
C LEU B 252 -11.31 -32.09 -0.41
N LEU B 253 -11.92 -31.23 -1.18
CA LEU B 253 -13.37 -31.15 -1.24
C LEU B 253 -14.00 -32.52 -1.59
N ALA B 254 -13.51 -33.15 -2.66
CA ALA B 254 -14.04 -34.46 -3.10
C ALA B 254 -14.03 -35.46 -1.96
N GLU B 255 -12.88 -35.55 -1.29
CA GLU B 255 -12.76 -36.48 -0.18
C GLU B 255 -13.64 -36.10 1.01
N ASN B 256 -13.78 -34.81 1.31
CA ASN B 256 -14.68 -34.43 2.40
C ASN B 256 -16.15 -34.73 2.10
N ILE B 257 -16.55 -34.52 0.85
CA ILE B 257 -17.91 -34.85 0.45
C ILE B 257 -18.15 -36.37 0.56
N LYS B 258 -17.16 -37.16 0.13
CA LYS B 258 -17.18 -38.64 0.30
C LYS B 258 -17.36 -39.02 1.76
N TYR B 259 -16.57 -38.39 2.64
CA TYR B 259 -16.77 -38.57 4.09
C TYR B 259 -18.22 -38.34 4.51
N LEU B 260 -18.79 -37.19 4.12
CA LEU B 260 -20.15 -36.87 4.53
C LEU B 260 -21.16 -37.89 3.99
N VAL B 261 -20.97 -38.28 2.73
CA VAL B 261 -21.82 -39.30 2.13
C VAL B 261 -21.76 -40.64 2.90
N ASP B 262 -20.54 -41.08 3.22
CA ASP B 262 -20.33 -42.29 4.02
C ASP B 262 -21.03 -42.22 5.39
N LYS B 263 -21.14 -41.03 5.97
CA LYS B 263 -21.78 -40.86 7.28
C LYS B 263 -23.30 -40.72 7.16
N GLY B 264 -23.83 -40.85 5.95
CA GLY B 264 -25.28 -40.80 5.76
C GLY B 264 -25.84 -39.41 5.53
N LEU B 265 -25.00 -38.43 5.18
CA LEU B 265 -25.44 -37.04 5.17
C LEU B 265 -25.65 -36.46 3.78
N GLN B 266 -25.77 -37.33 2.77
CA GLN B 266 -25.80 -36.86 1.37
C GLN B 266 -26.99 -35.97 0.99
N LYS B 267 -28.07 -36.01 1.77
CA LYS B 267 -29.19 -35.12 1.52
C LYS B 267 -28.92 -33.69 1.99
N HIS B 268 -27.76 -33.42 2.61
CA HIS B 268 -27.49 -32.11 3.21
C HIS B 268 -26.37 -31.36 2.55
N ILE B 269 -26.22 -31.61 1.26
CA ILE B 269 -25.13 -31.07 0.49
C ILE B 269 -25.65 -30.53 -0.84
N THR B 270 -25.27 -29.29 -1.17
CA THR B 270 -25.42 -28.80 -2.54
C THR B 270 -24.10 -28.31 -3.11
N LEU B 271 -24.08 -28.09 -4.41
CA LEU B 271 -22.84 -27.70 -5.08
C LEU B 271 -23.05 -26.39 -5.83
N SER B 272 -21.94 -25.73 -6.16
CA SER B 272 -21.93 -24.42 -6.81
C SER B 272 -20.51 -24.18 -7.30
N LEU B 273 -20.33 -23.22 -8.20
CA LEU B 273 -18.97 -22.82 -8.59
C LEU B 273 -18.63 -21.44 -7.93
N ASP B 274 -19.65 -20.67 -7.57
CA ASP B 274 -19.42 -19.34 -7.04
C ASP B 274 -18.40 -18.61 -7.93
N ALA B 275 -18.68 -18.58 -9.22
CA ALA B 275 -17.79 -17.96 -10.19
C ALA B 275 -17.97 -16.43 -10.17
N GLY B 276 -17.53 -15.80 -9.08
CA GLY B 276 -17.81 -14.40 -8.85
C GLY B 276 -16.61 -13.45 -9.11
N ARG B 277 -15.59 -13.94 -9.83
CA ARG B 277 -14.53 -13.07 -10.32
C ARG B 277 -14.52 -13.30 -11.82
N ILE B 278 -14.06 -12.33 -12.58
CA ILE B 278 -14.10 -12.43 -14.03
C ILE B 278 -13.30 -13.57 -14.65
N LEU B 279 -12.22 -14.03 -14.01
CA LEU B 279 -11.44 -15.16 -14.59
C LEU B 279 -11.95 -16.55 -14.13
N TYR B 280 -13.14 -16.57 -13.51
CA TYR B 280 -13.73 -17.81 -13.02
C TYR B 280 -14.79 -18.34 -13.97
N GLN B 281 -14.90 -17.71 -15.15
CA GLN B 281 -15.76 -18.20 -16.23
C GLN B 281 -14.98 -18.25 -17.51
N ARG B 282 -15.27 -19.27 -18.33
CA ARG B 282 -14.55 -19.52 -19.57
C ARG B 282 -14.76 -18.38 -20.56
N ASN B 283 -16.03 -17.98 -20.73
CA ASN B 283 -16.31 -16.98 -21.75
C ASN B 283 -15.87 -15.59 -21.31
N TYR B 284 -16.09 -15.28 -20.05
CA TYR B 284 -15.50 -14.06 -19.46
C TYR B 284 -13.97 -14.09 -19.61
N GLY B 285 -13.37 -15.24 -19.33
CA GLY B 285 -11.93 -15.42 -19.51
C GLY B 285 -11.50 -14.98 -20.92
N LEU B 286 -12.21 -15.49 -21.92
CA LEU B 286 -11.95 -15.14 -23.32
C LEU B 286 -11.98 -13.61 -23.58
N THR B 287 -12.94 -12.91 -23.01
CA THR B 287 -12.96 -11.45 -23.17
C THR B 287 -11.69 -10.73 -22.63
N LYS B 288 -11.01 -11.34 -21.66
CA LYS B 288 -9.74 -10.81 -21.19
C LYS B 288 -8.52 -11.51 -21.85
N GLY B 289 -8.75 -12.23 -22.94
CA GLY B 289 -7.66 -12.88 -23.65
C GLY B 289 -7.02 -14.04 -22.89
N LYS B 290 -7.80 -14.78 -22.11
CA LYS B 290 -7.26 -15.85 -21.28
C LYS B 290 -8.03 -17.15 -21.47
N GLN B 291 -7.33 -18.25 -21.33
CA GLN B 291 -8.00 -19.54 -21.24
C GLN B 291 -8.23 -19.83 -19.76
N THR B 292 -9.49 -20.03 -19.37
CA THR B 292 -9.89 -20.26 -17.97
C THR B 292 -11.00 -21.29 -17.92
N PHE B 293 -11.18 -21.95 -16.79
CA PHE B 293 -12.33 -22.81 -16.57
C PHE B 293 -13.53 -22.03 -16.01
N GLY B 294 -14.71 -22.58 -16.22
CA GLY B 294 -15.93 -21.98 -15.73
C GLY B 294 -16.92 -23.03 -15.33
N LEU B 295 -18.19 -22.75 -15.62
CA LEU B 295 -19.28 -23.65 -15.19
C LEU B 295 -19.14 -25.09 -15.73
N ALA B 296 -18.70 -25.25 -16.98
CA ALA B 296 -18.57 -26.59 -17.57
C ALA B 296 -17.62 -27.55 -16.78
N TYR B 297 -16.57 -26.99 -16.21
CA TYR B 297 -15.67 -27.67 -15.29
C TYR B 297 -16.35 -28.51 -14.24
N LEU B 298 -17.51 -28.06 -13.76
CA LEU B 298 -18.28 -28.86 -12.81
C LEU B 298 -18.48 -30.28 -13.33
N PHE B 299 -18.80 -30.36 -14.63
CA PHE B 299 -19.22 -31.61 -15.24
C PHE B 299 -18.04 -32.28 -15.88
N ASP B 300 -17.18 -31.48 -16.50
CA ASP B 300 -16.06 -32.02 -17.25
C ASP B 300 -15.03 -32.63 -16.32
N ARG B 301 -14.87 -32.04 -15.14
CA ARG B 301 -13.78 -32.38 -14.25
C ARG B 301 -14.21 -32.72 -12.81
N PHE B 302 -15.02 -31.88 -12.16
CA PHE B 302 -15.23 -32.12 -10.73
C PHE B 302 -16.17 -33.33 -10.42
N LEU B 303 -17.26 -33.47 -11.15
CA LEU B 303 -18.15 -34.60 -10.90
C LEU B 303 -17.49 -35.93 -11.19
N PRO B 304 -16.72 -36.01 -12.28
CA PRO B 304 -15.95 -37.24 -12.50
C PRO B 304 -14.97 -37.52 -11.36
N LEU B 305 -14.35 -36.49 -10.77
CA LEU B 305 -13.48 -36.67 -9.60
C LEU B 305 -14.27 -37.19 -8.37
N LEU B 306 -15.47 -36.67 -8.16
CA LEU B 306 -16.35 -37.25 -7.14
C LEU B 306 -16.62 -38.76 -7.34
N LYS B 307 -16.95 -39.16 -8.57
CA LYS B 307 -17.10 -40.60 -8.86
C LYS B 307 -15.79 -41.31 -8.58
N GLN B 308 -14.68 -40.78 -9.12
CA GLN B 308 -13.37 -41.39 -8.89
C GLN B 308 -13.09 -41.67 -7.43
N VAL B 309 -13.44 -40.75 -6.52
CA VAL B 309 -13.16 -41.00 -5.10
C VAL B 309 -14.23 -41.89 -4.43
N GLY B 310 -15.28 -42.21 -5.18
CA GLY B 310 -16.25 -43.21 -4.76
C GLY B 310 -17.62 -42.70 -4.31
N VAL B 311 -17.98 -41.48 -4.68
CA VAL B 311 -19.31 -40.99 -4.34
C VAL B 311 -20.34 -41.64 -5.26
N SER B 312 -21.39 -42.22 -4.67
CA SER B 312 -22.38 -42.97 -5.44
C SER B 312 -23.17 -42.07 -6.38
N LYS B 313 -23.72 -42.66 -7.43
CA LYS B 313 -24.54 -41.90 -8.39
C LYS B 313 -25.79 -41.33 -7.71
N GLU B 314 -26.28 -42.01 -6.67
CA GLU B 314 -27.42 -41.50 -5.90
C GLU B 314 -27.08 -40.22 -5.13
N ALA B 315 -25.93 -40.22 -4.46
CA ALA B 315 -25.49 -39.07 -3.71
C ALA B 315 -25.30 -37.87 -4.67
N ILE B 316 -24.75 -38.14 -5.84
CA ILE B 316 -24.53 -37.07 -6.80
C ILE B 316 -25.87 -36.55 -7.31
N PHE B 317 -26.85 -37.44 -7.53
CA PHE B 317 -28.19 -37.02 -7.92
C PHE B 317 -28.86 -36.17 -6.84
N ASP B 318 -28.73 -36.60 -5.59
CA ASP B 318 -29.19 -35.81 -4.48
C ASP B 318 -28.55 -34.42 -4.47
N ILE B 319 -27.22 -34.37 -4.50
CA ILE B 319 -26.53 -33.10 -4.48
C ILE B 319 -26.98 -32.12 -5.58
N LEU B 320 -27.12 -32.59 -6.81
CA LEU B 320 -27.42 -31.70 -7.94
C LEU B 320 -28.89 -31.41 -8.16
N VAL B 321 -29.73 -32.35 -7.77
CA VAL B 321 -31.14 -32.31 -8.15
C VAL B 321 -32.09 -32.36 -6.96
N ASN B 322 -32.08 -33.46 -6.20
CA ASN B 322 -33.01 -33.63 -5.09
C ASN B 322 -32.88 -32.63 -3.97
N ASN B 323 -31.65 -32.37 -3.54
CA ASN B 323 -31.43 -31.49 -2.40
C ASN B 323 -31.86 -30.07 -2.77
N PRO B 324 -31.48 -29.59 -3.99
CA PRO B 324 -31.96 -28.23 -4.34
C PRO B 324 -33.49 -28.15 -4.47
N LYS B 325 -34.11 -29.24 -4.91
CA LYS B 325 -35.58 -29.31 -5.02
C LYS B 325 -36.25 -29.20 -3.65
N ARG B 326 -35.55 -29.65 -2.62
CA ARG B 326 -36.02 -29.50 -1.26
C ARG B 326 -35.69 -28.08 -0.73
N VAL B 327 -34.42 -27.67 -0.75
CA VAL B 327 -34.04 -26.44 -0.04
C VAL B 327 -34.53 -25.16 -0.71
N LEU B 328 -34.77 -25.21 -2.02
CA LEU B 328 -35.18 -24.00 -2.74
C LEU B 328 -36.71 -23.88 -2.81
N ALA B 329 -37.41 -24.95 -2.40
CA ALA B 329 -38.87 -24.91 -2.41
C ALA B 329 -39.43 -23.97 -1.34
N PHE B 330 -40.40 -23.13 -1.72
CA PHE B 330 -41.10 -22.28 -0.78
C PHE B 330 -41.92 -23.08 0.25
N ASP B 331 -41.81 -22.66 1.50
CA ASP B 331 -42.67 -23.13 2.58
C ASP B 331 -44.01 -22.41 2.49
N GLU B 332 -45.01 -22.94 3.20
CA GLU B 332 -46.26 -22.20 3.44
C GLU B 332 -45.89 -20.95 4.24
N LYS B 333 -46.61 -19.85 4.03
CA LYS B 333 -46.33 -18.63 4.79
C LYS B 333 -46.70 -18.82 6.26
N ARG B 334 -45.95 -18.16 7.13
CA ARG B 334 -46.29 -18.12 8.54
C ARG B 334 -46.23 -16.71 9.08
N ASN B 335 -46.78 -16.53 10.28
CA ASN B 335 -46.60 -15.30 11.05
C ASN B 335 -45.34 -15.43 11.87
N PHE B 336 -44.61 -14.32 11.98
CA PHE B 336 -43.45 -14.32 12.83
C PHE B 336 -43.90 -14.00 14.25
N ASP B 337 -43.49 -14.79 15.23
CA ASP B 337 -43.84 -14.48 16.62
C ASP B 337 -42.56 -14.29 17.43
N PRO B 338 -42.30 -13.05 17.81
CA PRO B 338 -41.11 -12.70 18.61
C PRO B 338 -40.96 -13.55 19.87
N LEU B 339 -42.05 -13.99 20.47
CA LEU B 339 -41.93 -14.71 21.75
C LEU B 339 -41.40 -16.10 21.55
N LYS B 340 -41.27 -16.50 20.30
CA LYS B 340 -40.79 -17.85 19.99
C LYS B 340 -39.26 -17.90 19.76
N VAL B 341 -38.61 -16.74 19.70
CA VAL B 341 -37.18 -16.67 19.46
C VAL B 341 -36.44 -17.22 20.67
N SER B 342 -35.44 -18.07 20.45
CA SER B 342 -34.77 -18.76 21.55
C SER B 342 -34.09 -17.82 22.53
N LYS B 343 -33.85 -18.34 23.72
CA LYS B 343 -33.22 -17.53 24.75
C LYS B 343 -31.78 -17.23 24.42
N GLU B 344 -31.08 -18.19 23.83
CA GLU B 344 -29.70 -18.00 23.39
C GLU B 344 -29.58 -16.84 22.41
N VAL B 345 -30.55 -16.72 21.50
CA VAL B 345 -30.53 -15.65 20.50
C VAL B 345 -30.84 -14.30 21.14
N LEU B 346 -31.86 -14.30 21.99
CA LEU B 346 -32.26 -13.10 22.72
C LEU B 346 -31.11 -12.60 23.59
N GLU B 347 -30.44 -13.53 24.27
CA GLU B 347 -29.33 -13.11 25.12
C GLU B 347 -28.18 -12.54 24.30
N LEU B 348 -27.82 -13.22 23.21
CA LEU B 348 -26.84 -12.64 22.29
C LEU B 348 -27.21 -11.22 21.79
N LYS B 349 -28.47 -11.00 21.41
CA LYS B 349 -28.87 -9.68 20.88
C LYS B 349 -28.66 -8.63 21.94
N LYS B 350 -28.98 -8.99 23.18
CA LYS B 350 -28.71 -8.07 24.30
C LYS B 350 -27.20 -7.79 24.36
N GLU B 351 -26.39 -8.84 24.36
CA GLU B 351 -24.96 -8.68 24.44
C GLU B 351 -24.41 -7.81 23.30
N LEU B 352 -25.05 -7.88 22.13
CA LEU B 352 -24.58 -7.12 20.98
C LEU B 352 -25.28 -5.77 20.83
N ASN B 353 -26.02 -5.34 21.84
CA ASN B 353 -26.70 -4.06 21.76
C ASN B 353 -27.70 -3.94 20.58
N LEU B 354 -28.52 -4.97 20.41
CA LEU B 354 -29.39 -5.02 19.24
C LEU B 354 -30.89 -4.74 19.46
N ASN B 355 -31.24 -4.08 20.55
CA ASN B 355 -32.64 -3.66 20.75
C ASN B 355 -32.82 -2.18 21.08
N ASN C 5 -36.50 41.61 3.11
CA ASN C 5 -37.55 40.65 3.39
C ASN C 5 -37.17 39.19 3.09
N LYS C 6 -35.88 38.93 3.08
CA LYS C 6 -35.35 37.65 2.64
C LYS C 6 -35.22 36.75 3.85
N PHE C 7 -35.25 35.43 3.62
CA PHE C 7 -34.96 34.47 4.68
C PHE C 7 -33.83 33.50 4.33
N ALA C 8 -33.28 32.88 5.38
CA ALA C 8 -32.38 31.74 5.25
C ALA C 8 -33.09 30.60 5.92
N ARG C 9 -32.81 29.39 5.47
CA ARG C 9 -33.52 28.23 5.96
C ARG C 9 -32.59 27.42 6.84
N THR C 10 -32.76 27.54 8.15
CA THR C 10 -31.90 26.88 9.11
C THR C 10 -32.61 25.64 9.56
N VAL C 11 -31.90 24.75 10.24
CA VAL C 11 -32.51 23.52 10.70
C VAL C 11 -33.57 23.77 11.77
N LEU C 12 -33.58 24.95 12.38
CA LEU C 12 -34.65 25.21 13.33
C LEU C 12 -35.75 26.08 12.67
N GLY C 13 -35.66 26.34 11.37
CA GLY C 13 -36.71 27.13 10.74
C GLY C 13 -36.12 28.30 9.97
N ASP C 14 -36.97 29.01 9.22
CA ASP C 14 -36.47 30.10 8.39
C ASP C 14 -36.24 31.32 9.28
N ILE C 15 -35.16 32.07 9.03
CA ILE C 15 -34.92 33.28 9.80
C ILE C 15 -34.74 34.46 8.89
N PRO C 16 -35.01 35.67 9.39
CA PRO C 16 -34.71 36.86 8.59
C PRO C 16 -33.21 36.83 8.31
N VAL C 17 -32.80 37.14 7.09
CA VAL C 17 -31.38 37.08 6.75
C VAL C 17 -30.56 38.04 7.62
N GLU C 18 -31.23 39.02 8.22
CA GLU C 18 -30.59 39.96 9.13
C GLU C 18 -30.10 39.25 10.37
N LYS C 19 -30.67 38.06 10.64
CA LYS C 19 -30.30 37.21 11.79
C LYS C 19 -29.08 36.28 11.54
N LEU C 20 -28.62 36.22 10.29
CA LEU C 20 -27.44 35.39 9.97
C LEU C 20 -26.17 35.85 10.69
N GLY C 21 -25.93 37.17 10.71
CA GLY C 21 -24.77 37.67 11.43
C GLY C 21 -23.48 37.18 10.76
N ILE C 22 -22.39 37.07 11.53
CA ILE C 22 -21.12 36.60 11.00
C ILE C 22 -21.27 35.10 10.69
N THR C 23 -21.02 34.74 9.43
CA THR C 23 -21.31 33.39 8.92
C THR C 23 -20.13 32.68 8.33
N ASP C 24 -19.91 31.49 8.85
CA ASP C 24 -18.91 30.53 8.38
C ASP C 24 -19.59 29.69 7.28
N CYS C 25 -19.21 29.91 6.02
CA CYS C 25 -19.99 29.44 4.86
C CYS C 25 -19.75 27.99 4.40
N HIS C 26 -18.79 27.30 5.04
CA HIS C 26 -18.48 25.90 4.73
C HIS C 26 -17.78 25.25 5.92
N ASP C 27 -18.50 24.46 6.69
CA ASP C 27 -17.82 23.78 7.79
C ASP C 27 -18.50 22.46 8.17
N HIS C 28 -18.06 21.86 9.28
CA HIS C 28 -18.50 20.52 9.68
C HIS C 28 -18.43 20.39 11.17
N PHE C 29 -19.21 19.45 11.71
CA PHE C 29 -19.09 19.09 13.10
C PHE C 29 -19.20 17.60 13.16
N ILE C 30 -20.29 17.06 12.61
CA ILE C 30 -20.51 15.62 12.61
C ILE C 30 -20.33 15.05 11.21
N LYS C 31 -19.47 14.04 11.12
CA LYS C 31 -19.24 13.25 9.92
C LYS C 31 -19.32 11.84 10.40
N ASN C 32 -20.49 11.26 10.15
CA ASN C 32 -20.83 9.97 10.68
C ASN C 32 -20.70 8.95 9.56
N GLY C 33 -19.51 8.36 9.43
CA GLY C 33 -19.32 7.31 8.45
C GLY C 33 -19.29 7.85 7.02
N GLY C 34 -19.48 6.98 6.06
CA GLY C 34 -19.49 7.37 4.67
C GLY C 34 -18.16 7.22 3.95
N PRO C 35 -18.17 7.49 2.65
CA PRO C 35 -17.03 7.36 1.75
C PRO C 35 -15.78 8.09 2.24
N GLU C 36 -15.93 9.26 2.88
CA GLU C 36 -14.75 10.00 3.34
C GLU C 36 -13.99 9.28 4.42
N VAL C 37 -14.74 8.66 5.32
CA VAL C 37 -14.15 7.98 6.45
C VAL C 37 -13.31 6.82 5.92
N GLU C 38 -13.75 6.27 4.79
CA GLU C 38 -12.98 5.24 4.10
C GLU C 38 -11.58 5.71 3.70
N GLU C 39 -11.43 6.98 3.35
CA GLU C 39 -10.12 7.49 2.96
C GLU C 39 -9.16 7.67 4.12
N HIS C 40 -9.68 8.12 5.26
CA HIS C 40 -8.87 8.29 6.46
C HIS C 40 -9.74 8.34 7.70
N ILE C 41 -9.30 7.68 8.77
CA ILE C 41 -10.05 7.67 10.03
C ILE C 41 -10.27 9.07 10.62
N ASP C 42 -9.43 10.04 10.24
CA ASP C 42 -9.55 11.42 10.78
C ASP C 42 -10.85 12.12 10.32
N PHE C 43 -11.47 11.61 9.25
CA PHE C 43 -12.73 12.18 8.76
C PHE C 43 -13.95 11.76 9.58
N LEU C 44 -13.78 10.79 10.47
CA LEU C 44 -14.84 10.36 11.37
C LEU C 44 -14.93 11.34 12.56
N MSE C 45 -16.05 12.07 12.67
CA MSE C 45 -16.23 13.08 13.71
C MSE C 45 -17.60 12.93 14.34
O MSE C 45 -18.62 13.28 13.73
CB MSE C 45 -16.07 14.49 13.11
CG MSE C 45 -14.74 14.66 12.41
SE MSE C 45 -14.57 16.32 11.36
CE MSE C 45 -14.82 17.63 12.82
N LEU C 46 -17.62 12.40 15.55
CA LEU C 46 -18.84 11.88 16.11
C LEU C 46 -19.16 12.48 17.45
N ASN C 47 -18.53 13.59 17.82
CA ASN C 47 -18.63 14.04 19.20
C ASN C 47 -19.46 15.32 19.33
N VAL C 48 -20.70 15.15 19.80
CA VAL C 48 -21.61 16.28 19.97
C VAL C 48 -21.08 17.31 20.98
N ASP C 49 -20.60 16.85 22.14
CA ASP C 49 -20.12 17.78 23.16
C ASP C 49 -18.95 18.61 22.63
N ALA C 50 -17.99 17.96 22.02
CA ALA C 50 -16.84 18.68 21.47
C ALA C 50 -17.27 19.68 20.39
N SER C 51 -18.29 19.30 19.61
CA SER C 51 -18.81 20.20 18.56
C SER C 51 -19.46 21.44 19.14
N ILE C 52 -20.27 21.22 20.18
CA ILE C 52 -20.97 22.33 20.82
C ILE C 52 -19.99 23.30 21.43
N LYS C 53 -18.95 22.78 22.09
CA LYS C 53 -17.90 23.62 22.68
C LYS C 53 -17.21 24.52 21.65
N GLU C 54 -16.92 23.92 20.50
CA GLU C 54 -16.21 24.62 19.46
C GLU C 54 -17.15 25.70 18.94
N PHE C 55 -18.41 25.32 18.71
CA PHE C 55 -19.42 26.28 18.29
C PHE C 55 -19.51 27.49 19.24
N LYS C 56 -19.56 27.22 20.55
CA LYS C 56 -19.58 28.31 21.54
C LYS C 56 -18.35 29.23 21.45
N GLU C 57 -17.17 28.66 21.16
CA GLU C 57 -15.97 29.49 20.99
C GLU C 57 -16.13 30.42 19.78
N PHE C 58 -16.66 29.88 18.69
CA PHE C 58 -16.98 30.65 17.49
C PHE C 58 -17.94 31.79 17.83
N ILE C 59 -18.99 31.50 18.62
CA ILE C 59 -19.96 32.54 19.02
C ILE C 59 -19.28 33.57 19.93
N ASP C 60 -18.50 33.08 20.90
CA ASP C 60 -17.76 33.96 21.79
C ASP C 60 -16.97 35.00 20.99
N ARG C 61 -16.44 34.60 19.84
CA ARG C 61 -15.62 35.51 19.05
C ARG C 61 -16.44 36.45 18.19
N GLY C 62 -17.74 36.18 18.10
CA GLY C 62 -18.66 37.05 17.36
C GLY C 62 -19.43 36.37 16.24
N GLY C 63 -19.17 35.09 16.02
CA GLY C 63 -19.82 34.38 14.92
C GLY C 63 -21.24 34.05 15.32
N SER C 64 -22.10 33.87 14.33
CA SER C 64 -23.47 33.38 14.58
C SER C 64 -23.85 32.10 13.79
N THR C 65 -23.61 32.13 12.48
CA THR C 65 -24.10 31.05 11.62
C THR C 65 -23.00 30.15 11.05
N ILE C 66 -23.26 28.85 11.04
CA ILE C 66 -22.36 27.89 10.45
C ILE C 66 -23.13 27.03 9.45
N VAL C 67 -22.64 26.99 8.22
CA VAL C 67 -23.25 26.16 7.18
C VAL C 67 -22.49 24.82 7.08
N THR C 68 -23.08 23.75 7.56
CA THR C 68 -22.47 22.43 7.52
C THR C 68 -22.71 21.77 6.15
N MSE C 69 -21.65 21.61 5.39
CA MSE C 69 -21.79 21.24 3.99
C MSE C 69 -21.64 19.73 3.82
O MSE C 69 -20.70 19.28 3.18
CB MSE C 69 -20.77 21.97 3.11
CG MSE C 69 -21.05 23.49 2.97
SE MSE C 69 -22.87 23.87 2.32
CE MSE C 69 -22.96 22.65 0.75
N ASP C 70 -22.53 18.96 4.42
CA ASP C 70 -22.45 17.50 4.33
C ASP C 70 -23.63 17.01 3.54
N PRO C 71 -23.39 16.55 2.32
CA PRO C 71 -24.55 16.02 1.58
C PRO C 71 -25.01 14.73 2.25
N PRO C 72 -26.26 14.33 2.00
CA PRO C 72 -26.83 13.19 2.71
C PRO C 72 -25.94 11.93 2.67
N ASN C 73 -25.41 11.55 1.51
CA ASN C 73 -24.68 10.26 1.40
C ASN C 73 -23.24 10.34 1.81
N VAL C 74 -22.77 11.53 2.15
CA VAL C 74 -21.40 11.68 2.58
C VAL C 74 -21.26 12.29 3.98
N GLY C 75 -21.42 11.47 5.01
CA GLY C 75 -21.22 11.94 6.38
C GLY C 75 -22.36 12.58 7.16
N ARG C 76 -23.40 13.05 6.47
CA ARG C 76 -24.44 13.84 7.14
C ARG C 76 -25.10 13.11 8.29
N ASP C 77 -25.34 13.81 9.39
CA ASP C 77 -26.06 13.23 10.50
C ASP C 77 -27.08 14.27 10.97
N VAL C 78 -28.35 14.09 10.61
CA VAL C 78 -29.35 15.07 10.94
C VAL C 78 -29.56 15.14 12.44
N LEU C 79 -29.67 13.97 13.09
CA LEU C 79 -30.01 13.93 14.51
C LEU C 79 -28.97 14.61 15.39
N LYS C 80 -27.70 14.26 15.21
CA LYS C 80 -26.66 14.85 16.03
C LYS C 80 -26.46 16.34 15.69
N THR C 81 -26.63 16.69 14.44
CA THR C 81 -26.43 18.09 14.06
C THR C 81 -27.54 18.93 14.69
N LEU C 82 -28.78 18.42 14.69
CA LEU C 82 -29.85 19.12 15.40
C LEU C 82 -29.54 19.28 16.90
N GLU C 83 -28.95 18.27 17.54
CA GLU C 83 -28.56 18.45 18.95
C GLU C 83 -27.65 19.68 19.11
N ILE C 84 -26.66 19.80 18.26
CA ILE C 84 -25.76 20.98 18.28
C ILE C 84 -26.54 22.29 18.06
N ALA C 85 -27.35 22.34 17.02
CA ALA C 85 -28.14 23.54 16.77
C ALA C 85 -28.96 23.94 18.02
N ASN C 86 -29.63 22.97 18.64
CA ASN C 86 -30.47 23.28 19.79
C ASN C 86 -29.67 23.76 21.00
N ALA C 87 -28.47 23.21 21.19
CA ALA C 87 -27.55 23.66 22.23
C ALA C 87 -27.12 25.13 22.07
N VAL C 88 -27.08 25.64 20.84
CA VAL C 88 -26.55 26.99 20.69
C VAL C 88 -27.56 28.05 20.26
N LYS C 89 -28.80 27.62 20.02
CA LYS C 89 -29.82 28.54 19.52
C LYS C 89 -30.01 29.77 20.42
N ASN C 90 -29.98 29.54 21.73
CA ASN C 90 -30.20 30.62 22.69
CA ASN C 90 -30.21 30.58 22.72
C ASN C 90 -29.03 31.56 22.78
N LEU C 91 -27.93 31.21 22.11
CA LEU C 91 -26.74 32.05 22.00
C LEU C 91 -26.77 32.80 20.71
N GLY C 92 -27.87 32.66 19.99
CA GLY C 92 -27.96 33.20 18.65
C GLY C 92 -27.28 32.37 17.56
N GLY C 93 -26.83 31.16 17.89
CA GLY C 93 -26.24 30.31 16.88
C GLY C 93 -27.29 29.84 15.88
N ASN C 94 -26.90 29.77 14.59
CA ASN C 94 -27.73 29.18 13.54
C ASN C 94 -26.96 28.07 12.83
N VAL C 95 -27.68 27.05 12.38
CA VAL C 95 -27.06 26.00 11.58
C VAL C 95 -27.87 25.80 10.29
N ILE C 96 -27.19 25.82 9.16
CA ILE C 96 -27.85 25.52 7.90
C ILE C 96 -27.34 24.19 7.34
N MSE C 97 -28.24 23.25 7.06
CA MSE C 97 -27.78 21.95 6.54
C MSE C 97 -27.96 21.83 5.04
O MSE C 97 -28.70 22.59 4.44
CB MSE C 97 -28.42 20.77 7.29
CG MSE C 97 -27.78 20.61 8.65
SE MSE C 97 -28.60 19.13 9.67
CE MSE C 97 -27.48 17.63 9.09
N SER C 98 -27.30 20.83 4.45
CA SER C 98 -27.27 20.67 3.01
C SER C 98 -27.94 19.42 2.47
N THR C 99 -28.55 19.54 1.29
CA THR C 99 -28.93 18.34 0.57
C THR C 99 -28.00 18.24 -0.65
N GLY C 100 -28.28 17.33 -1.58
CA GLY C 100 -27.50 17.23 -2.81
C GLY C 100 -26.36 16.23 -2.72
N PHE C 101 -25.23 16.54 -3.35
CA PHE C 101 -24.19 15.54 -3.60
C PHE C 101 -22.78 16.03 -3.47
N HIS C 102 -21.86 15.08 -3.26
CA HIS C 102 -20.45 15.37 -3.22
C HIS C 102 -19.87 15.05 -4.60
N LYS C 103 -18.54 15.07 -4.72
CA LYS C 103 -17.86 14.76 -5.96
C LYS C 103 -18.07 13.30 -6.31
N ALA C 104 -17.96 12.96 -7.59
CA ALA C 104 -18.29 11.61 -8.07
C ALA C 104 -17.45 10.48 -7.43
N LYS C 105 -16.22 10.81 -7.06
CA LYS C 105 -15.34 9.85 -6.40
C LYS C 105 -16.07 9.20 -5.21
N PHE C 106 -17.02 9.90 -4.59
CA PHE C 106 -17.71 9.32 -3.42
C PHE C 106 -18.95 8.46 -3.69
N TYR C 107 -19.25 8.25 -4.98
CA TYR C 107 -20.43 7.51 -5.41
C TYR C 107 -20.06 6.39 -6.37
N ASP C 108 -20.56 5.19 -6.10
CA ASP C 108 -20.30 4.09 -7.04
C ASP C 108 -20.72 4.49 -8.46
N LYS C 109 -19.81 4.51 -9.42
CA LYS C 109 -20.20 5.01 -10.73
C LYS C 109 -21.06 4.02 -11.51
N TYR C 110 -21.14 2.77 -11.04
CA TYR C 110 -21.93 1.75 -11.73
C TYR C 110 -23.36 1.70 -11.22
N SER C 111 -23.54 1.77 -9.90
CA SER C 111 -24.79 1.32 -9.30
C SER C 111 -25.37 2.27 -8.23
N SER C 112 -24.70 3.40 -7.97
CA SER C 112 -25.24 4.36 -7.01
C SER C 112 -26.49 5.07 -7.57
N TRP C 113 -27.28 5.67 -6.70
CA TRP C 113 -28.54 6.25 -7.14
C TRP C 113 -28.22 7.48 -7.98
N LEU C 114 -27.05 8.09 -7.74
CA LEU C 114 -26.63 9.21 -8.57
C LEU C 114 -26.49 8.75 -10.03
N ALA C 115 -25.85 7.60 -10.19
CA ALA C 115 -25.55 7.09 -11.52
C ALA C 115 -26.81 6.62 -12.24
N VAL C 116 -27.70 5.98 -11.49
CA VAL C 116 -28.75 5.17 -12.06
C VAL C 116 -30.14 5.82 -12.06
N VAL C 117 -30.43 6.68 -11.10
CA VAL C 117 -31.78 7.19 -11.00
C VAL C 117 -31.94 8.38 -11.91
N PRO C 118 -33.08 8.48 -12.61
CA PRO C 118 -33.30 9.60 -13.51
C PRO C 118 -33.24 10.94 -12.77
N THR C 119 -32.65 11.94 -13.41
CA THR C 119 -32.44 13.25 -12.84
C THR C 119 -33.66 13.85 -12.20
N GLU C 120 -34.81 13.75 -12.88
CA GLU C 120 -36.03 14.33 -12.33
C GLU C 120 -36.43 13.73 -11.00
N GLU C 121 -36.24 12.43 -10.82
CA GLU C 121 -36.58 11.78 -9.57
C GLU C 121 -35.60 12.21 -8.47
N ILE C 122 -34.33 12.40 -8.83
CA ILE C 122 -33.36 12.84 -7.86
C ILE C 122 -33.71 14.27 -7.42
N VAL C 123 -34.02 15.12 -8.40
CA VAL C 123 -34.50 16.47 -8.08
C VAL C 123 -35.67 16.47 -7.07
N LYS C 124 -36.68 15.63 -7.29
CA LYS C 124 -37.78 15.60 -6.35
C LYS C 124 -37.26 15.25 -4.95
N MSE C 125 -36.31 14.34 -4.85
CA MSE C 125 -35.82 13.99 -3.52
C MSE C 125 -35.06 15.14 -2.86
O MSE C 125 -35.08 15.29 -1.65
CB MSE C 125 -34.92 12.75 -3.59
CG MSE C 125 -35.69 11.45 -3.92
SE MSE C 125 -37.06 11.03 -2.54
CE MSE C 125 -36.01 10.71 -1.00
N CYS C 126 -34.34 15.94 -3.66
CA CYS C 126 -33.59 17.05 -3.06
C CYS C 126 -34.54 18.20 -2.73
N VAL C 127 -35.46 18.52 -3.64
CA VAL C 127 -36.53 19.47 -3.30
C VAL C 127 -37.19 19.10 -1.94
N ALA C 128 -37.53 17.83 -1.79
CA ALA C 128 -38.22 17.38 -0.58
C ALA C 128 -37.43 17.69 0.67
N GLU C 129 -36.11 17.55 0.62
CA GLU C 129 -35.28 17.88 1.78
C GLU C 129 -35.32 19.39 2.07
N ILE C 130 -35.37 20.20 1.00
CA ILE C 130 -35.47 21.66 1.17
C ILE C 130 -36.87 22.08 1.68
N GLU C 131 -37.92 21.37 1.25
CA GLU C 131 -39.30 21.84 1.46
C GLU C 131 -40.17 21.01 2.43
N GLU C 132 -39.84 19.75 2.67
CA GLU C 132 -40.65 18.95 3.57
C GLU C 132 -39.84 18.58 4.79
N GLY C 133 -38.61 18.11 4.57
CA GLY C 133 -37.73 17.81 5.68
C GLY C 133 -36.60 16.87 5.24
N MSE C 134 -35.44 16.98 5.88
CA MSE C 134 -34.34 16.06 5.56
C MSE C 134 -34.61 14.61 6.02
O MSE C 134 -35.17 14.40 7.12
CB MSE C 134 -33.05 16.56 6.24
CG MSE C 134 -32.46 17.76 5.47
SE MSE C 134 -30.93 18.38 6.51
CE MSE C 134 -31.96 19.16 7.98
N ASP C 135 -34.22 13.64 5.21
CA ASP C 135 -34.31 12.24 5.62
C ASP C 135 -33.33 11.98 6.77
N GLU C 136 -33.85 11.53 7.92
CA GLU C 136 -32.98 11.10 9.02
C GLU C 136 -32.10 9.92 8.66
N TYR C 137 -32.51 9.14 7.67
CA TYR C 137 -31.69 8.05 7.16
C TYR C 137 -30.79 8.50 6.01
N ASN C 138 -30.79 9.81 5.72
CA ASN C 138 -29.83 10.42 4.78
C ASN C 138 -29.78 9.80 3.40
N TYR C 139 -30.93 9.36 2.93
CA TYR C 139 -31.00 8.82 1.57
C TYR C 139 -30.03 7.64 1.33
N ASN C 140 -29.75 6.86 2.35
N ASN C 140 -29.83 6.85 2.39
CA ASN C 140 -28.79 5.78 2.20
CA ASN C 140 -28.90 5.71 2.45
C ASN C 140 -29.49 4.45 1.87
C ASN C 140 -29.51 4.44 1.87
N GLY C 141 -30.78 4.53 1.51
CA GLY C 141 -31.55 3.35 1.21
C GLY C 141 -33.02 3.65 0.92
N PRO C 142 -33.83 2.60 0.76
CA PRO C 142 -35.21 2.73 0.28
C PRO C 142 -36.20 3.16 1.38
N VAL C 143 -35.81 3.10 2.64
CA VAL C 143 -36.69 3.57 3.72
C VAL C 143 -36.35 5.04 4.07
N VAL C 144 -37.34 5.93 4.06
CA VAL C 144 -37.13 7.35 4.36
C VAL C 144 -37.93 7.72 5.61
N LYS C 145 -37.29 8.47 6.51
CA LYS C 145 -38.01 8.98 7.67
C LYS C 145 -37.66 10.45 7.85
N ARG C 146 -38.55 11.35 7.42
CA ARG C 146 -38.21 12.79 7.39
C ARG C 146 -38.25 13.48 8.77
N SER C 147 -37.21 14.26 9.02
CA SER C 147 -37.14 15.17 10.15
C SER C 147 -38.05 16.39 9.88
N LYS C 148 -38.39 17.11 10.95
CA LYS C 148 -39.01 18.44 10.83
C LYS C 148 -38.02 19.47 10.28
N ALA C 149 -36.73 19.27 10.55
CA ALA C 149 -35.68 20.15 10.02
C ALA C 149 -35.50 20.04 8.51
N LYS C 150 -35.41 21.18 7.83
CA LYS C 150 -35.19 21.18 6.41
C LYS C 150 -33.78 21.64 6.10
N ALA C 151 -33.27 21.20 4.94
CA ALA C 151 -32.02 21.69 4.44
C ALA C 151 -32.26 23.08 3.89
N GLY C 152 -31.21 23.89 3.90
CA GLY C 152 -31.35 25.25 3.40
C GLY C 152 -30.31 25.62 2.38
N ILE C 153 -29.68 24.62 1.78
CA ILE C 153 -28.75 24.83 0.66
C ILE C 153 -28.57 23.47 -0.02
N ILE C 154 -28.10 23.50 -1.26
CA ILE C 154 -27.79 22.25 -1.95
C ILE C 154 -26.33 22.27 -2.42
N KCX C 155 -25.69 21.11 -2.34
CA KCX C 155 -24.32 20.94 -2.73
CB KCX C 155 -23.58 20.12 -1.67
CG KCX C 155 -22.05 20.06 -1.72
CD KCX C 155 -21.39 19.46 -0.45
CE KCX C 155 -19.87 19.68 -0.32
NZ KCX C 155 -19.30 18.96 0.79
C KCX C 155 -24.20 20.13 -4.02
O KCX C 155 -25.02 19.30 -4.32
CX KCX C 155 -17.98 19.48 1.18
OQ1 KCX C 155 -17.42 19.06 2.17
OQ2 KCX C 155 -17.20 19.93 0.08
N ALA C 156 -23.13 20.43 -4.74
CA ALA C 156 -22.60 19.55 -5.77
C ALA C 156 -21.06 19.59 -5.64
N GLY C 157 -20.34 18.66 -6.27
CA GLY C 157 -18.89 18.60 -6.20
C GLY C 157 -18.25 18.22 -7.53
N THR C 158 -17.07 18.77 -7.84
CA THR C 158 -16.33 18.36 -9.05
C THR C 158 -14.97 17.83 -8.63
N GLY C 159 -14.38 16.92 -9.42
CA GLY C 159 -13.10 16.31 -9.08
C GLY C 159 -11.90 17.02 -9.70
N TYR C 160 -10.70 16.47 -9.47
CA TYR C 160 -9.47 17.09 -9.92
C TYR C 160 -9.32 17.24 -11.42
N GLY C 161 -9.29 18.50 -11.88
CA GLY C 161 -8.99 18.82 -13.26
C GLY C 161 -10.07 18.28 -14.21
N ALA C 162 -11.25 17.95 -13.68
CA ALA C 162 -12.27 17.30 -14.50
C ALA C 162 -13.62 17.46 -13.86
N ILE C 163 -14.64 17.63 -14.69
CA ILE C 163 -16.02 17.52 -14.24
C ILE C 163 -16.52 16.20 -14.79
N ASP C 164 -16.75 15.25 -13.89
CA ASP C 164 -17.23 13.94 -14.30
C ASP C 164 -18.67 14.07 -14.78
N ARG C 165 -19.10 13.12 -15.61
CA ARG C 165 -20.46 13.13 -16.13
C ARG C 165 -21.49 13.09 -15.00
N LEU C 166 -21.22 12.29 -13.96
CA LEU C 166 -22.14 12.25 -12.79
C LEU C 166 -22.12 13.57 -12.02
N GLU C 167 -21.03 14.30 -12.14
CA GLU C 167 -20.88 15.60 -11.49
C GLU C 167 -21.67 16.67 -12.22
N LEU C 168 -21.69 16.60 -13.56
CA LEU C 168 -22.55 17.44 -14.38
C LEU C 168 -24.01 17.15 -14.04
N LYS C 169 -24.34 15.89 -13.86
CA LYS C 169 -25.67 15.49 -13.42
C LYS C 169 -26.01 16.08 -12.04
N ALA C 170 -25.06 16.04 -11.11
CA ALA C 170 -25.30 16.62 -9.81
C ALA C 170 -25.41 18.16 -9.90
N LEU C 171 -24.69 18.74 -10.87
CA LEU C 171 -24.79 20.17 -11.11
C LEU C 171 -26.20 20.52 -11.63
N GLU C 172 -26.70 19.69 -12.54
CA GLU C 172 -28.08 19.85 -13.00
C GLU C 172 -29.07 19.67 -11.85
N VAL C 173 -28.85 18.68 -10.98
CA VAL C 173 -29.72 18.54 -9.81
C VAL C 173 -29.69 19.79 -8.93
N ALA C 174 -28.49 20.31 -8.67
CA ALA C 174 -28.36 21.53 -7.89
C ALA C 174 -29.08 22.70 -8.54
N ALA C 175 -28.89 22.91 -9.84
CA ALA C 175 -29.48 24.08 -10.50
C ALA C 175 -31.02 23.98 -10.48
N ARG C 176 -31.56 22.82 -10.83
CA ARG C 176 -33.01 22.60 -10.84
C ARG C 176 -33.66 22.77 -9.44
N THR C 177 -33.04 22.21 -8.42
CA THR C 177 -33.55 22.29 -7.05
C THR C 177 -33.52 23.76 -6.58
N SER C 178 -32.46 24.48 -6.90
CA SER C 178 -32.34 25.90 -6.54
C SER C 178 -33.38 26.73 -7.33
N ILE C 179 -33.45 26.53 -8.64
CA ILE C 179 -34.50 27.19 -9.43
C ILE C 179 -35.91 26.95 -8.81
N LEU C 180 -36.24 25.67 -8.56
CA LEU C 180 -37.57 25.30 -8.05
C LEU C 180 -37.84 25.78 -6.61
N THR C 181 -36.83 25.79 -5.74
CA THR C 181 -37.08 26.11 -4.32
C THR C 181 -36.63 27.50 -3.93
N GLY C 182 -35.75 28.07 -4.73
CA GLY C 182 -35.15 29.36 -4.41
C GLY C 182 -33.89 29.18 -3.54
N CYS C 183 -33.53 27.94 -3.22
CA CYS C 183 -32.40 27.72 -2.29
C CYS C 183 -31.03 28.08 -2.92
N PRO C 184 -30.07 28.44 -2.06
CA PRO C 184 -28.68 28.64 -2.48
C PRO C 184 -28.00 27.33 -2.81
N ILE C 185 -26.88 27.46 -3.52
CA ILE C 185 -26.03 26.38 -3.97
C ILE C 185 -24.59 26.64 -3.52
N LEU C 186 -23.91 25.60 -3.05
CA LEU C 186 -22.45 25.64 -2.87
C LEU C 186 -21.78 24.45 -3.52
N VAL C 187 -20.77 24.73 -4.35
CA VAL C 187 -20.06 23.65 -5.04
C VAL C 187 -18.64 23.48 -4.50
N HIS C 188 -18.32 22.24 -4.10
CA HIS C 188 -16.94 21.84 -3.82
C HIS C 188 -16.16 21.62 -5.13
N THR C 189 -15.03 22.29 -5.29
CA THR C 189 -14.10 21.98 -6.39
C THR C 189 -12.86 21.31 -5.80
N GLN C 190 -12.24 20.43 -6.56
CA GLN C 190 -11.09 19.71 -6.04
C GLN C 190 -9.84 20.52 -6.40
N LEU C 191 -9.14 21.01 -5.37
CA LEU C 191 -7.97 21.89 -5.57
C LEU C 191 -8.28 23.17 -6.37
N GLY C 192 -9.56 23.54 -6.43
CA GLY C 192 -9.95 24.80 -7.06
C GLY C 192 -9.90 24.76 -8.57
N THR C 193 -10.00 23.56 -9.13
CA THR C 193 -9.99 23.39 -10.59
C THR C 193 -11.43 23.38 -11.13
N MSE C 194 -11.61 23.80 -12.40
CA MSE C 194 -12.92 23.81 -13.08
C MSE C 194 -13.94 24.77 -12.48
O MSE C 194 -15.16 24.67 -12.77
CB MSE C 194 -13.53 22.39 -13.09
CG MSE C 194 -12.55 21.32 -13.57
SE MSE C 194 -11.91 21.63 -15.42
CE MSE C 194 -13.61 21.46 -16.40
N ALA C 195 -13.48 25.71 -11.68
CA ALA C 195 -14.44 26.60 -11.02
C ALA C 195 -15.22 27.47 -12.02
N LEU C 196 -14.52 27.98 -13.02
CA LEU C 196 -15.18 28.76 -14.07
C LEU C 196 -16.29 27.95 -14.74
N GLU C 197 -16.01 26.68 -15.05
CA GLU C 197 -16.94 25.83 -15.77
C GLU C 197 -18.14 25.42 -14.87
N VAL C 198 -17.86 25.11 -13.61
CA VAL C 198 -18.96 24.94 -12.68
C VAL C 198 -19.92 26.17 -12.73
N ALA C 199 -19.37 27.36 -12.54
CA ALA C 199 -20.15 28.56 -12.59
C ALA C 199 -20.97 28.62 -13.90
N LYS C 200 -20.28 28.45 -15.01
CA LYS C 200 -20.96 28.55 -16.30
C LYS C 200 -22.07 27.50 -16.48
N HIS C 201 -21.85 26.27 -16.03
CA HIS C 201 -22.86 25.23 -16.25
C HIS C 201 -24.13 25.49 -15.47
N LEU C 202 -23.96 25.83 -14.19
CA LEU C 202 -25.10 26.16 -13.33
C LEU C 202 -25.92 27.33 -13.93
N ILE C 203 -25.25 28.42 -14.31
CA ILE C 203 -25.93 29.53 -14.94
C ILE C 203 -26.57 29.04 -16.24
N GLY C 204 -25.84 28.23 -17.00
CA GLY C 204 -26.38 27.58 -18.19
C GLY C 204 -27.69 26.84 -17.95
N PHE C 205 -27.81 26.24 -16.76
CA PHE C 205 -28.99 25.45 -16.43
C PHE C 205 -30.15 26.34 -16.05
N GLY C 206 -29.85 27.60 -15.73
CA GLY C 206 -30.86 28.56 -15.32
C GLY C 206 -30.68 29.03 -13.88
N ALA C 207 -29.62 28.61 -13.20
CA ALA C 207 -29.44 28.99 -11.80
C ALA C 207 -29.05 30.46 -11.71
N ASN C 208 -29.42 31.12 -10.61
CA ASN C 208 -29.07 32.52 -10.42
C ASN C 208 -27.63 32.67 -9.86
N PRO C 209 -26.70 33.29 -10.62
CA PRO C 209 -25.32 33.46 -10.14
C PRO C 209 -25.32 34.02 -8.70
N ASP C 210 -26.36 34.78 -8.37
CA ASP C 210 -26.46 35.40 -7.06
C ASP C 210 -26.62 34.42 -5.89
N LYS C 211 -26.99 33.18 -6.22
CA LYS C 211 -27.21 32.13 -5.22
C LYS C 211 -26.04 31.14 -5.13
N ILE C 212 -25.03 31.32 -5.98
CA ILE C 212 -23.98 30.31 -6.14
C ILE C 212 -22.70 30.69 -5.42
N GLN C 213 -22.24 29.77 -4.58
CA GLN C 213 -20.90 29.82 -4.02
C GLN C 213 -20.06 28.66 -4.53
N ILE C 214 -18.78 28.91 -4.76
CA ILE C 214 -17.87 27.84 -5.13
C ILE C 214 -16.73 27.79 -4.12
N SER C 215 -16.52 26.60 -3.54
CA SER C 215 -15.53 26.40 -2.47
C SER C 215 -14.14 25.94 -2.99
N HIS C 216 -13.15 26.16 -2.14
CA HIS C 216 -11.79 25.63 -2.28
C HIS C 216 -10.92 26.25 -3.34
N LEU C 217 -11.27 27.45 -3.81
CA LEU C 217 -10.42 28.15 -4.75
C LEU C 217 -9.09 28.48 -4.09
N ASN C 218 -9.05 28.53 -2.75
CA ASN C 218 -7.78 28.77 -2.04
C ASN C 218 -6.69 27.77 -2.38
N LYS C 219 -7.09 26.57 -2.81
CA LYS C 219 -6.13 25.55 -3.21
C LYS C 219 -5.66 25.69 -4.67
N ASN C 220 -6.09 26.74 -5.37
CA ASN C 220 -5.59 27.08 -6.68
C ASN C 220 -5.26 28.60 -6.61
N PRO C 221 -4.10 28.98 -6.01
CA PRO C 221 -3.90 30.38 -5.59
C PRO C 221 -3.54 31.27 -6.76
N ASP C 222 -4.51 31.48 -7.63
CA ASP C 222 -4.25 32.16 -8.87
C ASP C 222 -5.19 33.37 -8.85
N LYS C 223 -4.65 34.55 -8.52
CA LYS C 223 -5.48 35.73 -8.33
C LYS C 223 -6.22 36.11 -9.58
N TYR C 224 -5.57 35.92 -10.74
CA TYR C 224 -6.15 36.27 -12.03
C TYR C 224 -7.34 35.38 -12.34
N TYR C 225 -7.18 34.07 -12.08
CA TYR C 225 -8.26 33.15 -12.20
C TYR C 225 -9.45 33.53 -11.30
N TYR C 226 -9.20 33.87 -10.04
CA TYR C 226 -10.27 34.24 -9.11
C TYR C 226 -11.10 35.38 -9.73
N GLU C 227 -10.36 36.39 -10.19
CA GLU C 227 -10.94 37.58 -10.81
C GLU C 227 -11.74 37.23 -12.09
N LYS C 228 -11.16 36.39 -12.95
CA LYS C 228 -11.87 35.90 -14.15
C LYS C 228 -13.21 35.27 -13.80
N VAL C 229 -13.19 34.33 -12.87
CA VAL C 229 -14.43 33.63 -12.50
C VAL C 229 -15.47 34.61 -12.00
N ILE C 230 -15.08 35.47 -11.09
CA ILE C 230 -16.02 36.47 -10.57
C ILE C 230 -16.57 37.42 -11.64
N LYS C 231 -15.70 37.95 -12.47
CA LYS C 231 -16.12 38.97 -13.44
C LYS C 231 -16.93 38.36 -14.58
N GLU C 232 -16.70 37.09 -14.91
CA GLU C 232 -17.37 36.53 -16.07
C GLU C 232 -18.70 35.93 -15.70
N THR C 233 -18.86 35.57 -14.43
CA THR C 233 -20.05 34.84 -14.03
C THR C 233 -20.81 35.47 -12.85
N GLY C 234 -20.13 36.26 -12.04
CA GLY C 234 -20.82 36.91 -10.94
C GLY C 234 -21.08 36.00 -9.74
N VAL C 235 -20.49 34.81 -9.68
CA VAL C 235 -20.71 33.96 -8.50
C VAL C 235 -19.84 34.43 -7.31
N THR C 236 -19.90 33.68 -6.22
CA THR C 236 -19.19 34.04 -4.98
C THR C 236 -18.17 32.94 -4.69
N LEU C 237 -16.95 33.36 -4.36
CA LEU C 237 -15.88 32.43 -3.99
C LEU C 237 -15.86 32.27 -2.48
N CYS C 238 -16.18 31.06 -2.02
CA CYS C 238 -16.08 30.72 -0.60
C CYS C 238 -14.69 30.16 -0.29
N PHE C 239 -13.85 30.93 0.38
CA PHE C 239 -12.52 30.40 0.66
C PHE C 239 -12.44 29.67 1.99
N ASP C 240 -11.74 28.53 2.02
CA ASP C 240 -11.19 28.08 3.28
C ASP C 240 -9.69 28.28 3.16
N GLY C 241 -8.92 27.66 4.03
CA GLY C 241 -7.49 27.79 3.92
C GLY C 241 -6.73 28.23 5.17
N PRO C 242 -7.36 28.98 6.05
CA PRO C 242 -6.58 29.29 7.26
C PRO C 242 -6.11 28.01 7.95
N ASP C 243 -4.88 28.02 8.46
CA ASP C 243 -4.26 26.88 9.12
C ASP C 243 -4.33 25.58 8.31
N ARG C 244 -3.95 25.65 7.03
CA ARG C 244 -3.90 24.48 6.17
C ARG C 244 -2.55 24.49 5.45
N VAL C 245 -1.48 24.41 6.25
CA VAL C 245 -0.11 24.70 5.77
C VAL C 245 0.35 23.67 4.70
N LYS C 246 -0.09 22.42 4.83
CA LYS C 246 0.29 21.40 3.85
C LYS C 246 -0.16 21.79 2.45
N TYR C 247 -1.10 22.70 2.36
CA TYR C 247 -1.48 23.23 1.05
C TYR C 247 -0.73 24.52 0.81
N TYR C 248 -1.09 25.57 1.56
CA TYR C 248 -0.57 26.92 1.33
C TYR C 248 -0.57 27.70 2.63
N PRO C 249 0.34 28.67 2.73
CA PRO C 249 0.43 29.45 3.97
C PRO C 249 -0.72 30.46 4.09
N ASP C 250 -1.11 30.85 5.31
CA ASP C 250 -2.16 31.83 5.52
C ASP C 250 -1.88 33.08 4.70
N SER C 251 -0.61 33.42 4.61
CA SER C 251 -0.24 34.69 3.96
C SER C 251 -0.72 34.75 2.51
N LEU C 252 -0.71 33.62 1.83
CA LEU C 252 -1.03 33.62 0.40
C LEU C 252 -2.52 33.93 0.13
N LEU C 253 -3.38 33.27 0.88
CA LEU C 253 -4.80 33.55 0.86
C LEU C 253 -5.08 35.05 1.15
N ALA C 254 -4.45 35.56 2.20
CA ALA C 254 -4.67 36.98 2.60
C ALA C 254 -4.35 37.90 1.45
N GLU C 255 -3.20 37.71 0.84
CA GLU C 255 -2.79 38.58 -0.25
C GLU C 255 -3.66 38.44 -1.48
N ASN C 256 -4.12 37.23 -1.77
CA ASN C 256 -5.02 37.06 -2.89
C ASN C 256 -6.39 37.69 -2.62
N ILE C 257 -6.85 37.62 -1.38
CA ILE C 257 -8.07 38.31 -1.03
C ILE C 257 -7.88 39.86 -1.11
N LYS C 258 -6.73 40.37 -0.64
CA LYS C 258 -6.39 41.80 -0.80
C LYS C 258 -6.43 42.19 -2.29
N TYR C 259 -5.89 41.34 -3.15
CA TYR C 259 -5.96 41.58 -4.59
C TYR C 259 -7.39 41.72 -5.05
N LEU C 260 -8.24 40.76 -4.70
CA LEU C 260 -9.62 40.82 -5.14
C LEU C 260 -10.32 42.12 -4.63
N VAL C 261 -10.10 42.47 -3.36
CA VAL C 261 -10.69 43.66 -2.80
C VAL C 261 -10.25 44.89 -3.58
N ASP C 262 -8.95 44.97 -3.89
CA ASP C 262 -8.38 46.09 -4.65
C ASP C 262 -8.99 46.19 -6.04
N LYS C 263 -9.43 45.06 -6.60
CA LYS C 263 -10.07 45.06 -7.92
C LYS C 263 -11.57 45.31 -7.86
N GLY C 264 -12.08 45.65 -6.68
CA GLY C 264 -13.48 46.00 -6.54
C GLY C 264 -14.40 44.79 -6.37
N LEU C 265 -13.86 43.64 -5.96
CA LEU C 265 -14.64 42.40 -6.00
C LEU C 265 -15.01 41.86 -4.62
N GLN C 266 -14.99 42.74 -3.61
CA GLN C 266 -15.14 42.29 -2.23
C GLN C 266 -16.53 41.72 -1.91
N LYS C 267 -17.52 42.02 -2.76
CA LYS C 267 -18.88 41.50 -2.55
C LYS C 267 -19.02 40.04 -3.01
N HIS C 268 -17.96 39.46 -3.55
CA HIS C 268 -18.01 38.11 -4.14
C HIS C 268 -17.13 37.12 -3.40
N ILE C 269 -16.88 37.40 -2.12
CA ILE C 269 -16.00 36.56 -1.31
C ILE C 269 -16.71 36.17 -0.01
N THR C 270 -16.73 34.89 0.30
CA THR C 270 -17.09 34.45 1.64
C THR C 270 -15.94 33.69 2.28
N LEU C 271 -16.05 33.46 3.57
CA LEU C 271 -15.01 32.74 4.30
C LEU C 271 -15.58 31.52 5.02
N SER C 272 -14.69 30.58 5.35
CA SER C 272 -15.01 29.30 5.98
C SER C 272 -13.73 28.72 6.56
N LEU C 273 -13.85 27.74 7.44
CA LEU C 273 -12.67 26.99 7.89
C LEU C 273 -12.65 25.59 7.20
N ASP C 274 -13.83 25.10 6.88
CA ASP C 274 -13.93 23.75 6.35
C ASP C 274 -13.17 22.75 7.26
N ALA C 275 -13.46 22.82 8.56
CA ALA C 275 -12.80 22.02 9.56
C ALA C 275 -13.37 20.61 9.55
N GLY C 276 -13.06 19.87 8.48
CA GLY C 276 -13.73 18.62 8.21
C GLY C 276 -12.88 17.38 8.47
N ARG C 277 -11.81 17.55 9.25
CA ARG C 277 -11.02 16.46 9.81
C ARG C 277 -10.92 16.74 11.31
N ILE C 278 -10.82 15.67 12.09
CA ILE C 278 -10.92 15.76 13.55
C ILE C 278 -9.86 16.68 14.19
N LEU C 279 -8.69 16.79 13.61
CA LEU C 279 -7.67 17.70 14.16
C LEU C 279 -7.78 19.14 13.69
N TYR C 280 -8.85 19.44 12.98
CA TYR C 280 -9.10 20.79 12.50
C TYR C 280 -10.00 21.63 13.45
N GLN C 281 -10.28 21.12 14.65
CA GLN C 281 -11.01 21.86 15.67
C GLN C 281 -10.32 21.68 17.00
N ARG C 282 -10.35 22.71 17.83
CA ARG C 282 -9.58 22.73 19.05
C ARG C 282 -10.15 21.68 19.99
N ASN C 283 -11.46 21.67 20.14
CA ASN C 283 -12.06 20.83 21.14
C ASN C 283 -12.03 19.38 20.72
N TYR C 284 -12.30 19.12 19.43
CA TYR C 284 -12.05 17.76 18.90
C TYR C 284 -10.59 17.33 19.11
N GLY C 285 -9.67 18.27 18.88
CA GLY C 285 -8.26 17.98 19.07
C GLY C 285 -7.94 17.55 20.48
N LEU C 286 -8.54 18.21 21.47
CA LEU C 286 -8.43 17.77 22.87
C LEU C 286 -8.88 16.32 23.09
N THR C 287 -9.97 15.90 22.44
CA THR C 287 -10.41 14.50 22.59
C THR C 287 -9.36 13.50 22.09
N LYS C 288 -8.51 13.93 21.16
CA LYS C 288 -7.39 13.10 20.76
C LYS C 288 -6.04 13.45 21.44
N GLY C 289 -6.06 14.13 22.58
CA GLY C 289 -4.84 14.41 23.35
C GLY C 289 -3.88 15.37 22.66
N LYS C 290 -4.43 16.35 21.93
CA LYS C 290 -3.59 17.28 21.17
C LYS C 290 -4.10 18.71 21.27
N GLN C 291 -3.16 19.64 21.18
CA GLN C 291 -3.48 21.04 21.01
C GLN C 291 -3.55 21.35 19.52
N THR C 292 -4.67 21.89 19.05
CA THR C 292 -4.87 22.16 17.63
C THR C 292 -5.64 23.45 17.53
N PHE C 293 -5.62 24.10 16.35
CA PHE C 293 -6.48 25.23 16.13
C PHE C 293 -7.81 24.78 15.54
N GLY C 294 -8.83 25.59 15.76
CA GLY C 294 -10.16 25.35 15.24
C GLY C 294 -10.83 26.65 14.83
N LEU C 295 -12.12 26.73 15.08
CA LEU C 295 -12.94 27.84 14.64
C LEU C 295 -12.49 29.23 15.14
N ALA C 296 -12.06 29.34 16.40
CA ALA C 296 -11.64 30.65 16.92
C ALA C 296 -10.47 31.26 16.15
N TYR C 297 -9.64 30.41 15.60
CA TYR C 297 -8.47 30.83 14.83
C TYR C 297 -8.83 31.85 13.74
N LEU C 298 -10.05 31.74 13.22
CA LEU C 298 -10.52 32.70 12.22
C LEU C 298 -10.43 34.13 12.76
N PHE C 299 -10.83 34.31 14.01
CA PHE C 299 -10.89 35.62 14.63
C PHE C 299 -9.57 35.98 15.32
N ASP C 300 -8.95 34.99 15.96
CA ASP C 300 -7.72 35.20 16.71
C ASP C 300 -6.50 35.46 15.80
N ARG C 301 -6.49 34.85 14.61
CA ARG C 301 -5.32 34.86 13.77
C ARG C 301 -5.58 35.31 12.33
N PHE C 302 -6.54 34.70 11.63
CA PHE C 302 -6.65 35.00 10.22
C PHE C 302 -7.20 36.41 9.92
N LEU C 303 -8.29 36.80 10.59
CA LEU C 303 -8.86 38.14 10.35
C LEU C 303 -7.84 39.27 10.63
N PRO C 304 -7.07 39.16 11.72
CA PRO C 304 -6.01 40.17 11.93
C PRO C 304 -4.98 40.16 10.84
N LEU C 305 -4.68 38.98 10.27
CA LEU C 305 -3.80 38.94 9.10
C LEU C 305 -4.42 39.70 7.94
N LEU C 306 -5.70 39.45 7.65
CA LEU C 306 -6.38 40.23 6.61
C LEU C 306 -6.19 41.76 6.82
N LYS C 307 -6.42 42.23 8.05
CA LYS C 307 -6.20 43.66 8.36
C LYS C 307 -4.75 44.02 8.12
N GLN C 308 -3.84 43.19 8.61
CA GLN C 308 -2.42 43.49 8.50
C GLN C 308 -1.95 43.62 7.06
N VAL C 309 -2.50 42.81 6.15
CA VAL C 309 -2.12 42.97 4.74
C VAL C 309 -2.90 44.10 4.06
N GLY C 310 -3.83 44.72 4.79
CA GLY C 310 -4.51 45.93 4.30
C GLY C 310 -5.96 45.83 3.80
N VAL C 311 -6.64 44.72 4.08
CA VAL C 311 -8.06 44.62 3.74
C VAL C 311 -8.90 45.51 4.63
N SER C 312 -9.71 46.37 4.00
CA SER C 312 -10.57 47.31 4.70
C SER C 312 -11.60 46.64 5.64
N LYS C 313 -12.01 47.39 6.66
CA LYS C 313 -13.07 46.97 7.56
C LYS C 313 -14.36 46.66 6.81
N GLU C 314 -14.66 47.47 5.80
CA GLU C 314 -15.89 47.28 5.02
C GLU C 314 -15.81 45.97 4.27
N ALA C 315 -14.68 45.68 3.66
CA ALA C 315 -14.50 44.45 2.90
C ALA C 315 -14.63 43.21 3.82
N ILE C 316 -14.06 43.30 5.01
CA ILE C 316 -14.18 42.23 5.97
C ILE C 316 -15.63 42.05 6.41
N PHE C 317 -16.33 43.17 6.66
CA PHE C 317 -17.75 43.14 6.99
C PHE C 317 -18.60 42.49 5.86
N ASP C 318 -18.29 42.81 4.61
CA ASP C 318 -18.95 42.16 3.49
C ASP C 318 -18.67 40.66 3.49
N ILE C 319 -17.38 40.30 3.53
CA ILE C 319 -17.00 38.90 3.49
C ILE C 319 -17.76 38.10 4.56
N LEU C 320 -17.86 38.64 5.76
CA LEU C 320 -18.35 37.89 6.93
C LEU C 320 -19.86 37.94 7.14
N VAL C 321 -20.47 39.06 6.71
CA VAL C 321 -21.88 39.39 6.99
C VAL C 321 -22.75 39.69 5.76
N ASN C 322 -22.42 40.76 5.03
CA ASN C 322 -23.28 41.16 3.92
C ASN C 322 -23.34 40.15 2.77
N ASN C 323 -22.19 39.56 2.44
CA ASN C 323 -22.15 38.62 1.33
C ASN C 323 -22.92 37.35 1.73
N PRO C 324 -22.68 36.79 2.93
CA PRO C 324 -23.51 35.63 3.29
C PRO C 324 -25.01 35.92 3.35
N LYS C 325 -25.34 37.14 3.77
CA LYS C 325 -26.72 37.60 3.84
C LYS C 325 -27.40 37.62 2.45
N ARG C 326 -26.58 37.91 1.44
CA ARG C 326 -27.02 37.93 0.05
C ARG C 326 -27.07 36.51 -0.53
N VAL C 327 -25.95 35.77 -0.44
CA VAL C 327 -25.86 34.48 -1.14
C VAL C 327 -26.67 33.34 -0.54
N LEU C 328 -27.00 33.45 0.74
CA LEU C 328 -27.76 32.40 1.44
C LEU C 328 -29.26 32.68 1.48
N ALA C 329 -29.63 33.89 1.12
CA ALA C 329 -31.03 34.32 1.06
C ALA C 329 -31.72 33.47 0.00
N PHE C 330 -32.87 32.92 0.32
CA PHE C 330 -33.69 32.25 -0.71
C PHE C 330 -34.20 33.19 -1.78
N ASP C 331 -34.14 32.73 -3.04
CA ASP C 331 -34.78 33.41 -4.17
C ASP C 331 -36.27 33.12 -4.21
N GLU C 332 -36.97 33.84 -5.08
CA GLU C 332 -38.37 33.52 -5.38
C GLU C 332 -38.38 32.23 -6.22
N LYS C 333 -39.33 31.34 -5.94
CA LYS C 333 -39.40 30.07 -6.67
C LYS C 333 -39.65 30.30 -8.15
N ARG C 334 -39.11 29.45 -9.00
CA ARG C 334 -39.38 29.54 -10.44
C ARG C 334 -39.66 28.15 -10.98
N ASN C 335 -40.17 28.05 -12.19
CA ASN C 335 -40.15 26.74 -12.82
C ASN C 335 -38.89 26.56 -13.68
N PHE C 336 -38.48 25.31 -13.81
CA PHE C 336 -37.34 24.97 -14.65
C PHE C 336 -37.84 24.62 -16.05
N ASP C 337 -37.37 25.36 -17.06
CA ASP C 337 -37.68 25.04 -18.47
C ASP C 337 -36.42 24.47 -19.10
N PRO C 338 -36.44 23.16 -19.42
CA PRO C 338 -35.31 22.43 -20.01
C PRO C 338 -34.92 22.92 -21.42
N LEU C 339 -35.87 23.46 -22.17
CA LEU C 339 -35.56 23.95 -23.53
C LEU C 339 -34.83 25.27 -23.45
N LYS C 340 -34.77 25.82 -22.24
CA LYS C 340 -34.02 27.03 -22.01
C LYS C 340 -32.57 26.81 -21.53
N VAL C 341 -32.16 25.56 -21.39
CA VAL C 341 -30.79 25.29 -20.93
C VAL C 341 -29.83 25.75 -22.00
N SER C 342 -28.68 26.29 -21.60
CA SER C 342 -27.75 26.84 -22.59
C SER C 342 -27.29 25.80 -23.63
N LYS C 343 -26.94 26.27 -24.83
CA LYS C 343 -26.49 25.35 -25.87
C LYS C 343 -25.15 24.69 -25.50
N GLU C 344 -24.26 25.45 -24.88
CA GLU C 344 -23.02 24.88 -24.36
C GLU C 344 -23.32 23.68 -23.43
N VAL C 345 -24.24 23.85 -22.49
CA VAL C 345 -24.53 22.77 -21.57
C VAL C 345 -25.18 21.63 -22.30
N LEU C 346 -26.10 21.91 -23.22
CA LEU C 346 -26.75 20.81 -23.97
C LEU C 346 -25.74 19.97 -24.73
N GLU C 347 -24.83 20.66 -25.42
CA GLU C 347 -23.84 19.95 -26.18
C GLU C 347 -22.94 19.10 -25.27
N LEU C 348 -22.57 19.63 -24.10
CA LEU C 348 -21.72 18.87 -23.18
C LEU C 348 -22.46 17.62 -22.67
N LYS C 349 -23.73 17.79 -22.33
CA LYS C 349 -24.51 16.64 -21.89
C LYS C 349 -24.55 15.54 -22.98
N LYS C 350 -24.63 15.93 -24.25
CA LYS C 350 -24.60 14.92 -25.33
C LYS C 350 -23.23 14.22 -25.33
N GLU C 351 -22.20 15.04 -25.40
CA GLU C 351 -20.84 14.53 -25.33
C GLU C 351 -20.61 13.58 -24.15
N LEU C 352 -21.22 13.85 -22.99
CA LEU C 352 -21.00 12.99 -21.83
C LEU C 352 -22.04 11.86 -21.65
N ASN C 353 -22.85 11.61 -22.68
CA ASN C 353 -23.93 10.61 -22.64
C ASN C 353 -24.96 10.76 -21.52
N LEU C 354 -25.47 11.97 -21.35
CA LEU C 354 -26.38 12.22 -20.25
C LEU C 354 -27.88 12.25 -20.67
N ASN C 355 -28.17 12.28 -21.96
CA ASN C 355 -29.54 11.93 -22.37
C ASN C 355 -29.70 10.51 -22.89
N ASN D 5 32.70 35.41 28.54
CA ASN D 5 33.38 34.11 28.62
C ASN D 5 32.52 32.87 28.29
N LYS D 6 31.79 32.93 27.20
CA LYS D 6 30.80 31.91 26.92
C LYS D 6 31.37 30.72 26.18
N PHE D 7 30.77 29.56 26.40
CA PHE D 7 31.18 28.35 25.72
C PHE D 7 30.03 27.60 25.01
N ALA D 8 30.42 26.75 24.06
CA ALA D 8 29.52 25.79 23.41
C ALA D 8 30.02 24.41 23.76
N ARG D 9 29.09 23.48 23.96
CA ARG D 9 29.48 22.10 24.31
C ARG D 9 29.57 21.16 23.09
N THR D 10 30.79 20.88 22.62
CA THR D 10 31.00 19.95 21.50
C THR D 10 31.28 18.57 22.04
N VAL D 11 31.20 17.56 21.17
CA VAL D 11 31.41 16.16 21.55
C VAL D 11 32.84 15.93 21.96
N LEU D 12 33.71 16.86 21.61
CA LEU D 12 35.12 16.74 21.95
C LEU D 12 35.42 17.63 23.14
N GLY D 13 34.42 18.40 23.61
CA GLY D 13 34.68 19.30 24.72
C GLY D 13 34.07 20.68 24.59
N ASP D 14 34.06 21.45 25.67
CA ASP D 14 33.49 22.79 25.61
C ASP D 14 34.44 23.70 24.88
N ILE D 15 33.93 24.56 24.00
CA ILE D 15 34.85 25.46 23.30
C ILE D 15 34.40 26.89 23.51
N PRO D 16 35.36 27.83 23.50
CA PRO D 16 34.92 29.22 23.52
C PRO D 16 34.02 29.46 22.30
N VAL D 17 32.99 30.29 22.43
CA VAL D 17 32.02 30.41 21.36
C VAL D 17 32.61 31.08 20.13
N GLU D 18 33.73 31.79 20.32
CA GLU D 18 34.41 32.43 19.20
C GLU D 18 34.99 31.37 18.27
N LYS D 19 35.11 30.14 18.74
CA LYS D 19 35.63 29.06 17.91
C LYS D 19 34.52 28.34 17.09
N LEU D 20 33.27 28.70 17.31
CA LEU D 20 32.21 28.05 16.54
C LEU D 20 32.40 28.33 15.04
N GLY D 21 32.75 29.58 14.69
CA GLY D 21 32.85 29.95 13.29
C GLY D 21 31.49 29.83 12.59
N ILE D 22 31.53 29.68 11.27
CA ILE D 22 30.34 29.53 10.43
C ILE D 22 29.67 28.22 10.83
N THR D 23 28.39 28.26 11.21
CA THR D 23 27.78 27.10 11.84
C THR D 23 26.49 26.65 11.14
N ASP D 24 26.50 25.41 10.71
CA ASP D 24 25.32 24.78 10.14
C ASP D 24 24.50 24.30 11.34
N CYS D 25 23.35 24.94 11.62
CA CYS D 25 22.63 24.71 12.90
C CYS D 25 21.73 23.50 13.01
N HIS D 26 21.62 22.71 11.94
CA HIS D 26 20.77 21.53 11.97
C HIS D 26 21.12 20.60 10.81
N ASP D 27 21.87 19.55 11.09
CA ASP D 27 22.23 18.64 10.01
C ASP D 27 22.43 17.21 10.51
N HIS D 28 22.97 16.34 9.65
CA HIS D 28 23.11 14.94 9.93
C HIS D 28 24.27 14.29 9.23
N PHE D 29 24.78 13.20 9.77
CA PHE D 29 25.75 12.42 9.02
C PHE D 29 25.42 10.96 9.19
N ILE D 30 25.31 10.52 10.44
CA ILE D 30 24.96 9.14 10.71
C ILE D 30 23.54 9.08 11.26
N LYS D 31 22.71 8.28 10.61
CA LYS D 31 21.40 7.94 11.12
C LYS D 31 21.39 6.43 11.16
N ASN D 32 21.46 5.88 12.36
CA ASN D 32 21.72 4.47 12.51
C ASN D 32 20.41 3.77 12.90
N GLY D 33 19.63 3.40 11.89
CA GLY D 33 18.32 2.81 12.11
C GLY D 33 17.37 3.72 12.86
N GLY D 34 16.44 3.13 13.60
CA GLY D 34 15.45 3.91 14.31
C GLY D 34 14.18 4.07 13.51
N PRO D 35 13.17 4.72 14.12
CA PRO D 35 11.81 4.86 13.58
C PRO D 35 11.78 5.57 12.22
N GLU D 36 12.64 6.56 12.02
CA GLU D 36 12.67 7.30 10.76
C GLU D 36 13.04 6.39 9.59
N VAL D 37 14.04 5.54 9.82
CA VAL D 37 14.49 4.59 8.80
C VAL D 37 13.35 3.65 8.39
N GLU D 38 12.54 3.27 9.36
CA GLU D 38 11.28 2.58 9.08
C GLU D 38 10.42 3.24 8.00
N GLU D 39 10.40 4.57 7.94
CA GLU D 39 9.55 5.24 6.94
C GLU D 39 10.12 5.12 5.56
N HIS D 40 11.45 5.19 5.43
CA HIS D 40 12.08 5.07 4.15
C HIS D 40 13.56 4.67 4.29
N ILE D 41 14.00 3.78 3.43
CA ILE D 41 15.38 3.31 3.44
C ILE D 41 16.41 4.45 3.26
N ASP D 42 16.05 5.52 2.54
CA ASP D 42 16.93 6.68 2.36
C ASP D 42 17.36 7.37 3.66
N PHE D 43 16.63 7.13 4.75
CA PHE D 43 16.98 7.76 6.02
C PHE D 43 18.14 7.04 6.67
N LEU D 44 18.50 5.88 6.11
CA LEU D 44 19.56 5.05 6.65
C LEU D 44 20.91 5.54 6.11
N MSE D 45 21.74 6.09 6.98
CA MSE D 45 23.00 6.72 6.56
C MSE D 45 24.12 6.26 7.46
O MSE D 45 24.24 6.70 8.62
CB MSE D 45 22.88 8.27 6.64
CG MSE D 45 21.68 8.84 5.89
SE MSE D 45 21.30 10.78 6.06
CE MSE D 45 23.03 11.56 5.51
N LEU D 46 24.97 5.38 6.96
CA LEU D 46 25.88 4.65 7.83
C LEU D 46 27.34 4.72 7.39
N ASN D 47 27.75 5.83 6.76
CA ASN D 47 29.05 5.83 6.12
C ASN D 47 29.92 6.98 6.67
N VAL D 48 30.85 6.63 7.56
CA VAL D 48 31.75 7.59 8.18
C VAL D 48 32.65 8.25 7.13
N ASP D 49 33.22 7.46 6.23
CA ASP D 49 34.12 8.03 5.21
C ASP D 49 33.39 9.03 4.33
N ALA D 50 32.19 8.66 3.89
CA ALA D 50 31.38 9.59 3.12
C ALA D 50 31.05 10.86 3.91
N SER D 51 30.81 10.68 5.21
CA SER D 51 30.46 11.80 6.09
C SER D 51 31.61 12.76 6.25
N ILE D 52 32.81 12.20 6.46
CA ILE D 52 34.02 13.01 6.67
C ILE D 52 34.38 13.80 5.43
N LYS D 53 34.34 13.15 4.27
CA LYS D 53 34.55 13.86 3.00
C LYS D 53 33.59 15.04 2.83
N GLU D 54 32.33 14.87 3.22
CA GLU D 54 31.36 15.94 3.08
C GLU D 54 31.66 17.06 4.07
N PHE D 55 31.99 16.68 5.31
CA PHE D 55 32.39 17.68 6.32
C PHE D 55 33.61 18.48 5.81
N LYS D 56 34.54 17.82 5.13
CA LYS D 56 35.73 18.51 4.58
C LYS D 56 35.40 19.51 3.45
N GLU D 57 34.41 19.22 2.62
CA GLU D 57 33.93 20.25 1.66
C GLU D 57 33.29 21.43 2.36
N PHE D 58 32.54 21.14 3.42
CA PHE D 58 31.92 22.20 4.22
C PHE D 58 33.03 23.10 4.79
N ILE D 59 34.09 22.50 5.32
CA ILE D 59 35.21 23.23 5.91
C ILE D 59 35.98 23.96 4.81
N ASP D 60 36.27 23.26 3.71
CA ASP D 60 36.92 23.88 2.55
C ASP D 60 36.22 25.18 2.16
N ARG D 61 34.89 25.18 2.22
CA ARG D 61 34.13 26.37 1.84
C ARG D 61 34.12 27.49 2.88
N GLY D 62 34.62 27.23 4.09
CA GLY D 62 34.61 28.22 5.16
C GLY D 62 33.93 27.77 6.44
N GLY D 63 33.24 26.63 6.42
CA GLY D 63 32.50 26.24 7.60
C GLY D 63 33.38 25.68 8.71
N SER D 64 32.87 25.66 9.94
CA SER D 64 33.56 25.00 11.04
C SER D 64 32.64 24.05 11.79
N THR D 65 31.46 24.52 12.19
CA THR D 65 30.66 23.78 13.15
C THR D 65 29.37 23.18 12.55
N ILE D 66 29.09 21.92 12.85
CA ILE D 66 27.81 21.30 12.48
C ILE D 66 27.12 20.73 13.73
N VAL D 67 25.88 21.13 13.94
CA VAL D 67 25.07 20.64 15.03
C VAL D 67 24.23 19.47 14.47
N THR D 68 24.53 18.26 14.91
CA THR D 68 23.80 17.10 14.41
C THR D 68 22.58 16.84 15.29
N MSE D 69 21.40 17.06 14.73
CA MSE D 69 20.17 17.04 15.51
C MSE D 69 19.49 15.67 15.53
O MSE D 69 18.37 15.52 15.05
CB MSE D 69 19.17 18.09 14.97
CG MSE D 69 19.58 19.55 15.19
SE MSE D 69 20.09 20.00 17.06
CE MSE D 69 18.50 19.24 18.03
N ASP D 70 20.15 14.66 16.07
CA ASP D 70 19.51 13.35 16.20
C ASP D 70 19.31 13.09 17.67
N PRO D 71 18.05 12.95 18.10
CA PRO D 71 17.87 12.68 19.53
C PRO D 71 18.18 11.20 19.72
N PRO D 72 18.50 10.78 20.95
CA PRO D 72 19.01 9.44 21.23
C PRO D 72 18.21 8.30 20.56
N ASN D 73 16.88 8.32 20.65
CA ASN D 73 16.08 7.20 20.17
C ASN D 73 15.77 7.26 18.68
N VAL D 74 16.16 8.32 18.01
CA VAL D 74 15.88 8.41 16.59
C VAL D 74 17.16 8.61 15.75
N GLY D 75 17.84 7.51 15.47
CA GLY D 75 18.99 7.52 14.57
C GLY D 75 20.35 7.85 15.16
N ARG D 76 20.40 8.38 16.39
CA ARG D 76 21.67 8.89 16.90
C ARG D 76 22.73 7.80 17.02
N ASP D 77 23.97 8.11 16.65
CA ASP D 77 25.08 7.19 16.79
C ASP D 77 26.29 7.91 17.36
N VAL D 78 26.50 7.75 18.66
CA VAL D 78 27.59 8.45 19.33
C VAL D 78 28.96 8.05 18.80
N LEU D 79 29.23 6.75 18.71
CA LEU D 79 30.55 6.25 18.30
C LEU D 79 30.97 6.70 16.90
N LYS D 80 30.08 6.50 15.94
CA LYS D 80 30.37 6.90 14.59
C LYS D 80 30.48 8.42 14.47
N THR D 81 29.65 9.16 15.18
CA THR D 81 29.72 10.62 15.06
C THR D 81 31.03 11.13 15.66
N LEU D 82 31.48 10.50 16.74
CA LEU D 82 32.79 10.79 17.31
C LEU D 82 33.93 10.53 16.33
N GLU D 83 33.85 9.45 15.56
CA GLU D 83 34.85 9.17 14.50
C GLU D 83 34.91 10.34 13.52
N ILE D 84 33.75 10.79 13.10
CA ILE D 84 33.68 11.95 12.23
C ILE D 84 34.25 13.22 12.91
N ALA D 85 33.89 13.47 14.16
CA ALA D 85 34.39 14.69 14.83
C ALA D 85 35.93 14.63 14.93
N ASN D 86 36.46 13.49 15.31
CA ASN D 86 37.90 13.38 15.43
C ASN D 86 38.60 13.54 14.10
N ALA D 87 37.95 13.20 13.00
CA ALA D 87 38.64 13.32 11.71
C ALA D 87 38.78 14.76 11.24
N VAL D 88 37.95 15.67 11.77
CA VAL D 88 37.98 17.03 11.29
C VAL D 88 38.39 18.05 12.32
N LYS D 89 38.58 17.60 13.54
CA LYS D 89 38.90 18.51 14.63
C LYS D 89 40.14 19.35 14.29
N ASN D 90 41.15 18.74 13.68
CA ASN D 90 42.39 19.48 13.38
C ASN D 90 42.28 20.43 12.20
N LEU D 91 41.15 20.36 11.49
CA LEU D 91 40.81 21.33 10.48
C LEU D 91 40.00 22.42 11.12
N GLY D 92 39.86 22.37 12.43
CA GLY D 92 38.98 23.28 13.14
C GLY D 92 37.49 22.96 13.03
N GLY D 93 37.15 21.74 12.61
CA GLY D 93 35.76 21.30 12.61
C GLY D 93 35.24 20.99 14.01
N ASN D 94 33.97 21.34 14.28
CA ASN D 94 33.29 21.06 15.56
C ASN D 94 31.95 20.37 15.29
N VAL D 95 31.62 19.41 16.15
CA VAL D 95 30.31 18.75 16.08
C VAL D 95 29.64 18.92 17.46
N ILE D 96 28.37 19.33 17.45
CA ILE D 96 27.57 19.35 18.68
C ILE D 96 26.49 18.27 18.56
N MSE D 97 26.31 17.47 19.59
CA MSE D 97 25.29 16.42 19.50
C MSE D 97 24.08 16.74 20.41
O MSE D 97 24.17 17.60 21.30
CB MSE D 97 25.89 15.04 19.78
CG MSE D 97 26.79 14.53 18.63
SE MSE D 97 27.40 12.68 18.97
CE MSE D 97 25.72 11.76 18.53
N SER D 98 22.97 16.02 20.21
CA SER D 98 21.73 16.40 20.86
C SER D 98 21.24 15.32 21.80
N THR D 99 20.58 15.74 22.87
CA THR D 99 19.80 14.82 23.65
C THR D 99 18.33 15.15 23.37
N GLY D 100 17.42 14.61 24.18
CA GLY D 100 16.02 14.89 24.03
C GLY D 100 15.21 13.97 23.11
N PHE D 101 14.23 14.56 22.45
CA PHE D 101 13.23 13.79 21.76
C PHE D 101 12.87 14.36 20.43
N HIS D 102 12.31 13.50 19.61
CA HIS D 102 11.74 13.89 18.33
C HIS D 102 10.23 14.01 18.48
N LYS D 103 9.53 14.20 17.37
CA LYS D 103 8.08 14.32 17.40
C LYS D 103 7.48 12.99 17.82
N ALA D 104 6.25 13.06 18.33
CA ALA D 104 5.60 11.92 18.99
C ALA D 104 5.36 10.77 18.04
N LYS D 105 5.21 11.09 16.76
CA LYS D 105 5.07 10.07 15.72
C LYS D 105 6.09 8.96 15.88
N PHE D 106 7.30 9.35 16.29
CA PHE D 106 8.42 8.42 16.42
C PHE D 106 8.50 7.65 17.75
N TYR D 107 7.53 7.81 18.64
CA TYR D 107 7.52 7.07 19.89
C TYR D 107 6.21 6.31 20.07
N ASP D 108 6.29 5.09 20.58
CA ASP D 108 5.06 4.35 20.85
C ASP D 108 4.19 5.08 21.88
N LYS D 109 3.01 5.52 21.47
CA LYS D 109 2.19 6.35 22.36
C LYS D 109 1.72 5.60 23.59
N TYR D 110 1.80 4.27 23.55
CA TYR D 110 1.32 3.48 24.67
C TYR D 110 2.41 3.15 25.69
N SER D 111 3.56 2.68 25.22
CA SER D 111 4.53 2.00 26.09
C SER D 111 5.96 2.54 26.01
N SER D 112 6.20 3.55 25.17
CA SER D 112 7.54 4.14 25.07
C SER D 112 7.91 4.84 26.37
N TRP D 113 9.21 5.08 26.61
CA TRP D 113 9.56 5.75 27.88
C TRP D 113 9.08 7.19 27.93
N LEU D 114 8.95 7.83 26.77
CA LEU D 114 8.40 9.19 26.75
C LEU D 114 6.97 9.18 27.30
N ALA D 115 6.21 8.14 26.94
CA ALA D 115 4.82 8.11 27.36
C ALA D 115 4.67 7.76 28.84
N VAL D 116 5.52 6.87 29.33
CA VAL D 116 5.30 6.17 30.59
C VAL D 116 6.17 6.66 31.77
N VAL D 117 7.38 7.13 31.50
CA VAL D 117 8.27 7.52 32.59
C VAL D 117 7.96 8.95 33.05
N PRO D 118 7.99 9.19 34.37
CA PRO D 118 7.67 10.55 34.86
C PRO D 118 8.63 11.61 34.33
N THR D 119 8.09 12.73 33.86
CA THR D 119 8.90 13.84 33.36
C THR D 119 10.18 14.06 34.18
N GLU D 120 10.06 14.13 35.51
CA GLU D 120 11.20 14.39 36.37
C GLU D 120 12.35 13.46 36.12
N GLU D 121 12.05 12.17 36.01
CA GLU D 121 13.06 11.17 35.70
C GLU D 121 13.62 11.28 34.28
N ILE D 122 12.80 11.60 33.30
CA ILE D 122 13.32 11.84 31.95
C ILE D 122 14.31 13.01 31.96
N VAL D 123 13.94 14.07 32.68
CA VAL D 123 14.82 15.25 32.77
C VAL D 123 16.18 14.83 33.33
N LYS D 124 16.18 14.08 34.43
CA LYS D 124 17.43 13.56 34.95
C LYS D 124 18.24 12.89 33.85
N MSE D 125 17.58 12.06 33.03
CA MSE D 125 18.31 11.32 32.00
C MSE D 125 18.90 12.29 30.95
O MSE D 125 20.02 12.08 30.48
CB MSE D 125 17.45 10.25 31.35
CG MSE D 125 17.20 9.03 32.27
SE MSE D 125 18.87 8.14 32.84
CE MSE D 125 19.55 7.66 31.16
N CYS D 126 18.16 13.32 30.59
CA CYS D 126 18.66 14.26 29.56
C CYS D 126 19.74 15.15 30.13
N VAL D 127 19.57 15.61 31.37
CA VAL D 127 20.63 16.38 32.06
C VAL D 127 21.96 15.62 32.08
N ALA D 128 21.91 14.34 32.43
CA ALA D 128 23.09 13.50 32.48
C ALA D 128 23.77 13.40 31.09
N GLU D 129 23.01 13.45 30.01
CA GLU D 129 23.64 13.45 28.69
C GLU D 129 24.37 14.77 28.45
N ILE D 130 23.81 15.87 28.96
CA ILE D 130 24.43 17.19 28.79
C ILE D 130 25.65 17.36 29.72
N GLU D 131 25.63 16.71 30.89
CA GLU D 131 26.60 17.01 31.96
C GLU D 131 27.57 15.88 32.36
N GLU D 132 27.17 14.63 32.15
CA GLU D 132 28.02 13.48 32.42
C GLU D 132 28.55 12.84 31.15
N GLY D 133 27.63 12.54 30.24
CA GLY D 133 28.01 11.96 28.95
C GLY D 133 26.83 11.27 28.29
N MSE D 134 26.81 11.27 26.96
CA MSE D 134 25.77 10.55 26.21
C MSE D 134 25.88 9.03 26.34
O MSE D 134 26.97 8.46 26.37
CB MSE D 134 25.86 10.91 24.73
CG MSE D 134 25.37 12.34 24.48
SE MSE D 134 25.67 12.80 22.59
CE MSE D 134 27.63 13.14 22.71
N ASP D 135 24.73 8.37 26.41
CA ASP D 135 24.69 6.90 26.42
C ASP D 135 25.11 6.42 25.07
N GLU D 136 26.13 5.58 25.03
CA GLU D 136 26.52 4.96 23.75
C GLU D 136 25.42 4.06 23.21
N TYR D 137 24.55 3.62 24.11
CA TYR D 137 23.44 2.75 23.74
C TYR D 137 22.18 3.56 23.44
N ASN D 138 22.33 4.89 23.45
CA ASN D 138 21.29 5.83 22.99
C ASN D 138 19.93 5.68 23.68
N TYR D 139 19.96 5.26 24.93
CA TYR D 139 18.76 5.24 25.73
C TYR D 139 17.71 4.34 25.10
N ASN D 140 18.12 3.32 24.39
N ASN D 140 18.20 3.30 24.43
CA ASN D 140 17.15 2.40 23.78
CA ASN D 140 17.41 2.26 23.74
C ASN D 140 16.88 1.15 24.63
C ASN D 140 16.77 1.23 24.67
N GLY D 141 17.22 1.20 25.92
CA GLY D 141 16.89 0.08 26.79
C GLY D 141 17.45 0.37 28.16
N PRO D 142 17.34 -0.61 29.08
CA PRO D 142 17.67 -0.36 30.48
C PRO D 142 19.16 -0.42 30.78
N VAL D 143 20.00 -0.80 29.83
CA VAL D 143 21.45 -0.81 30.08
C VAL D 143 22.05 0.45 29.48
N VAL D 144 22.84 1.17 30.28
CA VAL D 144 23.41 2.46 29.84
C VAL D 144 24.94 2.40 29.95
N LYS D 145 25.63 2.85 28.90
CA LYS D 145 27.07 2.95 28.91
C LYS D 145 27.48 4.32 28.43
N ARG D 146 27.86 5.19 29.34
CA ARG D 146 28.12 6.57 28.97
C ARG D 146 29.48 6.82 28.31
N SER D 147 29.43 7.59 27.23
CA SER D 147 30.60 8.09 26.54
C SER D 147 31.26 9.22 27.34
N LYS D 148 32.50 9.55 27.01
CA LYS D 148 33.10 10.78 27.53
C LYS D 148 32.49 12.00 26.83
N ALA D 149 31.95 11.82 25.64
CA ALA D 149 31.38 12.96 24.92
C ALA D 149 30.01 13.33 25.50
N LYS D 150 29.78 14.63 25.65
CA LYS D 150 28.51 15.14 26.13
C LYS D 150 27.71 15.80 25.02
N ALA D 151 26.40 15.76 25.17
CA ALA D 151 25.51 16.51 24.31
C ALA D 151 25.59 18.03 24.60
N GLY D 152 25.35 18.86 23.58
CA GLY D 152 25.47 20.28 23.75
C GLY D 152 24.23 21.07 23.36
N ILE D 153 23.11 20.35 23.20
CA ILE D 153 21.82 20.94 22.84
C ILE D 153 20.75 19.90 23.14
N ILE D 154 19.52 20.33 23.33
CA ILE D 154 18.46 19.36 23.52
C ILE D 154 17.35 19.62 22.50
N KCX D 155 16.76 18.52 22.04
CA KCX D 155 15.77 18.58 20.99
CB KCX D 155 16.11 17.54 19.90
CG KCX D 155 15.25 17.63 18.61
CD KCX D 155 15.55 16.69 17.43
CE KCX D 155 15.13 17.17 16.03
NZ KCX D 155 15.82 16.36 15.06
C KCX D 155 14.37 18.28 21.53
O KCX D 155 14.21 17.50 22.44
CX KCX D 155 15.52 16.73 13.68
OQ1 KCX D 155 15.88 15.98 12.78
OQ2 KCX D 155 14.32 17.47 13.55
N ALA D 156 13.37 18.89 20.91
CA ALA D 156 11.98 18.48 20.96
C ALA D 156 11.38 18.58 19.56
N GLY D 157 10.20 17.97 19.38
CA GLY D 157 9.53 17.98 18.10
C GLY D 157 8.01 18.00 18.16
N THR D 158 7.40 18.69 17.20
CA THR D 158 5.95 18.75 17.13
C THR D 158 5.48 18.30 15.78
N GLY D 159 4.25 17.79 15.75
CA GLY D 159 3.69 17.15 14.57
C GLY D 159 2.87 18.14 13.77
N TYR D 160 2.23 17.61 12.71
CA TYR D 160 1.57 18.44 11.72
C TYR D 160 0.32 19.07 12.27
N GLY D 161 0.33 20.41 12.30
CA GLY D 161 -0.83 21.18 12.73
C GLY D 161 -1.32 20.86 14.14
N ALA D 162 -0.44 20.33 14.99
CA ALA D 162 -0.89 19.92 16.32
C ALA D 162 0.30 19.69 17.25
N ILE D 163 0.17 20.05 18.54
CA ILE D 163 1.18 19.65 19.51
C ILE D 163 0.55 18.57 20.35
N ASP D 164 1.04 17.35 20.20
CA ASP D 164 0.52 16.18 20.90
C ASP D 164 0.88 16.28 22.38
N ARG D 165 0.07 15.66 23.24
CA ARG D 165 0.35 15.72 24.67
C ARG D 165 1.80 15.30 24.99
N LEU D 166 2.31 14.31 24.27
CA LEU D 166 3.66 13.79 24.53
C LEU D 166 4.75 14.75 24.05
N GLU D 167 4.40 15.55 23.05
CA GLU D 167 5.28 16.60 22.54
C GLU D 167 5.31 17.78 23.52
N LEU D 168 4.17 18.07 24.16
CA LEU D 168 4.16 19.05 25.25
C LEU D 168 5.06 18.53 26.41
N LYS D 169 4.98 17.24 26.72
CA LYS D 169 5.87 16.61 27.69
C LYS D 169 7.35 16.75 27.30
N ALA D 170 7.68 16.45 26.04
CA ALA D 170 9.05 16.64 25.58
C ALA D 170 9.47 18.11 25.65
N LEU D 171 8.53 19.03 25.39
CA LEU D 171 8.87 20.45 25.46
C LEU D 171 9.19 20.83 26.95
N GLU D 172 8.40 20.34 27.89
CA GLU D 172 8.74 20.57 29.30
C GLU D 172 10.11 19.96 29.65
N VAL D 173 10.35 18.74 29.17
CA VAL D 173 11.67 18.14 29.32
C VAL D 173 12.78 19.04 28.75
N ALA D 174 12.56 19.57 27.57
CA ALA D 174 13.59 20.42 26.94
C ALA D 174 13.81 21.68 27.77
N ALA D 175 12.70 22.31 28.17
CA ALA D 175 12.80 23.54 28.97
C ALA D 175 13.47 23.29 30.31
N ARG D 176 13.05 22.24 31.02
CA ARG D 176 13.67 21.90 32.31
C ARG D 176 15.20 21.62 32.20
N THR D 177 15.58 20.75 31.28
CA THR D 177 16.98 20.46 30.99
C THR D 177 17.77 21.73 30.66
N SER D 178 17.18 22.59 29.86
CA SER D 178 17.86 23.80 29.44
C SER D 178 18.05 24.73 30.66
N ILE D 179 17.00 24.83 31.46
CA ILE D 179 17.04 25.68 32.65
C ILE D 179 18.12 25.20 33.59
N LEU D 180 18.15 23.90 33.83
CA LEU D 180 19.10 23.27 34.76
C LEU D 180 20.56 23.27 34.35
N THR D 181 20.81 23.07 33.06
CA THR D 181 22.16 22.91 32.53
C THR D 181 22.67 24.14 31.79
N GLY D 182 21.74 24.98 31.34
CA GLY D 182 22.09 26.16 30.56
C GLY D 182 22.16 25.85 29.06
N CYS D 183 21.91 24.60 28.67
CA CYS D 183 22.08 24.19 27.26
C CYS D 183 21.08 24.84 26.31
N PRO D 184 21.48 25.02 25.04
CA PRO D 184 20.52 25.50 24.04
C PRO D 184 19.43 24.46 23.72
N ILE D 185 18.36 24.91 23.07
CA ILE D 185 17.21 24.08 22.69
C ILE D 185 16.98 24.25 21.18
N LEU D 186 16.71 23.17 20.46
CA LEU D 186 16.19 23.31 19.09
C LEU D 186 14.96 22.42 18.93
N VAL D 187 13.89 22.97 18.35
CA VAL D 187 12.63 22.25 18.20
C VAL D 187 12.32 22.06 16.71
N HIS D 188 12.11 20.81 16.30
CA HIS D 188 11.54 20.46 14.99
C HIS D 188 10.03 20.78 14.95
N THR D 189 9.61 21.63 14.02
CA THR D 189 8.19 21.72 13.72
C THR D 189 7.90 20.97 12.45
N GLN D 190 6.69 20.43 12.32
CA GLN D 190 6.32 19.68 11.13
C GLN D 190 5.69 20.62 10.08
N LEU D 191 6.35 20.78 8.95
CA LEU D 191 5.92 21.80 7.97
C LEU D 191 5.80 23.22 8.53
N GLY D 192 6.57 23.54 9.57
CA GLY D 192 6.61 24.88 10.14
C GLY D 192 5.31 25.30 10.85
N THR D 193 4.50 24.33 11.30
CA THR D 193 3.26 24.61 12.02
C THR D 193 3.50 24.66 13.54
N MSE D 194 2.67 25.45 14.23
CA MSE D 194 2.69 25.54 15.70
C MSE D 194 4.00 26.14 16.23
O MSE D 194 4.38 25.89 17.40
CB MSE D 194 2.54 24.14 16.31
CG MSE D 194 1.35 23.37 15.74
SE MSE D 194 -0.36 24.25 16.09
CE MSE D 194 -0.37 24.18 18.08
N ALA D 195 4.70 26.89 15.38
CA ALA D 195 6.00 27.44 15.81
C ALA D 195 5.79 28.44 16.93
N LEU D 196 4.80 29.31 16.77
CA LEU D 196 4.45 30.30 17.79
C LEU D 196 4.18 29.62 19.13
N GLU D 197 3.40 28.56 19.09
CA GLU D 197 2.95 27.90 20.31
C GLU D 197 4.12 27.12 20.98
N VAL D 198 5.02 26.57 20.19
CA VAL D 198 6.24 25.95 20.71
C VAL D 198 7.04 26.99 21.51
N ALA D 199 7.34 28.10 20.86
CA ALA D 199 8.02 29.21 21.51
C ALA D 199 7.34 29.59 22.84
N LYS D 200 6.03 29.78 22.79
CA LYS D 200 5.32 30.25 23.98
C LYS D 200 5.37 29.26 25.10
N HIS D 201 5.25 27.97 24.80
CA HIS D 201 5.21 27.00 25.86
C HIS D 201 6.58 26.94 26.47
N LEU D 202 7.63 26.92 25.66
CA LEU D 202 8.99 26.83 26.21
C LEU D 202 9.23 28.01 27.15
N ILE D 203 8.80 29.21 26.75
CA ILE D 203 9.04 30.39 27.55
C ILE D 203 8.21 30.28 28.82
N GLY D 204 6.96 29.83 28.65
CA GLY D 204 6.08 29.66 29.77
C GLY D 204 6.64 28.69 30.82
N PHE D 205 7.40 27.70 30.39
CA PHE D 205 8.03 26.78 31.31
C PHE D 205 9.19 27.48 32.03
N GLY D 206 9.69 28.55 31.44
CA GLY D 206 10.78 29.30 32.05
C GLY D 206 12.05 29.22 31.25
N ALA D 207 11.98 28.68 30.03
CA ALA D 207 13.20 28.63 29.22
C ALA D 207 13.51 30.01 28.67
N ASN D 208 14.77 30.25 28.40
CA ASN D 208 15.22 31.52 27.87
C ASN D 208 15.06 31.58 26.33
N PRO D 209 14.25 32.52 25.81
CA PRO D 209 14.10 32.66 24.36
C PRO D 209 15.44 32.79 23.65
N ASP D 210 16.43 33.39 24.31
CA ASP D 210 17.77 33.56 23.76
C ASP D 210 18.46 32.25 23.39
N LYS D 211 18.03 31.14 24.01
CA LYS D 211 18.62 29.81 23.80
C LYS D 211 17.80 28.90 22.86
N ILE D 212 16.70 29.45 22.29
CA ILE D 212 15.72 28.66 21.52
C ILE D 212 15.82 28.86 20.00
N GLN D 213 16.05 27.76 19.29
CA GLN D 213 15.86 27.72 17.84
C GLN D 213 14.62 26.90 17.47
N ILE D 214 13.90 27.33 16.44
CA ILE D 214 12.82 26.53 15.91
C ILE D 214 13.13 26.19 14.44
N SER D 215 13.20 24.91 14.10
CA SER D 215 13.55 24.48 12.73
C SER D 215 12.32 24.30 11.84
N HIS D 216 12.55 24.37 10.53
CA HIS D 216 11.57 24.02 9.47
C HIS D 216 10.52 25.05 9.11
N LEU D 217 10.70 26.28 9.59
CA LEU D 217 9.73 27.31 9.24
C LEU D 217 9.73 27.51 7.73
N ASN D 218 10.84 27.20 7.07
CA ASN D 218 10.93 27.26 5.60
C ASN D 218 9.84 26.48 4.91
N LYS D 219 9.21 25.54 5.62
CA LYS D 219 8.11 24.77 5.03
C LYS D 219 6.73 25.40 5.22
N ASN D 220 6.69 26.56 5.86
CA ASN D 220 5.45 27.31 6.02
C ASN D 220 5.87 28.72 5.63
N PRO D 221 6.01 28.99 4.32
CA PRO D 221 6.69 30.19 3.81
C PRO D 221 5.77 31.39 3.97
N ASP D 222 5.61 31.84 5.20
CA ASP D 222 4.69 32.91 5.52
C ASP D 222 5.49 34.00 6.20
N LYS D 223 5.86 35.03 5.45
CA LYS D 223 6.76 36.03 6.02
C LYS D 223 6.18 36.75 7.25
N TYR D 224 4.86 36.96 7.27
CA TYR D 224 4.18 37.62 8.38
C TYR D 224 4.26 36.77 9.63
N TYR D 225 4.09 35.47 9.47
CA TYR D 225 4.17 34.52 10.57
C TYR D 225 5.61 34.49 11.13
N TYR D 226 6.60 34.49 10.24
CA TYR D 226 8.00 34.49 10.69
C TYR D 226 8.21 35.68 11.62
N GLU D 227 7.75 36.82 11.16
CA GLU D 227 7.94 38.07 11.85
C GLU D 227 7.18 38.05 13.19
N LYS D 228 5.93 37.57 13.15
CA LYS D 228 5.11 37.41 14.35
C LYS D 228 5.85 36.59 15.42
N VAL D 229 6.36 35.42 15.03
CA VAL D 229 7.01 34.53 16.00
C VAL D 229 8.22 35.20 16.61
N ILE D 230 9.05 35.79 15.77
CA ILE D 230 10.26 36.43 16.26
C ILE D 230 9.94 37.62 17.16
N LYS D 231 8.98 38.46 16.75
CA LYS D 231 8.69 39.68 17.51
C LYS D 231 7.94 39.41 18.81
N GLU D 232 7.08 38.40 18.80
CA GLU D 232 6.30 38.10 19.99
C GLU D 232 7.04 37.32 21.06
N THR D 233 8.08 36.56 20.67
CA THR D 233 8.73 35.63 21.61
C THR D 233 10.26 35.76 21.68
N GLY D 234 10.86 36.37 20.67
CA GLY D 234 12.30 36.55 20.66
C GLY D 234 13.15 35.31 20.36
N VAL D 235 12.54 34.23 19.87
CA VAL D 235 13.31 33.05 19.53
C VAL D 235 14.00 33.23 18.17
N THR D 236 14.74 32.22 17.75
CA THR D 236 15.52 32.24 16.53
C THR D 236 14.96 31.18 15.62
N LEU D 237 14.87 31.52 14.35
CA LEU D 237 14.31 30.62 13.36
C LEU D 237 15.49 30.04 12.60
N CYS D 238 15.67 28.72 12.71
CA CYS D 238 16.68 28.01 11.96
C CYS D 238 16.07 27.44 10.66
N PHE D 239 16.47 28.02 9.54
CA PHE D 239 15.95 27.58 8.24
C PHE D 239 16.83 26.52 7.60
N ASP D 240 16.18 25.45 7.11
CA ASP D 240 16.78 24.60 6.10
C ASP D 240 15.99 24.96 4.84
N GLY D 241 15.96 24.11 3.83
CA GLY D 241 15.25 24.44 2.61
C GLY D 241 16.05 24.62 1.33
N PRO D 242 17.36 24.99 1.43
CA PRO D 242 18.09 24.97 0.15
C PRO D 242 18.11 23.58 -0.49
N ASP D 243 17.92 23.54 -1.81
CA ASP D 243 17.82 22.29 -2.58
C ASP D 243 16.78 21.31 -2.04
N ARG D 244 15.58 21.83 -1.81
CA ARG D 244 14.46 21.00 -1.39
C ARG D 244 13.24 21.35 -2.26
N VAL D 245 13.37 21.18 -3.57
CA VAL D 245 12.42 21.70 -4.56
C VAL D 245 11.04 21.03 -4.45
N LYS D 246 11.00 19.78 -3.97
CA LYS D 246 9.70 19.15 -3.81
C LYS D 246 8.86 19.91 -2.80
N TYR D 247 9.52 20.71 -1.95
CA TYR D 247 8.75 21.56 -1.02
C TYR D 247 8.55 22.98 -1.58
N TYR D 248 9.63 23.72 -1.76
CA TYR D 248 9.61 25.10 -2.24
C TYR D 248 10.95 25.46 -2.91
N PRO D 249 10.91 26.37 -3.89
CA PRO D 249 12.14 26.73 -4.60
C PRO D 249 13.08 27.54 -3.70
N ASP D 250 14.39 27.55 -3.98
CA ASP D 250 15.34 28.29 -3.15
C ASP D 250 14.94 29.77 -3.10
N SER D 251 14.38 30.27 -4.20
CA SER D 251 14.09 31.70 -4.28
C SER D 251 13.13 32.17 -3.21
N LEU D 252 12.19 31.32 -2.83
CA LEU D 252 11.19 31.71 -1.83
C LEU D 252 11.81 31.91 -0.45
N LEU D 253 12.64 30.98 -0.02
CA LEU D 253 13.35 31.17 1.25
C LEU D 253 14.26 32.42 1.17
N ALA D 254 14.90 32.66 0.03
CA ALA D 254 15.78 33.82 -0.10
C ALA D 254 14.99 35.10 0.11
N GLU D 255 13.88 35.23 -0.61
CA GLU D 255 13.04 36.41 -0.43
C GLU D 255 12.41 36.54 0.96
N ASN D 256 11.99 35.44 1.57
CA ASN D 256 11.45 35.57 2.92
C ASN D 256 12.51 36.02 3.94
N ILE D 257 13.71 35.50 3.83
CA ILE D 257 14.82 35.98 4.64
C ILE D 257 15.10 37.48 4.37
N LYS D 258 15.11 37.88 3.11
CA LYS D 258 15.32 39.30 2.78
C LYS D 258 14.31 40.19 3.54
N TYR D 259 13.05 39.77 3.57
CA TYR D 259 12.01 40.50 4.27
C TYR D 259 12.31 40.61 5.77
N LEU D 260 12.69 39.50 6.41
CA LEU D 260 12.98 39.57 7.84
C LEU D 260 14.17 40.51 8.14
N VAL D 261 15.20 40.48 7.31
CA VAL D 261 16.35 41.33 7.52
C VAL D 261 15.92 42.81 7.36
N ASP D 262 15.17 43.10 6.31
CA ASP D 262 14.64 44.44 6.10
C ASP D 262 13.79 44.96 7.28
N LYS D 263 13.10 44.03 7.97
CA LYS D 263 12.32 44.37 9.16
C LYS D 263 13.18 44.52 10.42
N GLY D 264 14.48 44.31 10.27
CA GLY D 264 15.40 44.50 11.37
C GLY D 264 15.53 43.24 12.21
N LEU D 265 15.26 42.07 11.64
CA LEU D 265 15.26 40.83 12.43
C LEU D 265 16.39 39.85 12.09
N GLN D 266 17.47 40.38 11.48
CA GLN D 266 18.63 39.56 11.11
C GLN D 266 19.31 38.78 12.25
N LYS D 267 19.21 39.23 13.50
CA LYS D 267 19.84 38.49 14.59
C LYS D 267 19.04 37.23 15.01
N HIS D 268 17.91 37.00 14.34
CA HIS D 268 16.96 35.95 14.75
C HIS D 268 16.83 34.82 13.76
N ILE D 269 17.86 34.66 12.95
CA ILE D 269 17.85 33.75 11.81
C ILE D 269 19.11 32.91 11.84
N THR D 270 18.95 31.59 11.82
CA THR D 270 20.09 30.76 11.51
C THR D 270 19.85 29.91 10.26
N LEU D 271 20.92 29.34 9.72
CA LEU D 271 20.82 28.45 8.56
C LEU D 271 21.32 27.03 8.82
N SER D 272 20.88 26.11 7.97
CA SER D 272 21.19 24.69 8.04
C SER D 272 20.86 24.06 6.69
N LEU D 273 21.35 22.84 6.45
CA LEU D 273 20.91 22.11 5.25
C LEU D 273 19.87 21.02 5.65
N ASP D 274 19.93 20.58 6.89
CA ASP D 274 19.13 19.41 7.30
C ASP D 274 19.20 18.27 6.27
N ALA D 275 20.42 17.80 5.99
CA ALA D 275 20.64 16.77 4.98
C ALA D 275 20.45 15.41 5.63
N GLY D 276 19.20 15.08 5.93
CA GLY D 276 18.87 13.91 6.72
C GLY D 276 18.35 12.74 5.89
N ARG D 277 18.61 12.81 4.59
CA ARG D 277 18.43 11.68 3.67
C ARG D 277 19.71 11.45 2.87
N ILE D 278 19.92 10.21 2.49
CA ILE D 278 21.15 9.82 1.84
C ILE D 278 21.45 10.61 0.54
N LEU D 279 20.44 11.06 -0.19
CA LEU D 279 20.72 11.84 -1.43
C LEU D 279 20.87 13.35 -1.20
N TYR D 280 20.90 13.75 0.07
CA TYR D 280 21.01 15.17 0.43
C TYR D 280 22.48 15.59 0.68
N GLN D 281 23.40 14.67 0.51
CA GLN D 281 24.83 15.00 0.56
C GLN D 281 25.52 14.52 -0.70
N ARG D 282 26.54 15.26 -1.13
CA ARG D 282 27.25 14.93 -2.36
C ARG D 282 27.97 13.59 -2.25
N ASN D 283 28.73 13.41 -1.17
CA ASN D 283 29.54 12.21 -1.03
C ASN D 283 28.70 10.96 -0.79
N TYR D 284 27.72 11.05 0.09
CA TYR D 284 26.74 9.96 0.19
C TYR D 284 26.11 9.65 -1.18
N GLY D 285 25.82 10.69 -1.96
CA GLY D 285 25.17 10.47 -3.25
C GLY D 285 26.03 9.61 -4.15
N LEU D 286 27.32 9.89 -4.14
CA LEU D 286 28.29 9.15 -4.93
C LEU D 286 28.33 7.68 -4.53
N THR D 287 28.08 7.38 -3.24
CA THR D 287 28.00 5.97 -2.80
C THR D 287 26.78 5.24 -3.36
N LYS D 288 25.73 5.97 -3.75
CA LYS D 288 24.61 5.34 -4.44
C LYS D 288 24.65 5.60 -5.96
N GLY D 289 25.82 5.99 -6.47
CA GLY D 289 26.03 6.14 -7.91
C GLY D 289 25.28 7.31 -8.54
N LYS D 290 25.10 8.39 -7.77
CA LYS D 290 24.44 9.58 -8.28
C LYS D 290 25.24 10.84 -7.98
N GLN D 291 25.08 11.83 -8.86
CA GLN D 291 25.52 13.21 -8.61
C GLN D 291 24.42 13.91 -7.87
N THR D 292 24.74 14.47 -6.69
CA THR D 292 23.77 15.15 -5.83
C THR D 292 24.44 16.35 -5.20
N PHE D 293 23.66 17.33 -4.74
CA PHE D 293 24.21 18.43 -3.94
C PHE D 293 24.17 18.13 -2.43
N GLY D 294 25.06 18.78 -1.69
CA GLY D 294 25.16 18.60 -0.26
C GLY D 294 25.58 19.88 0.45
N LEU D 295 26.51 19.76 1.40
CA LEU D 295 26.81 20.88 2.26
C LEU D 295 27.49 22.04 1.52
N ALA D 296 28.27 21.76 0.50
CA ALA D 296 28.92 22.83 -0.26
C ALA D 296 27.94 23.73 -1.05
N TYR D 297 26.78 23.18 -1.39
CA TYR D 297 25.74 23.96 -2.05
C TYR D 297 25.33 25.24 -1.28
N LEU D 298 25.38 25.17 0.05
CA LEU D 298 25.11 26.37 0.87
C LEU D 298 25.95 27.56 0.39
N PHE D 299 27.24 27.34 0.23
CA PHE D 299 28.17 28.38 -0.17
C PHE D 299 28.22 28.58 -1.68
N ASP D 300 28.11 27.51 -2.45
CA ASP D 300 28.32 27.60 -3.90
C ASP D 300 27.07 28.20 -4.55
N ARG D 301 25.91 28.00 -3.95
CA ARG D 301 24.66 28.43 -4.59
C ARG D 301 23.72 29.28 -3.74
N PHE D 302 23.46 28.89 -2.49
CA PHE D 302 22.39 29.55 -1.77
C PHE D 302 22.78 30.93 -1.21
N LEU D 303 23.98 31.06 -0.64
CA LEU D 303 24.41 32.36 -0.13
C LEU D 303 24.55 33.39 -1.26
N PRO D 304 25.09 32.98 -2.41
CA PRO D 304 25.10 33.89 -3.56
C PRO D 304 23.70 34.36 -3.93
N LEU D 305 22.71 33.45 -3.84
CA LEU D 305 21.31 33.81 -4.06
C LEU D 305 20.81 34.81 -3.04
N LEU D 306 21.14 34.58 -1.77
CA LEU D 306 20.84 35.57 -0.73
C LEU D 306 21.43 36.94 -1.14
N LYS D 307 22.70 36.96 -1.49
CA LYS D 307 23.33 38.23 -1.90
C LYS D 307 22.56 38.80 -3.04
N GLN D 308 22.23 37.96 -4.02
CA GLN D 308 21.51 38.42 -5.19
C GLN D 308 20.16 39.07 -4.91
N VAL D 309 19.38 38.54 -3.97
CA VAL D 309 18.07 39.15 -3.71
C VAL D 309 18.22 40.36 -2.79
N GLY D 310 19.43 40.60 -2.27
CA GLY D 310 19.70 41.81 -1.52
C GLY D 310 19.96 41.69 -0.01
N VAL D 311 20.32 40.50 0.44
CA VAL D 311 20.73 40.37 1.81
C VAL D 311 22.19 40.77 1.90
N SER D 312 22.53 41.59 2.89
CA SER D 312 23.90 42.09 3.02
C SER D 312 24.91 41.07 3.60
N LYS D 313 26.19 41.35 3.38
CA LYS D 313 27.20 40.50 3.98
C LYS D 313 27.16 40.50 5.49
N GLU D 314 26.83 41.63 6.09
CA GLU D 314 26.74 41.73 7.55
C GLU D 314 25.62 40.83 8.08
N ALA D 315 24.49 40.83 7.39
CA ALA D 315 23.34 40.07 7.82
C ALA D 315 23.69 38.62 7.65
N ILE D 316 24.36 38.32 6.54
CA ILE D 316 24.79 36.93 6.32
C ILE D 316 25.79 36.50 7.39
N PHE D 317 26.66 37.44 7.79
CA PHE D 317 27.63 37.13 8.84
C PHE D 317 26.94 36.87 10.21
N ASP D 318 25.86 37.59 10.52
CA ASP D 318 25.09 37.28 11.71
C ASP D 318 24.49 35.89 11.57
N ILE D 319 23.88 35.61 10.41
CA ILE D 319 23.19 34.34 10.25
C ILE D 319 24.12 33.15 10.48
N LEU D 320 25.28 33.18 9.84
CA LEU D 320 26.22 32.08 9.87
C LEU D 320 27.10 32.05 11.11
N VAL D 321 27.40 33.22 11.67
CA VAL D 321 28.42 33.31 12.72
C VAL D 321 27.93 33.86 14.06
N ASN D 322 27.43 35.10 14.09
CA ASN D 322 27.06 35.78 15.35
C ASN D 322 25.81 35.20 16.02
N ASN D 323 24.80 34.85 15.21
CA ASN D 323 23.57 34.28 15.75
C ASN D 323 23.86 32.94 16.39
N PRO D 324 24.55 32.04 15.66
CA PRO D 324 24.84 30.77 16.31
C PRO D 324 25.72 30.96 17.55
N LYS D 325 26.63 31.92 17.52
CA LYS D 325 27.51 32.14 18.64
C LYS D 325 26.71 32.53 19.89
N ARG D 326 25.59 33.20 19.66
CA ARG D 326 24.68 33.60 20.73
C ARG D 326 23.80 32.45 21.18
N VAL D 327 23.04 31.87 20.25
CA VAL D 327 22.03 30.87 20.62
C VAL D 327 22.60 29.52 20.99
N LEU D 328 23.86 29.25 20.66
CA LEU D 328 24.44 27.97 21.03
C LEU D 328 25.27 28.08 22.32
N ALA D 329 25.49 29.31 22.79
CA ALA D 329 26.29 29.54 24.00
C ALA D 329 25.53 29.01 25.21
N PHE D 330 26.19 28.26 26.10
CA PHE D 330 25.46 27.82 27.29
C PHE D 330 25.08 29.04 28.16
N ASP D 331 23.90 28.97 28.76
CA ASP D 331 23.39 30.01 29.65
C ASP D 331 23.91 29.75 31.07
N GLU D 332 23.85 30.74 31.95
CA GLU D 332 24.08 30.45 33.36
C GLU D 332 23.00 29.48 33.84
N LYS D 333 23.36 28.52 34.67
CA LYS D 333 22.38 27.55 35.21
C LYS D 333 21.38 28.15 36.19
N ARG D 334 20.17 27.60 36.23
CA ARG D 334 19.16 27.97 37.22
C ARG D 334 18.49 26.75 37.82
N ASN D 335 17.77 26.94 38.92
CA ASN D 335 16.87 25.88 39.39
C ASN D 335 15.52 26.02 38.71
N PHE D 336 14.84 24.89 38.54
CA PHE D 336 13.51 24.89 37.97
C PHE D 336 12.49 25.00 39.09
N ASP D 337 11.61 26.00 39.00
CA ASP D 337 10.49 26.10 39.93
C ASP D 337 9.16 25.84 39.20
N PRO D 338 8.46 24.75 39.54
CA PRO D 338 7.17 24.45 38.89
C PRO D 338 6.06 25.51 39.12
N LEU D 339 6.13 26.29 40.19
CA LEU D 339 5.07 27.27 40.49
C LEU D 339 5.19 28.52 39.63
N LYS D 340 6.29 28.64 38.91
CA LYS D 340 6.49 29.80 38.07
C LYS D 340 6.10 29.49 36.62
N VAL D 341 5.63 28.27 36.37
CA VAL D 341 5.22 27.90 35.03
C VAL D 341 3.98 28.70 34.67
N SER D 342 3.87 29.19 33.46
CA SER D 342 2.78 30.11 33.12
C SER D 342 1.42 29.45 33.22
N LYS D 343 0.40 30.24 33.55
CA LYS D 343 -0.96 29.69 33.69
C LYS D 343 -1.50 29.11 32.39
N GLU D 344 -1.15 29.72 31.25
CA GLU D 344 -1.56 29.21 29.95
C GLU D 344 -1.02 27.76 29.75
N VAL D 345 0.23 27.54 30.14
CA VAL D 345 0.81 26.20 30.03
C VAL D 345 0.22 25.23 31.05
N LEU D 346 0.00 25.70 32.28
CA LEU D 346 -0.62 24.84 33.28
C LEU D 346 -1.99 24.41 32.79
N GLU D 347 -2.75 25.35 32.24
CA GLU D 347 -4.09 24.98 31.77
C GLU D 347 -4.02 23.96 30.62
N LEU D 348 -3.11 24.17 29.68
CA LEU D 348 -2.93 23.21 28.60
C LEU D 348 -2.57 21.78 29.11
N LYS D 349 -1.70 21.69 30.10
CA LYS D 349 -1.29 20.39 30.59
C LYS D 349 -2.47 19.63 31.21
N LYS D 350 -3.27 20.35 31.96
CA LYS D 350 -4.52 19.84 32.52
C LYS D 350 -5.45 19.34 31.40
N GLU D 351 -5.68 20.21 30.42
CA GLU D 351 -6.48 19.85 29.25
C GLU D 351 -5.95 18.60 28.52
N LEU D 352 -4.63 18.41 28.48
CA LEU D 352 -4.05 17.26 27.80
C LEU D 352 -3.73 16.08 28.74
N ASN D 353 -4.23 16.14 29.97
CA ASN D 353 -3.98 15.08 30.97
C ASN D 353 -2.53 14.82 31.32
N LEU D 354 -1.72 15.86 31.38
CA LEU D 354 -0.30 15.64 31.64
C LEU D 354 0.07 15.71 33.10
N ASN D 355 -0.80 16.27 33.93
CA ASN D 355 -0.47 16.35 35.35
C ASN D 355 -1.20 15.32 36.20
N ASN E 5 9.77 -31.01 46.03
CA ASN E 5 9.19 -29.68 46.28
C ASN E 5 9.32 -28.67 45.11
N LYS E 6 8.70 -28.98 43.98
CA LYS E 6 8.90 -28.15 42.80
C LYS E 6 7.93 -26.98 42.75
N PHE E 7 8.39 -25.84 42.27
CA PHE E 7 7.55 -24.67 42.19
C PHE E 7 7.54 -24.00 40.82
N ALA E 8 6.47 -23.23 40.58
CA ALA E 8 6.34 -22.34 39.42
C ALA E 8 6.27 -20.90 39.91
N ARG E 9 6.86 -20.00 39.15
CA ARG E 9 6.89 -18.59 39.57
C ARG E 9 5.77 -17.77 38.91
N THR E 10 4.70 -17.46 39.67
CA THR E 10 3.54 -16.68 39.18
C THR E 10 3.78 -15.23 39.60
N VAL E 11 3.06 -14.31 38.98
CA VAL E 11 3.21 -12.87 39.30
C VAL E 11 2.85 -12.59 40.74
N LEU E 12 2.14 -13.51 41.37
CA LEU E 12 1.77 -13.31 42.77
C LEU E 12 2.66 -14.08 43.74
N GLY E 13 3.66 -14.80 43.23
CA GLY E 13 4.62 -15.49 44.10
C GLY E 13 4.80 -16.90 43.58
N ASP E 14 5.70 -17.65 44.21
CA ASP E 14 5.97 -19.03 43.80
C ASP E 14 4.85 -19.98 44.28
N ILE E 15 4.40 -20.90 43.45
CA ILE E 15 3.39 -21.86 43.91
C ILE E 15 3.92 -23.27 43.78
N PRO E 16 3.40 -24.20 44.61
CA PRO E 16 3.82 -25.57 44.31
C PRO E 16 3.24 -25.96 42.94
N VAL E 17 3.97 -26.76 42.17
CA VAL E 17 3.50 -27.14 40.82
C VAL E 17 2.16 -27.89 40.82
N GLU E 18 1.81 -28.50 41.96
CA GLU E 18 0.55 -29.23 42.10
C GLU E 18 -0.60 -28.25 42.06
N LYS E 19 -0.29 -26.98 42.19
CA LYS E 19 -1.31 -25.95 42.14
C LYS E 19 -1.45 -25.31 40.72
N LEU E 20 -0.61 -25.70 39.76
CA LEU E 20 -0.81 -25.23 38.39
C LEU E 20 -2.18 -25.60 37.82
N GLY E 21 -2.59 -26.85 38.00
CA GLY E 21 -3.88 -27.29 37.51
C GLY E 21 -3.86 -27.29 35.99
N ILE E 22 -5.04 -27.18 35.39
CA ILE E 22 -5.13 -27.12 33.92
C ILE E 22 -4.51 -25.81 33.46
N THR E 23 -3.54 -25.89 32.55
CA THR E 23 -2.74 -24.71 32.23
C THR E 23 -2.74 -24.39 30.75
N ASP E 24 -3.11 -23.16 30.43
CA ASP E 24 -3.02 -22.64 29.09
C ASP E 24 -1.61 -22.05 28.96
N CYS E 25 -0.74 -22.74 28.20
CA CYS E 25 0.69 -22.45 28.22
C CYS E 25 1.19 -21.33 27.30
N HIS E 26 0.29 -20.68 26.57
CA HIS E 26 0.68 -19.52 25.76
C HIS E 26 -0.54 -18.71 25.40
N ASP E 27 -0.73 -17.60 26.11
CA ASP E 27 -1.85 -16.73 25.83
C ASP E 27 -1.56 -15.28 26.12
N HIS E 28 -2.60 -14.45 26.06
CA HIS E 28 -2.48 -13.00 26.21
C HIS E 28 -3.74 -12.45 26.82
N PHE E 29 -3.61 -11.30 27.46
CA PHE E 29 -4.77 -10.51 27.81
C PHE E 29 -4.51 -9.05 27.45
N ILE E 30 -3.42 -8.50 27.98
CA ILE E 30 -3.06 -7.11 27.70
C ILE E 30 -1.86 -7.08 26.75
N LYS E 31 -2.03 -6.31 25.66
CA LYS E 31 -0.94 -6.00 24.72
C LYS E 31 -1.01 -4.51 24.58
N ASN E 32 -0.13 -3.84 25.30
CA ASN E 32 -0.16 -2.41 25.41
C ASN E 32 0.87 -1.80 24.44
N GLY E 33 0.45 -1.56 23.22
CA GLY E 33 1.32 -0.93 22.24
C GLY E 33 2.45 -1.84 21.82
N GLY E 34 3.52 -1.27 21.32
CA GLY E 34 4.64 -2.06 20.86
C GLY E 34 4.55 -2.33 19.37
N PRO E 35 5.57 -3.03 18.83
CA PRO E 35 5.72 -3.21 17.38
C PRO E 35 4.62 -4.07 16.75
N GLU E 36 4.02 -4.94 17.55
CA GLU E 36 3.01 -5.81 17.00
C GLU E 36 1.76 -5.03 16.66
N VAL E 37 1.38 -4.12 17.56
CA VAL E 37 0.25 -3.23 17.34
C VAL E 37 0.47 -2.40 16.06
N GLU E 38 1.73 -2.04 15.83
CA GLU E 38 2.12 -1.36 14.61
C GLU E 38 1.66 -2.09 13.34
N GLU E 39 1.69 -3.42 13.38
CA GLU E 39 1.32 -4.25 12.22
C GLU E 39 -0.17 -4.21 11.90
N HIS E 40 -1.01 -4.24 12.95
CA HIS E 40 -2.46 -4.20 12.84
C HIS E 40 -3.05 -3.76 14.17
N ILE E 41 -4.07 -2.89 14.11
CA ILE E 41 -4.74 -2.40 15.30
C ILE E 41 -5.34 -3.53 16.17
N ASP E 42 -5.65 -4.69 15.56
CA ASP E 42 -6.31 -5.78 16.30
C ASP E 42 -5.44 -6.35 17.44
N PHE E 43 -4.13 -6.09 17.35
CA PHE E 43 -3.19 -6.49 18.38
C PHE E 43 -3.22 -5.63 19.64
N LEU E 44 -3.81 -4.42 19.56
CA LEU E 44 -4.00 -3.58 20.76
C LEU E 44 -5.13 -4.13 21.66
N MSE E 45 -4.76 -4.57 22.85
CA MSE E 45 -5.72 -5.20 23.76
C MSE E 45 -5.55 -4.62 25.17
O MSE E 45 -4.63 -5.01 25.89
CB MSE E 45 -5.51 -6.71 23.77
CG MSE E 45 -5.54 -7.32 22.38
SE MSE E 45 -5.16 -9.25 22.32
CE MSE E 45 -6.43 -9.87 23.71
N LEU E 46 -6.47 -3.74 25.56
CA LEU E 46 -6.25 -2.89 26.73
C LEU E 46 -7.38 -2.96 27.73
N ASN E 47 -8.09 -4.07 27.79
CA ASN E 47 -9.30 -4.05 28.59
C ASN E 47 -9.20 -5.06 29.73
N VAL E 48 -8.87 -4.54 30.89
CA VAL E 48 -8.80 -5.35 32.10
C VAL E 48 -10.15 -6.02 32.39
N ASP E 49 -11.24 -5.27 32.27
CA ASP E 49 -12.56 -5.82 32.57
C ASP E 49 -12.92 -7.01 31.66
N ALA E 50 -12.78 -6.83 30.35
CA ALA E 50 -12.99 -7.95 29.43
C ALA E 50 -12.02 -9.13 29.67
N SER E 51 -10.77 -8.83 30.02
CA SER E 51 -9.81 -9.90 30.27
C SER E 51 -10.19 -10.75 31.50
N ILE E 52 -10.55 -10.08 32.59
CA ILE E 52 -11.04 -10.77 33.77
C ILE E 52 -12.25 -11.66 33.43
N LYS E 53 -13.19 -11.13 32.65
CA LYS E 53 -14.35 -11.91 32.33
C LYS E 53 -13.98 -13.18 31.59
N GLU E 54 -13.02 -13.08 30.66
CA GLU E 54 -12.60 -14.25 29.90
C GLU E 54 -11.89 -15.28 30.76
N PHE E 55 -11.05 -14.78 31.67
CA PHE E 55 -10.31 -15.63 32.59
C PHE E 55 -11.31 -16.42 33.47
N LYS E 56 -12.39 -15.78 33.88
CA LYS E 56 -13.42 -16.43 34.67
C LYS E 56 -14.14 -17.52 33.87
N GLU E 57 -14.34 -17.32 32.57
CA GLU E 57 -14.89 -18.38 31.74
C GLU E 57 -13.97 -19.62 31.65
N PHE E 58 -12.68 -19.34 31.50
CA PHE E 58 -11.65 -20.37 31.50
C PHE E 58 -11.67 -21.14 32.83
N ILE E 59 -11.78 -20.41 33.94
CA ILE E 59 -11.85 -21.05 35.26
C ILE E 59 -13.15 -21.84 35.40
N ASP E 60 -14.26 -21.28 34.92
CA ASP E 60 -15.57 -21.94 35.00
C ASP E 60 -15.48 -23.29 34.35
N ARG E 61 -14.75 -23.36 33.24
CA ARG E 61 -14.57 -24.61 32.52
C ARG E 61 -13.57 -25.59 33.15
N GLY E 62 -12.83 -25.20 34.18
CA GLY E 62 -11.89 -26.15 34.79
C GLY E 62 -10.45 -25.65 34.84
N GLY E 63 -10.16 -24.57 34.14
CA GLY E 63 -8.79 -24.12 34.05
C GLY E 63 -8.35 -23.36 35.28
N SER E 64 -7.05 -23.31 35.49
CA SER E 64 -6.49 -22.52 36.58
C SER E 64 -5.45 -21.53 36.11
N THR E 65 -4.50 -22.00 35.31
CA THR E 65 -3.29 -21.20 35.07
C THR E 65 -3.18 -20.74 33.61
N ILE E 66 -2.79 -19.47 33.43
CA ILE E 66 -2.48 -18.94 32.08
C ILE E 66 -1.11 -18.26 32.05
N VAL E 67 -0.27 -18.71 31.12
CA VAL E 67 1.05 -18.15 30.92
C VAL E 67 0.94 -17.09 29.81
N THR E 68 1.04 -15.83 30.21
CA THR E 68 0.96 -14.75 29.23
C THR E 68 2.33 -14.47 28.63
N MSE E 69 2.47 -14.81 27.35
CA MSE E 69 3.78 -14.79 26.73
C MSE E 69 4.08 -13.48 25.99
O MSE E 69 4.26 -13.47 24.79
CB MSE E 69 3.92 -15.96 25.76
CG MSE E 69 3.77 -17.30 26.45
SE MSE E 69 5.32 -17.61 27.66
CE MSE E 69 6.81 -16.70 26.69
N ASP E 70 4.15 -12.37 26.73
CA ASP E 70 4.59 -11.12 26.13
C ASP E 70 5.95 -10.71 26.69
N PRO E 71 6.93 -10.56 25.82
CA PRO E 71 8.25 -10.13 26.32
C PRO E 71 8.19 -8.63 26.60
N PRO E 72 9.10 -8.13 27.42
CA PRO E 72 9.01 -6.74 27.91
C PRO E 72 8.77 -5.76 26.78
N ASN E 73 9.48 -5.91 25.66
CA ASN E 73 9.43 -4.86 24.64
C ASN E 73 8.32 -5.01 23.60
N VAL E 74 7.50 -6.04 23.74
CA VAL E 74 6.45 -6.27 22.76
C VAL E 74 5.11 -6.48 23.44
N GLY E 75 4.45 -5.38 23.80
CA GLY E 75 3.09 -5.45 24.32
C GLY E 75 2.89 -5.61 25.82
N ARG E 76 3.90 -6.14 26.53
CA ARG E 76 3.77 -6.47 27.94
C ARG E 76 3.33 -5.30 28.81
N ASP E 77 2.45 -5.61 29.75
CA ASP E 77 1.94 -4.62 30.68
C ASP E 77 1.86 -5.28 32.04
N VAL E 78 2.84 -4.97 32.89
CA VAL E 78 2.92 -5.59 34.22
C VAL E 78 1.75 -5.14 35.10
N LEU E 79 1.47 -3.83 35.11
CA LEU E 79 0.45 -3.24 35.98
C LEU E 79 -0.97 -3.75 35.67
N LYS E 80 -1.33 -3.76 34.40
CA LYS E 80 -2.64 -4.22 34.06
C LYS E 80 -2.74 -5.75 34.22
N THR E 81 -1.66 -6.48 33.94
CA THR E 81 -1.75 -7.94 34.10
C THR E 81 -1.91 -8.30 35.57
N LEU E 82 -1.25 -7.54 36.43
CA LEU E 82 -1.34 -7.74 37.88
C LEU E 82 -2.77 -7.53 38.36
N GLU E 83 -3.44 -6.54 37.76
CA GLU E 83 -4.87 -6.34 38.06
C GLU E 83 -5.69 -7.60 37.76
N ILE E 84 -5.52 -8.14 36.56
CA ILE E 84 -6.18 -9.40 36.22
C ILE E 84 -5.87 -10.52 37.21
N ALA E 85 -4.59 -10.71 37.53
CA ALA E 85 -4.17 -11.85 38.35
C ALA E 85 -4.78 -11.70 39.74
N ASN E 86 -4.76 -10.49 40.28
CA ASN E 86 -5.40 -10.27 41.58
C ASN E 86 -6.91 -10.46 41.58
N ALA E 87 -7.55 -10.18 40.44
CA ALA E 87 -9.00 -10.34 40.37
C ALA E 87 -9.39 -11.83 40.39
N VAL E 88 -8.51 -12.72 39.96
CA VAL E 88 -8.91 -14.10 39.84
C VAL E 88 -8.22 -14.98 40.84
N LYS E 89 -7.38 -14.38 41.68
CA LYS E 89 -6.61 -15.18 42.61
C LYS E 89 -7.49 -15.95 43.60
N ASN E 90 -8.52 -15.30 44.16
CA ASN E 90 -9.40 -16.00 45.10
C ASN E 90 -10.21 -17.11 44.43
N LEU E 91 -10.24 -17.10 43.10
CA LEU E 91 -10.94 -18.11 42.32
C LEU E 91 -10.02 -19.28 41.95
N GLY E 92 -8.76 -19.21 42.36
CA GLY E 92 -7.78 -20.24 42.03
C GLY E 92 -6.99 -19.98 40.76
N GLY E 93 -7.19 -18.83 40.14
CA GLY E 93 -6.46 -18.51 38.91
C GLY E 93 -5.02 -18.09 39.14
N ASN E 94 -4.10 -18.52 38.25
CA ASN E 94 -2.68 -18.14 38.33
C ASN E 94 -2.21 -17.51 37.01
N VAL E 95 -1.38 -16.47 37.11
CA VAL E 95 -0.75 -15.86 35.94
C VAL E 95 0.80 -16.01 36.03
N ILE E 96 1.43 -16.56 34.99
CA ILE E 96 2.89 -16.53 34.92
C ILE E 96 3.21 -15.52 33.81
N MSE E 97 4.05 -14.54 34.10
CA MSE E 97 4.53 -13.63 33.04
C MSE E 97 5.95 -13.91 32.54
O MSE E 97 6.68 -14.66 33.15
CB MSE E 97 4.42 -12.17 33.47
CG MSE E 97 2.97 -11.73 33.65
SE MSE E 97 2.87 -9.89 34.24
CE MSE E 97 3.27 -8.87 32.57
N SER E 98 6.33 -13.29 31.42
CA SER E 98 7.53 -13.67 30.68
C SER E 98 8.54 -12.52 30.64
N THR E 99 9.84 -12.85 30.65
CA THR E 99 10.87 -11.89 30.28
C THR E 99 11.42 -12.29 28.89
N GLY E 100 12.51 -11.69 28.45
CA GLY E 100 13.14 -12.13 27.22
C GLY E 100 12.73 -11.34 26.00
N PHE E 101 12.68 -12.00 24.85
CA PHE E 101 12.56 -11.35 23.54
C PHE E 101 11.65 -12.08 22.58
N HIS E 102 11.11 -11.31 21.66
CA HIS E 102 10.35 -11.86 20.55
C HIS E 102 11.27 -12.06 19.34
N LYS E 103 10.74 -12.48 18.19
CA LYS E 103 11.57 -12.60 16.99
C LYS E 103 12.21 -11.25 16.62
N ALA E 104 13.28 -11.30 15.82
CA ALA E 104 14.07 -10.10 15.40
C ALA E 104 13.27 -9.03 14.66
N LYS E 105 12.17 -9.44 14.04
CA LYS E 105 11.43 -8.55 13.17
C LYS E 105 10.91 -7.41 14.03
N PHE E 106 10.70 -7.71 15.31
CA PHE E 106 10.18 -6.73 16.25
C PHE E 106 11.23 -5.84 16.96
N TYR E 107 12.50 -5.97 16.61
CA TYR E 107 13.54 -5.12 17.18
C TYR E 107 14.32 -4.40 16.08
N ASP E 108 14.69 -3.15 16.30
CA ASP E 108 15.52 -2.44 15.33
C ASP E 108 16.88 -3.12 15.18
N LYS E 109 17.19 -3.62 13.98
CA LYS E 109 18.39 -4.44 13.81
C LYS E 109 19.67 -3.62 13.93
N TYR E 110 19.54 -2.30 13.83
CA TYR E 110 20.68 -1.41 13.86
C TYR E 110 20.97 -0.91 15.26
N SER E 111 19.92 -0.52 15.99
CA SER E 111 20.16 0.26 17.21
C SER E 111 19.41 -0.23 18.44
N SER E 112 18.66 -1.33 18.31
CA SER E 112 17.89 -1.80 19.45
C SER E 112 18.84 -2.31 20.51
N TRP E 113 18.38 -2.43 21.75
CA TRP E 113 19.29 -2.95 22.77
C TRP E 113 19.68 -4.44 22.56
N LEU E 114 18.78 -5.23 21.97
CA LEU E 114 19.12 -6.63 21.66
C LEU E 114 20.31 -6.66 20.72
N ALA E 115 20.31 -5.73 19.76
CA ALA E 115 21.38 -5.71 18.75
C ALA E 115 22.71 -5.18 19.32
N VAL E 116 22.64 -4.17 20.15
CA VAL E 116 23.80 -3.40 20.56
C VAL E 116 24.38 -3.80 21.94
N VAL E 117 23.55 -4.23 22.88
CA VAL E 117 24.07 -4.49 24.24
C VAL E 117 24.70 -5.87 24.34
N PRO E 118 25.91 -5.96 24.93
CA PRO E 118 26.56 -7.27 25.06
C PRO E 118 25.64 -8.28 25.73
N THR E 119 25.61 -9.49 25.17
CA THR E 119 24.83 -10.62 25.68
C THR E 119 24.87 -10.79 27.20
N GLU E 120 26.05 -10.71 27.80
CA GLU E 120 26.18 -10.86 29.26
C GLU E 120 25.31 -9.84 30.02
N GLU E 121 25.31 -8.59 29.54
CA GLU E 121 24.50 -7.53 30.14
C GLU E 121 22.98 -7.76 29.99
N ILE E 122 22.55 -8.26 28.84
CA ILE E 122 21.15 -8.56 28.62
C ILE E 122 20.72 -9.70 29.53
N VAL E 123 21.62 -10.66 29.72
CA VAL E 123 21.33 -11.76 30.62
C VAL E 123 21.05 -11.21 32.02
N LYS E 124 21.91 -10.31 32.50
CA LYS E 124 21.74 -9.75 33.84
C LYS E 124 20.36 -9.13 33.96
N MSE E 125 19.90 -8.50 32.88
CA MSE E 125 18.61 -7.83 32.91
C MSE E 125 17.47 -8.84 32.94
O MSE E 125 16.47 -8.62 33.62
CB MSE E 125 18.44 -6.85 31.73
CG MSE E 125 19.26 -5.57 31.85
SE MSE E 125 18.95 -4.48 33.53
CE MSE E 125 17.13 -4.02 33.47
N CYS E 126 17.58 -9.93 32.20
CA CYS E 126 16.50 -10.93 32.22
C CYS E 126 16.51 -11.71 33.52
N VAL E 127 17.70 -11.99 34.03
CA VAL E 127 17.83 -12.62 35.34
C VAL E 127 17.14 -11.75 36.38
N ALA E 128 17.37 -10.44 36.28
CA ALA E 128 16.76 -9.53 37.25
C ALA E 128 15.22 -9.59 37.22
N GLU E 129 14.63 -9.75 36.03
CA GLU E 129 13.17 -9.87 36.01
C GLU E 129 12.71 -11.20 36.60
N ILE E 130 13.51 -12.24 36.46
CA ILE E 130 13.12 -13.54 37.04
C ILE E 130 13.26 -13.52 38.58
N GLU E 131 14.26 -12.79 39.09
CA GLU E 131 14.67 -12.97 40.50
C GLU E 131 14.45 -11.78 41.44
N GLU E 132 14.42 -10.57 40.88
CA GLU E 132 14.22 -9.35 41.66
C GLU E 132 12.83 -8.76 41.37
N GLY E 133 12.47 -8.61 40.10
CA GLY E 133 11.16 -8.12 39.76
C GLY E 133 11.13 -7.59 38.34
N MSE E 134 9.96 -7.66 37.69
CA MSE E 134 9.83 -7.14 36.33
C MSE E 134 9.88 -5.61 36.33
O MSE E 134 9.29 -4.98 37.19
CB MSE E 134 8.50 -7.57 35.71
CG MSE E 134 8.55 -9.00 35.15
SE MSE E 134 6.83 -9.74 34.60
CE MSE E 134 5.98 -9.66 36.38
N ASP E 135 10.57 -5.02 35.36
CA ASP E 135 10.48 -3.57 35.14
C ASP E 135 9.06 -3.15 34.76
N GLU E 136 8.43 -2.28 35.55
CA GLU E 136 7.11 -1.76 35.21
C GLU E 136 7.14 -0.92 33.92
N TYR E 137 8.33 -0.42 33.57
CA TYR E 137 8.51 0.31 32.32
C TYR E 137 8.95 -0.60 31.19
N ASN E 138 8.97 -1.91 31.47
CA ASN E 138 9.16 -2.94 30.45
C ASN E 138 10.44 -2.82 29.61
N TYR E 139 11.50 -2.32 30.25
CA TYR E 139 12.79 -2.24 29.60
C TYR E 139 12.72 -1.45 28.29
N ASN E 140 11.84 -0.47 28.22
N ASN E 140 11.86 -0.42 28.30
CA ASN E 140 11.72 0.36 27.02
CA ASN E 140 11.59 0.50 27.18
C ASN E 140 12.52 1.68 27.11
C ASN E 140 12.63 1.62 27.02
N GLY E 141 13.52 1.74 27.99
CA GLY E 141 14.39 2.90 28.07
C GLY E 141 15.29 2.82 29.29
N PRO E 142 16.02 3.91 29.60
CA PRO E 142 17.12 3.87 30.58
C PRO E 142 16.60 3.89 32.02
N VAL E 143 15.32 4.22 32.23
CA VAL E 143 14.77 4.27 33.58
C VAL E 143 14.06 2.95 33.90
N VAL E 144 14.40 2.34 35.04
CA VAL E 144 13.78 1.08 35.44
C VAL E 144 13.05 1.29 36.76
N LYS E 145 11.85 0.72 36.88
CA LYS E 145 11.13 0.72 38.15
C LYS E 145 10.58 -0.69 38.37
N ARG E 146 11.19 -1.45 39.27
CA ARG E 146 10.86 -2.88 39.35
C ARG E 146 9.60 -3.14 40.15
N SER E 147 8.76 -4.05 39.65
CA SER E 147 7.55 -4.48 40.35
C SER E 147 8.00 -5.46 41.43
N LYS E 148 7.09 -5.81 42.33
CA LYS E 148 7.34 -6.90 43.26
C LYS E 148 7.03 -8.22 42.57
N ALA E 149 6.20 -8.18 41.54
CA ALA E 149 5.97 -9.39 40.73
C ALA E 149 7.20 -9.80 39.90
N LYS E 150 7.53 -11.09 39.87
CA LYS E 150 8.62 -11.58 39.02
C LYS E 150 8.11 -12.37 37.83
N ALA E 151 8.91 -12.40 36.77
CA ALA E 151 8.58 -13.26 35.64
C ALA E 151 8.93 -14.73 35.99
N GLY E 152 8.19 -15.67 35.42
CA GLY E 152 8.44 -17.08 35.71
C GLY E 152 8.79 -17.95 34.52
N ILE E 153 9.12 -17.29 33.40
CA ILE E 153 9.49 -17.96 32.17
C ILE E 153 10.21 -16.91 31.27
N ILE E 154 11.05 -17.35 30.34
CA ILE E 154 11.71 -16.41 29.45
C ILE E 154 11.41 -16.85 28.04
N KCX E 155 11.34 -15.88 27.15
CA KCX E 155 10.92 -16.15 25.79
CB KCX E 155 9.75 -15.22 25.42
CG KCX E 155 8.99 -15.58 24.13
CD KCX E 155 7.98 -14.49 23.68
CE KCX E 155 7.00 -14.93 22.56
NZ KCX E 155 5.66 -14.57 22.91
C KCX E 155 12.02 -15.75 24.82
O KCX E 155 12.82 -14.91 25.13
CX KCX E 155 4.80 -14.74 21.77
OQ1 KCX E 155 5.11 -15.59 20.97
OQ2 KCX E 155 3.53 -14.11 21.76
N ALA E 156 12.00 -16.38 23.64
CA ALA E 156 12.80 -15.98 22.47
C ALA E 156 11.92 -16.26 21.25
N GLY E 157 12.34 -15.79 20.08
CA GLY E 157 11.51 -15.93 18.89
C GLY E 157 12.36 -16.10 17.66
N THR E 158 11.89 -16.88 16.70
CA THR E 158 12.63 -17.04 15.46
C THR E 158 11.72 -16.69 14.30
N GLY E 159 12.34 -16.31 13.18
CA GLY E 159 11.56 -15.78 12.09
C GLY E 159 11.23 -16.82 11.03
N TYR E 160 10.54 -16.39 9.96
CA TYR E 160 10.12 -17.31 8.90
C TYR E 160 11.28 -17.95 8.16
N GLY E 161 11.41 -19.27 8.32
CA GLY E 161 12.41 -20.07 7.63
C GLY E 161 13.87 -19.67 7.83
N ALA E 162 14.17 -19.01 8.94
CA ALA E 162 15.52 -18.55 9.18
C ALA E 162 15.65 -18.20 10.65
N ILE E 163 16.83 -18.43 11.22
CA ILE E 163 17.11 -17.96 12.56
C ILE E 163 18.11 -16.87 12.39
N ASP E 164 17.66 -15.65 12.68
CA ASP E 164 18.50 -14.47 12.47
C ASP E 164 19.63 -14.43 13.53
N ARG E 165 20.76 -13.80 13.21
CA ARG E 165 21.83 -13.70 14.19
C ARG E 165 21.32 -13.16 15.53
N LEU E 166 20.43 -12.17 15.48
CA LEU E 166 19.89 -11.57 16.72
C LEU E 166 18.98 -12.55 17.48
N GLU E 167 18.37 -13.45 16.73
CA GLU E 167 17.54 -14.51 17.30
C GLU E 167 18.39 -15.56 18.00
N LEU E 168 19.51 -15.93 17.37
CA LEU E 168 20.48 -16.81 18.03
C LEU E 168 21.01 -16.16 19.31
N LYS E 169 21.26 -14.85 19.24
CA LYS E 169 21.55 -14.07 20.43
C LYS E 169 20.49 -14.21 21.53
N ALA E 170 19.23 -13.93 21.17
CA ALA E 170 18.16 -14.07 22.14
C ALA E 170 18.06 -15.51 22.65
N LEU E 171 18.35 -16.50 21.80
CA LEU E 171 18.26 -17.89 22.27
C LEU E 171 19.34 -18.14 23.34
N GLU E 172 20.54 -17.58 23.13
CA GLU E 172 21.62 -17.65 24.09
C GLU E 172 21.22 -16.99 25.40
N VAL E 173 20.62 -15.82 25.28
CA VAL E 173 20.03 -15.15 26.43
C VAL E 173 19.01 -16.07 27.14
N ALA E 174 18.07 -16.64 26.41
CA ALA E 174 17.12 -17.56 27.04
C ALA E 174 17.82 -18.69 27.76
N ALA E 175 18.73 -19.37 27.06
CA ALA E 175 19.43 -20.50 27.64
C ALA E 175 20.21 -20.11 28.90
N ARG E 176 21.00 -19.03 28.84
CA ARG E 176 21.81 -18.63 30.01
C ARG E 176 20.95 -18.23 31.19
N THR E 177 19.86 -17.53 30.90
CA THR E 177 18.94 -17.10 31.96
C THR E 177 18.25 -18.30 32.62
N SER E 178 17.82 -19.25 31.80
CA SER E 178 17.24 -20.50 32.29
C SER E 178 18.29 -21.29 33.10
N ILE E 179 19.50 -21.33 32.58
CA ILE E 179 20.59 -22.05 33.26
C ILE E 179 20.80 -21.43 34.65
N LEU E 180 20.91 -20.10 34.70
CA LEU E 180 21.21 -19.39 35.95
C LEU E 180 20.08 -19.36 37.01
N THR E 181 18.82 -19.30 36.57
CA THR E 181 17.68 -19.12 37.47
C THR E 181 16.83 -20.36 37.68
N GLY E 182 16.93 -21.32 36.76
CA GLY E 182 16.14 -22.54 36.79
C GLY E 182 14.84 -22.41 36.00
N CYS E 183 14.60 -21.23 35.44
CA CYS E 183 13.29 -20.93 34.86
C CYS E 183 13.03 -21.63 33.53
N PRO E 184 11.74 -21.88 33.24
CA PRO E 184 11.42 -22.49 31.96
C PRO E 184 11.62 -21.53 30.76
N ILE E 185 11.58 -22.10 29.57
CA ILE E 185 11.76 -21.35 28.35
C ILE E 185 10.62 -21.68 27.41
N LEU E 186 10.11 -20.67 26.71
CA LEU E 186 9.25 -20.95 25.57
C LEU E 186 9.64 -20.09 24.38
N VAL E 187 9.66 -20.74 23.21
CA VAL E 187 10.09 -20.10 21.97
C VAL E 187 8.97 -20.04 20.91
N HIS E 188 8.70 -18.83 20.44
CA HIS E 188 7.84 -18.58 19.29
C HIS E 188 8.61 -18.99 18.02
N THR E 189 8.04 -19.91 17.22
CA THR E 189 8.58 -20.15 15.87
C THR E 189 7.61 -19.55 14.86
N GLN E 190 8.11 -19.10 13.72
CA GLN E 190 7.24 -18.43 12.77
C GLN E 190 6.73 -19.47 11.76
N LEU E 191 5.44 -19.74 11.77
CA LEU E 191 4.88 -20.81 10.96
C LEU E 191 5.49 -22.18 11.28
N GLY E 192 6.07 -22.32 12.47
CA GLY E 192 6.49 -23.64 12.91
C GLY E 192 7.77 -24.03 12.22
N THR E 193 8.47 -23.04 11.62
CA THR E 193 9.73 -23.34 10.96
C THR E 193 10.91 -23.26 11.97
N MSE E 194 11.98 -23.99 11.65
CA MSE E 194 13.25 -23.99 12.41
C MSE E 194 13.08 -24.51 13.86
O MSE E 194 13.93 -24.26 14.71
CB MSE E 194 13.85 -22.57 12.47
CG MSE E 194 14.00 -21.86 11.14
SE MSE E 194 15.13 -22.87 9.87
CE MSE E 194 16.89 -22.80 10.77
N ALA E 195 11.99 -25.23 14.11
CA ALA E 195 11.76 -25.76 15.47
C ALA E 195 12.88 -26.72 15.93
N LEU E 196 13.34 -27.56 15.02
CA LEU E 196 14.40 -28.52 15.36
C LEU E 196 15.69 -27.80 15.77
N GLU E 197 16.01 -26.74 15.05
CA GLU E 197 17.27 -26.01 15.24
C GLU E 197 17.21 -25.14 16.51
N VAL E 198 16.06 -24.51 16.75
CA VAL E 198 15.78 -23.88 18.04
C VAL E 198 16.08 -24.81 19.25
N ALA E 199 15.52 -26.01 19.24
CA ALA E 199 15.76 -26.98 20.31
C ALA E 199 17.25 -27.35 20.41
N LYS E 200 17.83 -27.73 19.27
CA LYS E 200 19.26 -28.04 19.20
C LYS E 200 20.13 -26.90 19.76
N HIS E 201 19.83 -25.65 19.39
CA HIS E 201 20.67 -24.55 19.85
C HIS E 201 20.54 -24.39 21.36
N LEU E 202 19.31 -24.41 21.85
CA LEU E 202 19.08 -24.21 23.28
C LEU E 202 19.82 -25.30 24.06
N ILE E 203 19.63 -26.56 23.67
CA ILE E 203 20.35 -27.64 24.30
C ILE E 203 21.86 -27.52 24.18
N GLY E 204 22.36 -27.21 22.99
CA GLY E 204 23.78 -26.92 22.80
C GLY E 204 24.39 -25.85 23.72
N PHE E 205 23.59 -24.85 24.12
CA PHE E 205 24.02 -23.84 25.07
C PHE E 205 24.05 -24.34 26.51
N GLY E 206 23.27 -25.37 26.83
CA GLY E 206 23.29 -25.92 28.18
C GLY E 206 21.92 -26.01 28.80
N ALA E 207 20.91 -25.50 28.08
CA ALA E 207 19.55 -25.54 28.59
C ALA E 207 19.05 -26.96 28.77
N ASN E 208 18.19 -27.16 29.77
CA ASN E 208 17.55 -28.45 30.00
C ASN E 208 16.34 -28.67 29.08
N PRO E 209 16.38 -29.73 28.27
CA PRO E 209 15.27 -29.97 27.32
C PRO E 209 13.95 -30.05 28.06
N ASP E 210 14.04 -30.50 29.31
CA ASP E 210 12.87 -30.66 30.14
C ASP E 210 12.15 -29.33 30.42
N LYS E 211 12.85 -28.23 30.24
CA LYS E 211 12.32 -26.91 30.57
C LYS E 211 11.91 -26.13 29.31
N ILE E 212 11.95 -26.77 28.14
CA ILE E 212 11.77 -26.07 26.86
C ILE E 212 10.45 -26.38 26.20
N GLN E 213 9.72 -25.32 25.87
CA GLN E 213 8.52 -25.42 25.06
C GLN E 213 8.77 -24.67 23.76
N ILE E 214 8.27 -25.22 22.65
CA ILE E 214 8.35 -24.51 21.37
C ILE E 214 6.92 -24.35 20.85
N SER E 215 6.53 -23.10 20.57
CA SER E 215 5.16 -22.76 20.18
C SER E 215 5.02 -22.66 18.68
N HIS E 216 3.79 -22.84 18.22
CA HIS E 216 3.36 -22.59 16.82
C HIS E 216 3.63 -23.68 15.81
N LEU E 217 3.95 -24.89 16.27
CA LEU E 217 4.15 -26.01 15.36
C LEU E 217 2.89 -26.34 14.59
N ASN E 218 1.75 -26.00 15.17
CA ASN E 218 0.48 -26.13 14.44
C ASN E 218 0.47 -25.48 13.04
N LYS E 219 1.31 -24.47 12.83
CA LYS E 219 1.29 -23.77 11.54
C LYS E 219 2.19 -24.43 10.50
N ASN E 220 2.84 -25.53 10.92
CA ASN E 220 3.63 -26.37 10.05
C ASN E 220 3.15 -27.81 10.31
N PRO E 221 2.02 -28.20 9.70
CA PRO E 221 1.32 -29.43 10.13
C PRO E 221 1.93 -30.69 9.49
N ASP E 222 3.10 -31.05 10.01
CA ASP E 222 3.91 -32.10 9.45
C ASP E 222 4.15 -33.05 10.62
N LYS E 223 3.34 -34.11 10.71
CA LYS E 223 3.41 -35.00 11.89
C LYS E 223 4.76 -35.67 12.03
N TYR E 224 5.42 -35.91 10.92
CA TYR E 224 6.74 -36.52 10.90
C TYR E 224 7.73 -35.57 11.57
N TYR E 225 7.62 -34.30 11.21
CA TYR E 225 8.51 -33.29 11.77
C TYR E 225 8.27 -33.15 13.26
N TYR E 226 7.00 -33.13 13.68
CA TYR E 226 6.71 -33.02 15.11
C TYR E 226 7.44 -34.12 15.89
N GLU E 227 7.26 -35.35 15.40
CA GLU E 227 7.85 -36.53 16.05
C GLU E 227 9.39 -36.47 16.03
N LYS E 228 9.95 -36.04 14.91
CA LYS E 228 11.39 -35.85 14.83
C LYS E 228 11.91 -34.88 15.90
N VAL E 229 11.25 -33.74 16.05
CA VAL E 229 11.72 -32.71 16.97
C VAL E 229 11.70 -33.25 18.40
N ILE E 230 10.58 -33.87 18.75
CA ILE E 230 10.42 -34.47 20.07
C ILE E 230 11.41 -35.60 20.34
N LYS E 231 11.52 -36.57 19.43
CA LYS E 231 12.37 -37.73 19.68
C LYS E 231 13.86 -37.34 19.65
N GLU E 232 14.25 -36.41 18.79
CA GLU E 232 15.66 -36.02 18.74
C GLU E 232 16.10 -35.13 19.90
N THR E 233 15.19 -34.36 20.48
CA THR E 233 15.59 -33.35 21.46
C THR E 233 14.94 -33.42 22.84
N GLY E 234 13.78 -34.06 22.93
CA GLY E 234 13.09 -34.17 24.20
C GLY E 234 12.36 -32.90 24.62
N VAL E 235 12.29 -31.92 23.75
CA VAL E 235 11.54 -30.72 24.12
C VAL E 235 10.04 -31.00 24.02
N THR E 236 9.26 -30.00 24.40
CA THR E 236 7.81 -30.05 24.41
C THR E 236 7.25 -29.07 23.38
N LEU E 237 6.24 -29.52 22.64
CA LEU E 237 5.57 -28.70 21.62
C LEU E 237 4.31 -28.12 22.21
N CYS E 238 4.26 -26.80 22.33
CA CYS E 238 3.06 -26.13 22.81
C CYS E 238 2.22 -25.74 21.59
N PHE E 239 1.07 -26.39 21.39
CA PHE E 239 0.24 -26.09 20.23
C PHE E 239 -0.75 -24.99 20.54
N ASP E 240 -0.84 -24.01 19.65
CA ASP E 240 -2.09 -23.26 19.58
C ASP E 240 -2.80 -23.80 18.33
N GLY E 241 -3.74 -23.06 17.74
CA GLY E 241 -4.43 -23.55 16.54
C GLY E 241 -5.95 -23.66 16.55
N PRO E 242 -6.57 -23.97 17.71
CA PRO E 242 -8.04 -24.03 17.74
C PRO E 242 -8.67 -22.71 17.30
N ASP E 243 -9.71 -22.80 16.46
CA ASP E 243 -10.36 -21.63 15.85
C ASP E 243 -9.40 -20.59 15.18
N ARG E 244 -8.51 -21.10 14.33
CA ARG E 244 -7.64 -20.28 13.48
C ARG E 244 -7.73 -20.77 12.04
N VAL E 245 -8.93 -20.72 11.49
CA VAL E 245 -9.25 -21.36 10.21
C VAL E 245 -8.48 -20.74 9.03
N LYS E 246 -8.15 -19.45 9.09
CA LYS E 246 -7.30 -18.86 8.03
C LYS E 246 -5.91 -19.55 7.92
N TYR E 247 -5.51 -20.31 8.94
CA TYR E 247 -4.30 -21.15 8.82
C TYR E 247 -4.65 -22.57 8.42
N TYR E 248 -5.30 -23.29 9.34
CA TYR E 248 -5.58 -24.73 9.22
C TYR E 248 -6.85 -25.07 10.01
N PRO E 249 -7.60 -26.10 9.58
CA PRO E 249 -8.81 -26.48 10.33
C PRO E 249 -8.49 -27.09 11.68
N ASP E 250 -9.43 -27.07 12.64
CA ASP E 250 -9.21 -27.77 13.93
C ASP E 250 -8.88 -29.25 13.72
N SER E 251 -9.50 -29.86 12.73
CA SER E 251 -9.37 -31.29 12.54
C SER E 251 -7.93 -31.66 12.26
N LEU E 252 -7.19 -30.76 11.61
CA LEU E 252 -5.84 -31.09 11.20
C LEU E 252 -4.97 -31.23 12.43
N LEU E 253 -5.09 -30.28 13.35
CA LEU E 253 -4.34 -30.36 14.58
C LEU E 253 -4.77 -31.57 15.44
N ALA E 254 -6.07 -31.82 15.54
CA ALA E 254 -6.56 -32.97 16.34
C ALA E 254 -5.94 -34.26 15.83
N GLU E 255 -5.88 -34.43 14.52
CA GLU E 255 -5.31 -35.67 14.00
C GLU E 255 -3.80 -35.76 14.17
N ASN E 256 -3.10 -34.64 14.04
CA ASN E 256 -1.66 -34.67 14.29
C ASN E 256 -1.34 -34.89 15.78
N ILE E 257 -2.18 -34.38 16.65
CA ILE E 257 -1.99 -34.67 18.07
C ILE E 257 -2.24 -36.19 18.35
N LYS E 258 -3.31 -36.73 17.79
CA LYS E 258 -3.57 -38.18 17.87
C LYS E 258 -2.34 -39.00 17.41
N TYR E 259 -1.74 -38.64 16.28
CA TYR E 259 -0.57 -39.36 15.78
C TYR E 259 0.53 -39.39 16.84
N LEU E 260 0.86 -38.22 17.37
CA LEU E 260 1.94 -38.10 18.35
C LEU E 260 1.64 -38.94 19.58
N VAL E 261 0.37 -38.94 19.99
CA VAL E 261 -0.06 -39.72 21.15
C VAL E 261 0.08 -41.22 20.79
N ASP E 262 -0.39 -41.61 19.61
CA ASP E 262 -0.25 -42.99 19.18
C ASP E 262 1.21 -43.46 19.10
N LYS E 263 2.14 -42.51 18.97
CA LYS E 263 3.54 -42.84 18.87
C LYS E 263 4.19 -42.77 20.25
N GLY E 264 3.39 -42.65 21.31
CA GLY E 264 3.90 -42.61 22.67
C GLY E 264 4.51 -41.29 23.12
N LEU E 265 4.13 -40.20 22.48
CA LEU E 265 4.79 -38.93 22.77
C LEU E 265 3.87 -37.97 23.53
N GLN E 266 2.87 -38.52 24.24
CA GLN E 266 1.89 -37.65 24.88
C GLN E 266 2.46 -36.80 26.03
N LYS E 267 3.59 -37.20 26.60
CA LYS E 267 4.18 -36.37 27.64
C LYS E 267 4.87 -35.10 27.08
N HIS E 268 4.92 -34.93 25.76
CA HIS E 268 5.66 -33.80 25.16
C HIS E 268 4.80 -32.78 24.41
N ILE E 269 3.57 -32.62 24.88
CA ILE E 269 2.58 -31.80 24.17
C ILE E 269 1.86 -30.92 25.18
N THR E 270 1.86 -29.61 24.94
CA THR E 270 0.98 -28.75 25.73
C THR E 270 0.03 -28.00 24.82
N LEU E 271 -1.00 -27.42 25.44
CA LEU E 271 -2.02 -26.69 24.69
C LEU E 271 -2.09 -25.21 25.11
N SER E 272 -2.61 -24.39 24.21
CA SER E 272 -2.75 -22.94 24.38
C SER E 272 -3.81 -22.43 23.40
N LEU E 273 -4.30 -21.22 23.60
CA LEU E 273 -5.11 -20.58 22.55
C LEU E 273 -4.29 -19.49 21.82
N ASP E 274 -3.30 -18.90 22.49
CA ASP E 274 -2.56 -17.79 21.89
C ASP E 274 -3.57 -16.76 21.32
N ALA E 275 -4.46 -16.30 22.19
CA ALA E 275 -5.51 -15.37 21.80
C ALA E 275 -4.95 -13.93 21.85
N GLY E 276 -4.08 -13.64 20.89
CA GLY E 276 -3.31 -12.42 20.91
C GLY E 276 -3.76 -11.41 19.88
N ARG E 277 -4.98 -11.56 19.37
CA ARG E 277 -5.70 -10.49 18.66
C ARG E 277 -7.02 -10.22 19.37
N ILE E 278 -7.55 -9.02 19.25
CA ILE E 278 -8.75 -8.64 19.98
C ILE E 278 -9.99 -9.50 19.66
N LEU E 279 -10.07 -10.05 18.46
CA LEU E 279 -11.24 -10.87 18.11
C LEU E 279 -11.10 -12.36 18.49
N TYR E 280 -10.02 -12.70 19.19
CA TYR E 280 -9.75 -14.11 19.55
C TYR E 280 -10.17 -14.47 20.99
N GLN E 281 -10.86 -13.54 21.65
CA GLN E 281 -11.50 -13.80 22.92
C GLN E 281 -12.96 -13.39 22.82
N ARG E 282 -13.83 -14.09 23.53
CA ARG E 282 -15.28 -13.79 23.51
C ARG E 282 -15.62 -12.42 24.10
N ASN E 283 -15.09 -12.11 25.27
CA ASN E 283 -15.44 -10.86 25.91
C ASN E 283 -14.86 -9.64 25.22
N TYR E 284 -13.60 -9.74 24.83
CA TYR E 284 -13.01 -8.74 23.95
C TYR E 284 -13.85 -8.54 22.68
N GLY E 285 -14.39 -9.64 22.14
CA GLY E 285 -15.20 -9.53 20.93
C GLY E 285 -16.44 -8.68 21.13
N LEU E 286 -17.06 -8.88 22.29
CA LEU E 286 -18.27 -8.16 22.67
C LEU E 286 -18.01 -6.67 22.74
N THR E 287 -16.87 -6.29 23.27
CA THR E 287 -16.47 -4.86 23.26
C THR E 287 -16.37 -4.31 21.83
N LYS E 288 -16.22 -5.19 20.83
CA LYS E 288 -16.17 -4.74 19.45
C LYS E 288 -17.49 -5.01 18.71
N GLY E 289 -18.54 -5.37 19.45
CA GLY E 289 -19.86 -5.60 18.86
C GLY E 289 -19.92 -6.87 18.04
N LYS E 290 -19.12 -7.87 18.43
CA LYS E 290 -19.07 -9.11 17.67
C LYS E 290 -19.20 -10.35 18.56
N GLN E 291 -19.79 -11.40 17.98
CA GLN E 291 -19.79 -12.73 18.61
C GLN E 291 -18.55 -13.46 18.11
N THR E 292 -17.68 -13.84 19.05
CA THR E 292 -16.42 -14.52 18.72
C THR E 292 -16.18 -15.62 19.75
N PHE E 293 -15.27 -16.53 19.45
CA PHE E 293 -14.85 -17.55 20.40
C PHE E 293 -13.58 -17.12 21.09
N GLY E 294 -13.36 -17.68 22.28
CA GLY E 294 -12.22 -17.36 23.11
C GLY E 294 -11.81 -18.58 23.91
N LEU E 295 -11.40 -18.36 25.15
CA LEU E 295 -10.75 -19.39 25.93
C LEU E 295 -11.68 -20.60 26.17
N ALA E 296 -12.98 -20.37 26.36
CA ALA E 296 -13.91 -21.49 26.64
C ALA E 296 -13.99 -22.49 25.50
N TYR E 297 -13.76 -22.01 24.28
CA TYR E 297 -13.75 -22.84 23.06
C TYR E 297 -12.87 -24.06 23.20
N LEU E 298 -11.72 -23.91 23.89
CA LEU E 298 -10.82 -25.03 24.16
C LEU E 298 -11.57 -26.22 24.78
N PHE E 299 -12.41 -25.93 25.78
CA PHE E 299 -13.16 -26.96 26.50
C PHE E 299 -14.49 -27.30 25.82
N ASP E 300 -15.13 -26.31 25.22
CA ASP E 300 -16.47 -26.53 24.63
C ASP E 300 -16.39 -27.25 23.27
N ARG E 301 -15.27 -27.10 22.59
CA ARG E 301 -15.18 -27.58 21.21
C ARG E 301 -13.90 -28.38 20.93
N PHE E 302 -12.73 -27.86 21.30
CA PHE E 302 -11.53 -28.55 20.85
C PHE E 302 -11.24 -29.85 21.61
N LEU E 303 -11.34 -29.83 22.94
CA LEU E 303 -11.05 -31.06 23.68
C LEU E 303 -12.04 -32.17 23.31
N PRO E 304 -13.33 -31.83 23.15
CA PRO E 304 -14.25 -32.86 22.65
C PRO E 304 -13.82 -33.41 21.29
N LEU E 305 -13.24 -32.57 20.43
CA LEU E 305 -12.76 -33.04 19.13
C LEU E 305 -11.56 -33.99 19.30
N LEU E 306 -10.67 -33.67 20.22
CA LEU E 306 -9.57 -34.57 20.54
C LEU E 306 -10.10 -35.97 20.90
N LYS E 307 -11.11 -35.99 21.76
CA LYS E 307 -11.71 -37.27 22.20
C LYS E 307 -12.35 -37.98 21.03
N GLN E 308 -13.11 -37.25 20.24
CA GLN E 308 -13.72 -37.80 19.01
C GLN E 308 -12.72 -38.46 18.06
N VAL E 309 -11.53 -37.86 17.91
CA VAL E 309 -10.57 -38.47 17.00
C VAL E 309 -9.78 -39.58 17.66
N GLY E 310 -10.03 -39.83 18.95
CA GLY E 310 -9.47 -40.99 19.64
C GLY E 310 -8.33 -40.76 20.62
N VAL E 311 -8.13 -39.52 21.05
CA VAL E 311 -7.12 -39.25 22.06
C VAL E 311 -7.75 -39.56 23.41
N SER E 312 -7.04 -40.33 24.24
CA SER E 312 -7.57 -40.77 25.54
C SER E 312 -7.67 -39.64 26.55
N LYS E 313 -8.51 -39.86 27.57
CA LYS E 313 -8.60 -38.96 28.71
C LYS E 313 -7.27 -38.78 29.41
N GLU E 314 -6.52 -39.88 29.49
CA GLU E 314 -5.22 -39.88 30.15
C GLU E 314 -4.27 -38.96 29.41
N ALA E 315 -4.24 -39.05 28.09
CA ALA E 315 -3.29 -38.24 27.32
C ALA E 315 -3.71 -36.77 27.39
N ILE E 316 -5.02 -36.53 27.41
CA ILE E 316 -5.51 -35.18 27.56
C ILE E 316 -5.14 -34.63 28.92
N PHE E 317 -5.18 -35.48 29.94
CA PHE E 317 -4.79 -35.05 31.29
C PHE E 317 -3.27 -34.68 31.35
N ASP E 318 -2.43 -35.48 30.71
CA ASP E 318 -1.02 -35.13 30.55
C ASP E 318 -0.91 -33.77 29.87
N ILE E 319 -1.66 -33.58 28.79
CA ILE E 319 -1.47 -32.36 27.99
C ILE E 319 -1.80 -31.13 28.81
N LEU E 320 -2.92 -31.21 29.54
CA LEU E 320 -3.45 -30.07 30.26
C LEU E 320 -2.80 -29.85 31.62
N VAL E 321 -2.41 -30.93 32.28
CA VAL E 321 -2.02 -30.84 33.69
C VAL E 321 -0.59 -31.29 33.96
N ASN E 322 -0.29 -32.57 33.70
CA ASN E 322 1.02 -33.16 34.00
C ASN E 322 2.20 -32.59 33.20
N ASN E 323 2.01 -32.40 31.90
CA ASN E 323 3.07 -31.84 31.11
C ASN E 323 3.45 -30.42 31.55
N PRO E 324 2.45 -29.52 31.73
CA PRO E 324 2.79 -28.17 32.23
C PRO E 324 3.38 -28.20 33.63
N LYS E 325 2.96 -29.19 34.42
CA LYS E 325 3.46 -29.32 35.80
C LYS E 325 4.98 -29.56 35.76
N ARG E 326 5.42 -30.22 34.70
CA ARG E 326 6.81 -30.57 34.47
C ARG E 326 7.58 -29.45 33.79
N VAL E 327 7.09 -28.99 32.64
CA VAL E 327 7.87 -28.03 31.86
C VAL E 327 7.94 -26.65 32.50
N LEU E 328 6.96 -26.29 33.32
CA LEU E 328 6.98 -24.96 33.98
C LEU E 328 7.66 -24.97 35.35
N ALA E 329 8.04 -26.15 35.86
CA ALA E 329 8.68 -26.21 37.18
C ALA E 329 10.09 -25.60 37.11
N PHE E 330 10.48 -24.80 38.10
CA PHE E 330 11.86 -24.34 38.12
C PHE E 330 12.84 -25.48 38.36
N ASP E 331 13.97 -25.44 37.65
CA ASP E 331 15.11 -26.29 37.99
C ASP E 331 15.88 -25.65 39.11
N GLU E 332 16.77 -26.43 39.73
CA GLU E 332 17.80 -25.83 40.58
C GLU E 332 18.71 -24.90 39.76
N LYS E 333 19.18 -23.81 40.37
CA LYS E 333 20.13 -22.90 39.75
C LYS E 333 21.48 -23.58 39.45
N ARG E 334 22.13 -23.17 38.36
CA ARG E 334 23.42 -23.75 37.98
C ARG E 334 24.28 -22.59 37.53
N ASN E 335 25.58 -22.84 37.43
CA ASN E 335 26.50 -21.89 36.81
C ASN E 335 26.50 -22.11 35.30
N PHE E 336 26.68 -21.03 34.56
CA PHE E 336 26.76 -21.17 33.13
C PHE E 336 28.23 -21.38 32.79
N ASP E 337 28.53 -22.42 32.04
CA ASP E 337 29.91 -22.69 31.63
C ASP E 337 30.03 -22.64 30.13
N PRO E 338 30.63 -21.56 29.63
CA PRO E 338 30.89 -21.43 28.18
C PRO E 338 31.58 -22.64 27.57
N LEU E 339 32.37 -23.38 28.35
CA LEU E 339 33.13 -24.47 27.75
C LEU E 339 32.28 -25.70 27.48
N LYS E 340 31.05 -25.72 27.97
CA LYS E 340 30.14 -26.80 27.66
C LYS E 340 29.25 -26.51 26.40
N VAL E 341 29.44 -25.35 25.78
CA VAL E 341 28.61 -25.00 24.64
C VAL E 341 29.02 -25.86 23.43
N SER E 342 28.05 -26.49 22.76
CA SER E 342 28.34 -27.42 21.66
C SER E 342 29.18 -26.77 20.57
N LYS E 343 29.91 -27.57 19.81
CA LYS E 343 30.72 -27.02 18.72
C LYS E 343 29.83 -26.49 17.59
N GLU E 344 28.74 -27.21 17.33
CA GLU E 344 27.79 -26.81 16.28
C GLU E 344 27.33 -25.38 16.52
N VAL E 345 27.06 -25.07 17.79
CA VAL E 345 26.56 -23.74 18.19
C VAL E 345 27.65 -22.68 18.08
N LEU E 346 28.84 -23.03 18.56
CA LEU E 346 29.98 -22.11 18.47
C LEU E 346 30.31 -21.83 17.01
N GLU E 347 30.35 -22.86 16.18
CA GLU E 347 30.63 -22.60 14.77
C GLU E 347 29.56 -21.73 14.12
N LEU E 348 28.29 -21.93 14.48
CA LEU E 348 27.22 -21.06 13.97
C LEU E 348 27.37 -19.61 14.45
N LYS E 349 27.69 -19.42 15.72
CA LYS E 349 27.90 -18.05 16.22
C LYS E 349 29.01 -17.35 15.42
N LYS E 350 30.03 -18.09 15.03
CA LYS E 350 31.13 -17.50 14.25
C LYS E 350 30.67 -17.12 12.83
N GLU E 351 29.96 -18.05 12.19
CA GLU E 351 29.34 -17.80 10.88
C GLU E 351 28.41 -16.59 10.93
N LEU E 352 27.67 -16.40 12.04
CA LEU E 352 26.73 -15.29 12.16
C LEU E 352 27.31 -14.03 12.82
N ASN E 353 28.65 -13.94 12.89
CA ASN E 353 29.32 -12.78 13.51
C ASN E 353 28.84 -12.41 14.92
N LEU E 354 28.60 -13.39 15.78
CA LEU E 354 28.09 -13.06 17.10
C LEU E 354 29.14 -12.97 18.23
N ASN E 355 30.42 -12.96 17.90
CA ASN E 355 31.42 -12.99 18.98
C ASN E 355 32.60 -12.04 18.78
N ASN F 5 17.94 27.60 -45.01
CA ASN F 5 17.87 26.19 -45.46
C ASN F 5 17.92 25.11 -44.38
N LYS F 6 17.56 25.46 -43.15
CA LYS F 6 17.54 24.48 -42.08
C LYS F 6 16.31 23.62 -42.21
N PHE F 7 16.44 22.37 -41.79
CA PHE F 7 15.29 21.51 -41.73
C PHE F 7 15.01 20.96 -40.31
N ALA F 8 13.77 20.52 -40.11
CA ALA F 8 13.38 19.71 -38.96
C ALA F 8 12.96 18.31 -39.45
N ARG F 9 13.19 17.29 -38.63
CA ARG F 9 12.92 15.91 -39.07
C ARG F 9 11.59 15.38 -38.51
N THR F 10 10.52 15.46 -39.32
CA THR F 10 9.23 14.92 -38.90
C THR F 10 9.15 13.44 -39.29
N VAL F 11 8.16 12.75 -38.76
CA VAL F 11 7.97 11.33 -39.06
C VAL F 11 7.55 11.13 -40.52
N LEU F 12 7.14 12.20 -41.19
CA LEU F 12 6.82 12.09 -42.60
C LEU F 12 7.93 12.72 -43.42
N GLY F 13 9.05 13.04 -42.80
CA GLY F 13 10.15 13.55 -43.60
C GLY F 13 10.73 14.86 -43.11
N ASP F 14 11.91 15.19 -43.63
CA ASP F 14 12.50 16.50 -43.39
C ASP F 14 11.62 17.61 -43.96
N ILE F 15 11.34 18.63 -43.14
CA ILE F 15 10.66 19.83 -43.61
C ILE F 15 11.51 21.08 -43.40
N PRO F 16 11.26 22.10 -44.22
CA PRO F 16 11.92 23.37 -43.95
C PRO F 16 11.43 23.91 -42.60
N VAL F 17 12.33 24.43 -41.77
CA VAL F 17 11.94 24.98 -40.45
C VAL F 17 10.83 26.05 -40.53
N GLU F 18 10.73 26.76 -41.66
CA GLU F 18 9.68 27.73 -41.85
C GLU F 18 8.32 27.08 -41.86
N LYS F 19 8.26 25.75 -41.99
CA LYS F 19 6.99 25.02 -41.96
C LYS F 19 6.58 24.52 -40.55
N LEU F 20 7.47 24.70 -39.58
CA LEU F 20 7.16 24.35 -38.20
C LEU F 20 5.95 25.11 -37.68
N GLY F 21 5.83 26.39 -38.00
CA GLY F 21 4.76 27.21 -37.42
C GLY F 21 4.71 27.15 -35.88
N ILE F 22 3.54 27.31 -35.31
CA ILE F 22 3.38 27.28 -33.85
C ILE F 22 3.62 25.87 -33.37
N THR F 23 4.56 25.71 -32.43
CA THR F 23 5.10 24.41 -32.10
C THR F 23 4.97 24.13 -30.61
N ASP F 24 4.33 23.03 -30.30
CA ASP F 24 4.17 22.52 -28.96
C ASP F 24 5.36 21.59 -28.77
N CYS F 25 6.33 22.01 -27.96
CA CYS F 25 7.63 21.30 -27.89
C CYS F 25 7.73 20.05 -26.97
N HIS F 26 6.66 19.68 -26.29
CA HIS F 26 6.71 18.47 -25.49
C HIS F 26 5.30 18.01 -25.21
N ASP F 27 4.89 16.96 -25.89
CA ASP F 27 3.54 16.48 -25.70
C ASP F 27 3.44 15.02 -26.04
N HIS F 28 2.21 14.51 -26.09
CA HIS F 28 1.99 13.08 -26.20
C HIS F 28 0.65 12.85 -26.79
N PHE F 29 0.46 11.70 -27.42
CA PHE F 29 -0.85 11.25 -27.78
C PHE F 29 -0.98 9.80 -27.45
N ILE F 30 0.00 8.99 -27.87
CA ILE F 30 -0.06 7.55 -27.64
C ILE F 30 1.03 7.14 -26.67
N LYS F 31 0.62 6.48 -25.58
CA LYS F 31 1.54 5.92 -24.63
C LYS F 31 1.14 4.46 -24.51
N ASN F 32 1.85 3.60 -25.21
CA ASN F 32 1.42 2.24 -25.33
C ASN F 32 2.16 1.40 -24.30
N GLY F 33 1.63 1.30 -23.09
CA GLY F 33 2.25 0.46 -22.08
C GLY F 33 3.57 1.04 -21.65
N GLY F 34 4.46 0.18 -21.16
CA GLY F 34 5.76 0.64 -20.68
C GLY F 34 5.75 0.96 -19.18
N PRO F 35 6.92 1.34 -18.64
CA PRO F 35 7.12 1.49 -17.18
C PRO F 35 6.25 2.56 -16.54
N GLU F 36 5.94 3.62 -17.29
CA GLU F 36 5.07 4.69 -16.79
C GLU F 36 3.70 4.16 -16.49
N VAL F 37 3.19 3.33 -17.39
CA VAL F 37 1.84 2.83 -17.26
C VAL F 37 1.75 1.96 -16.01
N GLU F 38 2.89 1.41 -15.60
CA GLU F 38 2.99 0.62 -14.38
C GLU F 38 2.77 1.45 -13.11
N GLU F 39 3.06 2.76 -13.21
CA GLU F 39 2.82 3.69 -12.11
C GLU F 39 1.35 4.10 -11.92
N HIS F 40 0.62 4.21 -13.02
CA HIS F 40 -0.77 4.61 -12.96
C HIS F 40 -1.45 4.30 -14.29
N ILE F 41 -2.61 3.64 -14.24
CA ILE F 41 -3.40 3.36 -15.43
C ILE F 41 -3.66 4.61 -16.28
N ASP F 42 -3.69 5.79 -15.66
CA ASP F 42 -3.92 7.06 -16.38
C ASP F 42 -2.83 7.37 -17.46
N PHE F 43 -1.63 6.79 -17.33
CA PHE F 43 -0.58 6.90 -18.35
C PHE F 43 -0.83 6.06 -19.60
N LEU F 44 -1.81 5.17 -19.55
CA LEU F 44 -2.14 4.37 -20.70
C LEU F 44 -3.03 5.19 -21.67
N MSE F 45 -2.52 5.42 -22.88
CA MSE F 45 -3.21 6.29 -23.82
C MSE F 45 -3.18 5.67 -25.21
O MSE F 45 -2.15 5.67 -25.87
CB MSE F 45 -2.57 7.68 -23.83
CG MSE F 45 -2.63 8.39 -22.47
SE MSE F 45 -1.67 10.12 -22.40
CE MSE F 45 -2.84 11.22 -23.56
N LEU F 46 -4.32 5.13 -25.65
CA LEU F 46 -4.27 4.22 -26.79
C LEU F 46 -5.21 4.61 -27.90
N ASN F 47 -5.73 5.83 -27.88
CA ASN F 47 -6.87 6.13 -28.74
C ASN F 47 -6.47 7.09 -29.86
N VAL F 48 -6.24 6.50 -31.04
CA VAL F 48 -5.91 7.27 -32.21
C VAL F 48 -6.98 8.32 -32.59
N ASP F 49 -8.25 7.94 -32.56
CA ASP F 49 -9.31 8.87 -32.96
C ASP F 49 -9.42 10.06 -32.02
N ALA F 50 -9.33 9.79 -30.72
CA ALA F 50 -9.33 10.88 -29.73
C ALA F 50 -8.11 11.79 -29.91
N SER F 51 -6.97 11.17 -30.26
CA SER F 51 -5.73 11.91 -30.47
C SER F 51 -5.84 12.87 -31.67
N ILE F 52 -6.33 12.33 -32.78
CA ILE F 52 -6.61 13.13 -33.98
C ILE F 52 -7.52 14.33 -33.73
N LYS F 53 -8.62 14.12 -33.03
CA LYS F 53 -9.53 15.22 -32.75
C LYS F 53 -8.85 16.30 -31.96
N GLU F 54 -8.00 15.90 -31.02
CA GLU F 54 -7.33 16.87 -30.17
C GLU F 54 -6.34 17.65 -31.00
N PHE F 55 -5.62 16.94 -31.86
CA PHE F 55 -4.64 17.56 -32.77
C PHE F 55 -5.36 18.61 -33.61
N LYS F 56 -6.55 18.23 -34.08
CA LYS F 56 -7.33 19.16 -34.92
C LYS F 56 -7.78 20.40 -34.19
N GLU F 57 -8.08 20.28 -32.89
CA GLU F 57 -8.38 21.52 -32.13
C GLU F 57 -7.14 22.41 -32.01
N PHE F 58 -6.00 21.77 -31.77
CA PHE F 58 -4.73 22.48 -31.70
C PHE F 58 -4.50 23.25 -33.00
N ILE F 59 -4.70 22.58 -34.14
CA ILE F 59 -4.53 23.22 -35.45
C ILE F 59 -5.56 24.32 -35.68
N ASP F 60 -6.82 24.04 -35.33
CA ASP F 60 -7.88 25.04 -35.42
C ASP F 60 -7.50 26.31 -34.66
N ARG F 61 -6.80 26.18 -33.52
CA ARG F 61 -6.36 27.36 -32.79
C ARG F 61 -5.13 28.06 -33.37
N GLY F 62 -4.49 27.45 -34.36
CA GLY F 62 -3.32 28.09 -34.99
C GLY F 62 -2.04 27.29 -34.90
N GLY F 63 -2.08 26.17 -34.18
CA GLY F 63 -0.88 25.37 -34.01
C GLY F 63 -0.58 24.53 -35.23
N SER F 64 0.69 24.15 -35.39
CA SER F 64 1.10 23.23 -36.47
C SER F 64 1.85 21.96 -36.03
N THR F 65 2.84 22.11 -35.17
CA THR F 65 3.79 21.02 -34.93
C THR F 65 3.69 20.55 -33.48
N ILE F 66 3.75 19.25 -33.25
CA ILE F 66 3.78 18.74 -31.88
C ILE F 66 4.93 17.77 -31.78
N VAL F 67 5.83 17.99 -30.83
CA VAL F 67 6.94 17.10 -30.67
C VAL F 67 6.53 16.05 -29.61
N THR F 68 6.35 14.81 -29.99
CA THR F 68 5.90 13.79 -29.03
C THR F 68 7.14 13.19 -28.34
N MSE F 69 7.35 13.52 -27.08
CA MSE F 69 8.58 13.12 -26.40
C MSE F 69 8.49 11.76 -25.72
O MSE F 69 8.61 11.68 -24.52
CB MSE F 69 9.01 14.16 -25.37
CG MSE F 69 9.36 15.51 -25.99
SE MSE F 69 10.81 15.44 -27.32
CE MSE F 69 12.08 14.22 -26.35
N ASP F 70 8.26 10.69 -26.48
CA ASP F 70 8.36 9.36 -25.87
C ASP F 70 9.59 8.63 -26.39
N PRO F 71 10.55 8.33 -25.51
CA PRO F 71 11.69 7.57 -26.03
C PRO F 71 11.19 6.13 -26.27
N PRO F 72 11.93 5.34 -27.06
CA PRO F 72 11.49 4.01 -27.52
C PRO F 72 11.00 3.10 -26.38
N ASN F 73 11.69 3.06 -25.23
CA ASN F 73 11.33 2.09 -24.18
C ASN F 73 10.20 2.48 -23.23
N VAL F 74 9.74 3.72 -23.33
CA VAL F 74 8.74 4.23 -22.42
C VAL F 74 7.53 4.79 -23.16
N GLY F 75 6.60 3.90 -23.52
CA GLY F 75 5.34 4.32 -24.09
C GLY F 75 5.28 4.48 -25.60
N ARG F 76 6.44 4.66 -26.25
CA ARG F 76 6.40 5.02 -27.68
C ARG F 76 5.70 3.99 -28.60
N ASP F 77 4.91 4.50 -29.51
CA ASP F 77 4.21 3.68 -30.48
C ASP F 77 4.38 4.33 -31.87
N VAL F 78 5.25 3.76 -32.67
CA VAL F 78 5.53 4.35 -33.98
C VAL F 78 4.33 4.23 -34.91
N LEU F 79 3.74 3.04 -34.93
CA LEU F 79 2.66 2.73 -35.85
C LEU F 79 1.46 3.64 -35.68
N LYS F 80 0.97 3.71 -34.45
CA LYS F 80 -0.18 4.54 -34.13
C LYS F 80 0.09 6.04 -34.26
N THR F 81 1.29 6.48 -33.91
CA THR F 81 1.58 7.90 -34.03
C THR F 81 1.64 8.32 -35.51
N LEU F 82 2.14 7.45 -36.36
CA LEU F 82 2.10 7.66 -37.83
C LEU F 82 0.65 7.83 -38.34
N GLU F 83 -0.28 7.01 -37.83
CA GLU F 83 -1.70 7.18 -38.13
C GLU F 83 -2.21 8.60 -37.83
N ILE F 84 -1.87 9.09 -36.65
CA ILE F 84 -2.20 10.46 -36.26
C ILE F 84 -1.56 11.48 -37.21
N ALA F 85 -0.27 11.33 -37.46
CA ALA F 85 0.46 12.28 -38.26
C ALA F 85 -0.16 12.36 -39.66
N ASN F 86 -0.47 11.19 -40.19
CA ASN F 86 -1.09 11.08 -41.50
C ASN F 86 -2.48 11.69 -41.56
N ALA F 87 -3.24 11.62 -40.47
CA ALA F 87 -4.57 12.22 -40.47
C ALA F 87 -4.53 13.78 -40.45
N VAL F 88 -3.40 14.39 -40.07
CA VAL F 88 -3.37 15.85 -39.96
C VAL F 88 -2.34 16.53 -40.85
N LYS F 89 -1.56 15.74 -41.57
CA LYS F 89 -0.54 16.34 -42.44
C LYS F 89 -1.15 17.32 -43.42
N ASN F 90 -2.33 17.01 -43.94
CA ASN F 90 -2.92 17.88 -44.97
C ASN F 90 -3.48 19.19 -44.42
N LEU F 91 -3.48 19.29 -43.09
CA LEU F 91 -3.92 20.48 -42.40
C LEU F 91 -2.69 21.24 -42.00
N GLY F 92 -1.53 20.76 -42.46
CA GLY F 92 -0.27 21.39 -42.12
C GLY F 92 0.27 20.96 -40.76
N GLY F 93 -0.32 19.93 -40.17
CA GLY F 93 0.20 19.42 -38.92
C GLY F 93 1.49 18.65 -39.10
N ASN F 94 2.45 18.83 -38.20
CA ASN F 94 3.66 18.00 -38.19
C ASN F 94 3.86 17.25 -36.86
N VAL F 95 4.33 16.01 -36.95
CA VAL F 95 4.78 15.25 -35.79
C VAL F 95 6.30 14.93 -35.79
N ILE F 96 6.98 15.35 -34.75
CA ILE F 96 8.37 14.97 -34.57
C ILE F 96 8.42 13.92 -33.47
N MSE F 97 9.00 12.76 -33.75
CA MSE F 97 9.12 11.76 -32.70
C MSE F 97 10.54 11.70 -32.15
O MSE F 97 11.48 12.27 -32.71
CB MSE F 97 8.65 10.41 -33.20
CG MSE F 97 7.17 10.37 -33.49
SE MSE F 97 6.62 8.56 -33.99
CE MSE F 97 6.45 7.68 -32.19
N SER F 98 10.70 10.96 -31.05
CA SER F 98 11.94 10.99 -30.28
C SER F 98 12.65 9.66 -30.20
N THR F 99 13.98 9.70 -30.14
CA THR F 99 14.74 8.53 -29.75
C THR F 99 15.31 8.74 -28.33
N GLY F 100 16.22 7.86 -27.88
CA GLY F 100 16.90 8.05 -26.64
C GLY F 100 16.20 7.45 -25.43
N PHE F 101 16.24 8.15 -24.30
CA PHE F 101 15.88 7.56 -23.00
C PHE F 101 15.16 8.49 -22.06
N HIS F 102 14.40 7.87 -21.14
CA HIS F 102 13.77 8.59 -20.05
C HIS F 102 14.72 8.55 -18.85
N LYS F 103 14.25 9.03 -17.69
CA LYS F 103 15.01 9.00 -16.45
C LYS F 103 15.25 7.54 -16.03
N ALA F 104 16.30 7.35 -15.22
CA ALA F 104 16.75 6.00 -14.85
C ALA F 104 15.68 5.15 -14.13
N LYS F 105 14.74 5.82 -13.49
CA LYS F 105 13.69 5.15 -12.72
C LYS F 105 12.95 4.16 -13.60
N PHE F 106 12.90 4.45 -14.91
CA PHE F 106 12.16 3.61 -15.84
C PHE F 106 12.99 2.52 -16.53
N TYR F 107 14.21 2.29 -16.06
CA TYR F 107 15.03 1.20 -16.57
C TYR F 107 15.56 0.33 -15.47
N ASP F 108 15.54 -0.98 -15.67
CA ASP F 108 16.19 -1.84 -14.72
C ASP F 108 17.69 -1.49 -14.51
N LYS F 109 18.08 -1.12 -13.29
CA LYS F 109 19.47 -0.66 -13.08
C LYS F 109 20.49 -1.77 -13.20
N TYR F 110 20.03 -3.02 -13.10
CA TYR F 110 20.91 -4.19 -13.11
C TYR F 110 21.09 -4.74 -14.51
N SER F 111 20.01 -4.84 -15.27
CA SER F 111 20.07 -5.60 -16.50
C SER F 111 19.42 -4.96 -17.73
N SER F 112 18.99 -3.71 -17.64
CA SER F 112 18.44 -3.03 -18.82
C SER F 112 19.55 -2.75 -19.86
N TRP F 113 19.15 -2.50 -21.09
CA TRP F 113 20.19 -2.31 -22.10
C TRP F 113 20.94 -1.01 -21.83
N LEU F 114 20.28 -0.02 -21.25
CA LEU F 114 20.98 1.20 -20.88
C LEU F 114 22.08 0.92 -19.86
N ALA F 115 21.79 0.03 -18.90
CA ALA F 115 22.75 -0.29 -17.84
C ALA F 115 23.95 -1.02 -18.42
N VAL F 116 23.67 -1.98 -19.28
CA VAL F 116 24.64 -3.01 -19.62
C VAL F 116 25.36 -2.82 -20.99
N VAL F 117 24.72 -2.19 -21.95
CA VAL F 117 25.28 -2.14 -23.28
C VAL F 117 26.27 -0.98 -23.40
N PRO F 118 27.44 -1.21 -24.00
CA PRO F 118 28.41 -0.11 -24.01
C PRO F 118 27.83 1.13 -24.68
N THR F 119 28.15 2.29 -24.12
CA THR F 119 27.66 3.57 -24.66
C THR F 119 27.76 3.65 -26.18
N GLU F 120 28.90 3.22 -26.73
CA GLU F 120 29.11 3.37 -28.18
C GLU F 120 28.06 2.63 -28.98
N GLU F 121 27.72 1.41 -28.54
CA GLU F 121 26.72 0.63 -29.22
C GLU F 121 25.32 1.25 -29.13
N ILE F 122 25.00 1.84 -27.98
CA ILE F 122 23.74 2.54 -27.80
C ILE F 122 23.65 3.77 -28.73
N VAL F 123 24.74 4.52 -28.85
CA VAL F 123 24.78 5.68 -29.75
C VAL F 123 24.46 5.23 -31.16
N LYS F 124 25.07 4.13 -31.60
CA LYS F 124 24.81 3.59 -32.95
C LYS F 124 23.29 3.35 -33.13
N MSE F 125 22.67 2.72 -32.12
CA MSE F 125 21.22 2.50 -32.18
C MSE F 125 20.42 3.78 -32.24
O MSE F 125 19.39 3.87 -32.93
CB MSE F 125 20.74 1.64 -30.99
CG MSE F 125 21.15 0.16 -31.04
SE MSE F 125 20.64 -0.80 -32.72
CE MSE F 125 18.77 -0.75 -32.63
N CYS F 126 20.82 4.79 -31.49
CA CYS F 126 20.03 6.01 -31.48
C CYS F 126 20.26 6.77 -32.79
N VAL F 127 21.51 6.74 -33.27
CA VAL F 127 21.83 7.34 -34.57
C VAL F 127 20.97 6.70 -35.66
N ALA F 128 20.82 5.37 -35.61
CA ALA F 128 20.02 4.66 -36.61
C ALA F 128 18.59 5.12 -36.65
N GLU F 129 18.04 5.49 -35.48
CA GLU F 129 16.65 5.89 -35.44
C GLU F 129 16.48 7.26 -36.06
N ILE F 130 17.49 8.11 -35.90
CA ILE F 130 17.46 9.48 -36.44
C ILE F 130 17.74 9.40 -37.95
N GLU F 131 18.58 8.46 -38.35
CA GLU F 131 19.09 8.50 -39.73
C GLU F 131 18.59 7.41 -40.68
N GLU F 132 18.20 6.23 -40.14
CA GLU F 132 17.70 5.17 -41.03
C GLU F 132 16.19 4.99 -40.86
N GLY F 133 15.75 4.88 -39.61
CA GLY F 133 14.33 4.83 -39.27
C GLY F 133 14.08 4.27 -37.87
N MSE F 134 13.00 4.69 -37.22
CA MSE F 134 12.75 4.18 -35.86
C MSE F 134 12.39 2.69 -35.91
O MSE F 134 11.78 2.23 -36.88
CB MSE F 134 11.63 4.99 -35.21
CG MSE F 134 12.04 6.40 -34.72
SE MSE F 134 10.47 7.41 -34.20
CE MSE F 134 9.56 7.65 -35.95
N ASP F 135 12.77 1.92 -34.87
CA ASP F 135 12.29 0.54 -34.73
C ASP F 135 10.79 0.55 -34.40
N GLU F 136 9.98 -0.12 -35.21
CA GLU F 136 8.55 -0.24 -34.90
C GLU F 136 8.36 -1.08 -33.65
N TYR F 137 9.32 -1.96 -33.34
CA TYR F 137 9.32 -2.71 -32.07
C TYR F 137 9.91 -1.90 -30.89
N ASN F 138 10.28 -0.66 -31.18
CA ASN F 138 10.71 0.25 -30.09
C ASN F 138 11.89 -0.20 -29.20
N TYR F 139 12.85 -0.92 -29.77
CA TYR F 139 14.03 -1.31 -29.02
C TYR F 139 13.69 -2.10 -27.74
N ASN F 140 12.55 -2.78 -27.75
N ASN F 140 12.56 -2.80 -27.81
CA ASN F 140 12.16 -3.56 -26.58
CA ASN F 140 12.05 -3.64 -26.71
C ASN F 140 12.60 -5.04 -26.65
C ASN F 140 12.83 -4.94 -26.51
N GLY F 141 13.54 -5.32 -27.54
CA GLY F 141 14.15 -6.65 -27.60
C GLY F 141 15.13 -6.75 -28.77
N PRO F 142 15.57 -7.97 -29.07
CA PRO F 142 16.66 -8.29 -29.99
C PRO F 142 16.22 -8.23 -31.44
N VAL F 143 14.92 -8.20 -31.70
CA VAL F 143 14.44 -8.18 -33.07
C VAL F 143 14.07 -6.74 -33.37
N VAL F 144 14.54 -6.23 -34.51
CA VAL F 144 14.33 -4.84 -34.92
C VAL F 144 13.64 -4.82 -36.28
N LYS F 145 12.65 -3.94 -36.44
CA LYS F 145 11.97 -3.80 -37.74
C LYS F 145 11.76 -2.33 -37.99
N ARG F 146 12.61 -1.74 -38.81
CA ARG F 146 12.62 -0.27 -38.89
C ARG F 146 11.52 0.29 -39.75
N SER F 147 10.91 1.36 -39.25
CA SER F 147 9.95 2.14 -39.98
C SER F 147 10.66 3.00 -41.02
N LYS F 148 9.92 3.53 -42.00
CA LYS F 148 10.49 4.53 -42.89
C LYS F 148 10.56 5.87 -42.16
N ALA F 149 9.71 6.05 -41.16
CA ALA F 149 9.70 7.26 -40.31
C ALA F 149 10.97 7.34 -39.44
N LYS F 150 11.63 8.50 -39.42
CA LYS F 150 12.82 8.70 -38.56
C LYS F 150 12.46 9.53 -37.35
N ALA F 151 13.22 9.35 -36.28
CA ALA F 151 13.12 10.23 -35.13
C ALA F 151 13.73 11.60 -35.47
N GLY F 152 13.23 12.68 -34.87
CA GLY F 152 13.75 14.00 -35.17
C GLY F 152 14.37 14.74 -34.01
N ILE F 153 14.45 14.08 -32.86
CA ILE F 153 14.99 14.64 -31.64
C ILE F 153 15.43 13.48 -30.75
N ILE F 154 16.33 13.73 -29.80
CA ILE F 154 16.72 12.68 -28.85
C ILE F 154 16.45 13.18 -27.43
N KCX F 155 15.96 12.25 -26.62
CA KCX F 155 15.63 12.53 -25.25
CB KCX F 155 14.30 11.83 -24.91
CG KCX F 155 13.62 12.37 -23.62
CD KCX F 155 12.14 12.02 -23.43
CE KCX F 155 11.37 12.77 -22.33
NZ KCX F 155 10.13 12.10 -22.06
C KCX F 155 16.62 11.94 -24.24
O KCX F 155 17.28 10.98 -24.50
CX KCX F 155 9.25 13.02 -21.36
OQ1 KCX F 155 8.08 12.75 -21.26
OQ2 KCX F 155 9.89 13.81 -20.37
N ALA F 156 16.68 12.61 -23.09
CA ALA F 156 17.35 12.08 -21.92
C ALA F 156 16.52 12.53 -20.72
N GLY F 157 16.73 11.94 -19.55
CA GLY F 157 15.97 12.34 -18.38
C GLY F 157 16.74 12.27 -17.08
N THR F 158 16.49 13.20 -16.17
CA THR F 158 17.13 13.12 -14.87
C THR F 158 16.08 12.99 -13.75
N GLY F 159 16.51 12.45 -12.62
CA GLY F 159 15.58 12.11 -11.56
C GLY F 159 15.58 13.18 -10.50
N TYR F 160 14.78 12.95 -9.45
CA TYR F 160 14.58 13.95 -8.42
C TYR F 160 15.85 14.30 -7.64
N GLY F 161 16.32 15.52 -7.84
CA GLY F 161 17.41 16.08 -7.06
C GLY F 161 18.71 15.31 -7.20
N ALA F 162 18.89 14.65 -8.33
CA ALA F 162 20.06 13.83 -8.55
C ALA F 162 20.17 13.47 -10.03
N ILE F 163 21.39 13.37 -10.51
CA ILE F 163 21.64 12.76 -11.80
C ILE F 163 22.27 11.41 -11.60
N ASP F 164 21.49 10.37 -11.85
CA ASP F 164 21.95 8.99 -11.71
C ASP F 164 23.03 8.70 -12.75
N ARG F 165 23.90 7.75 -12.41
CA ARG F 165 25.00 7.41 -13.28
C ARG F 165 24.46 6.99 -14.64
N LEU F 166 23.35 6.25 -14.65
CA LEU F 166 22.73 5.83 -15.91
C LEU F 166 22.13 7.00 -16.71
N GLU F 167 21.78 8.08 -16.00
CA GLU F 167 21.31 9.29 -16.64
C GLU F 167 22.46 10.10 -17.25
N LEU F 168 23.60 10.12 -16.56
CA LEU F 168 24.79 10.71 -17.16
C LEU F 168 25.15 9.99 -18.48
N LYS F 169 25.09 8.66 -18.45
CA LYS F 169 25.30 7.84 -19.63
C LYS F 169 24.32 8.22 -20.76
N ALA F 170 23.05 8.32 -20.39
CA ALA F 170 22.04 8.70 -21.37
C ALA F 170 22.26 10.13 -21.88
N LEU F 171 22.72 11.02 -21.01
CA LEU F 171 23.14 12.35 -21.47
C LEU F 171 24.30 12.30 -22.46
N GLU F 172 25.29 11.44 -22.19
CA GLU F 172 26.37 11.21 -23.13
C GLU F 172 25.82 10.65 -24.46
N VAL F 173 24.97 9.65 -24.35
CA VAL F 173 24.27 9.17 -25.54
C VAL F 173 23.60 10.33 -26.31
N ALA F 174 22.92 11.21 -25.59
CA ALA F 174 22.18 12.26 -26.26
C ALA F 174 23.14 13.19 -26.96
N ALA F 175 24.24 13.54 -26.29
CA ALA F 175 25.19 14.52 -26.81
C ALA F 175 25.83 13.97 -28.05
N ARG F 176 26.27 12.71 -27.96
CA ARG F 176 26.96 12.07 -29.06
C ARG F 176 26.04 11.92 -30.29
N THR F 177 24.84 11.39 -30.08
CA THR F 177 23.85 11.32 -31.16
C THR F 177 23.64 12.67 -31.80
N SER F 178 23.50 13.70 -30.97
CA SER F 178 23.25 15.05 -31.46
C SER F 178 24.45 15.58 -32.26
N ILE F 179 25.65 15.43 -31.70
CA ILE F 179 26.88 15.84 -32.40
C ILE F 179 27.02 15.09 -33.75
N LEU F 180 26.73 13.79 -33.75
CA LEU F 180 26.93 13.00 -34.96
C LEU F 180 25.89 13.29 -36.06
N THR F 181 24.63 13.47 -35.66
CA THR F 181 23.54 13.63 -36.63
C THR F 181 23.11 15.07 -36.82
N GLY F 182 23.45 15.96 -35.89
CA GLY F 182 22.90 17.30 -35.87
C GLY F 182 21.54 17.45 -35.18
N CYS F 183 20.96 16.36 -34.71
CA CYS F 183 19.59 16.43 -34.18
C CYS F 183 19.56 17.23 -32.86
N PRO F 184 18.41 17.88 -32.59
CA PRO F 184 18.17 18.58 -31.32
C PRO F 184 17.98 17.57 -30.14
N ILE F 185 18.05 18.10 -28.93
CA ILE F 185 17.99 17.30 -27.70
C ILE F 185 16.94 17.95 -26.82
N LEU F 186 16.19 17.14 -26.08
CA LEU F 186 15.31 17.65 -25.06
C LEU F 186 15.46 16.76 -23.84
N VAL F 187 15.60 17.40 -22.69
CA VAL F 187 15.86 16.68 -21.44
C VAL F 187 14.76 16.91 -20.44
N HIS F 188 14.13 15.82 -19.99
CA HIS F 188 13.19 15.88 -18.90
C HIS F 188 13.99 16.02 -17.59
N THR F 189 13.67 17.03 -16.78
CA THR F 189 14.17 17.13 -15.41
C THR F 189 13.03 16.74 -14.45
N GLN F 190 13.35 16.20 -13.29
CA GLN F 190 12.31 15.79 -12.37
C GLN F 190 12.11 16.95 -11.40
N LEU F 191 10.92 17.55 -11.44
CA LEU F 191 10.60 18.73 -10.62
C LEU F 191 11.51 19.92 -10.93
N GLY F 192 12.08 19.98 -12.14
CA GLY F 192 12.89 21.12 -12.53
C GLY F 192 14.23 21.15 -11.82
N THR F 193 14.63 20.02 -11.21
CA THR F 193 15.94 19.95 -10.54
C THR F 193 17.11 19.49 -11.44
N MSE F 194 18.32 19.95 -11.10
CA MSE F 194 19.55 19.58 -11.82
C MSE F 194 19.56 20.12 -13.26
O MSE F 194 20.30 19.61 -14.11
CB MSE F 194 19.74 18.04 -11.85
CG MSE F 194 19.58 17.35 -10.47
SE MSE F 194 20.96 18.01 -9.21
CE MSE F 194 22.64 17.46 -10.11
N ALA F 195 18.74 21.11 -13.54
CA ALA F 195 18.70 21.67 -14.91
C ALA F 195 20.03 22.30 -15.33
N LEU F 196 20.63 23.03 -14.41
CA LEU F 196 21.91 23.66 -14.68
C LEU F 196 22.97 22.60 -15.02
N GLU F 197 23.00 21.50 -14.26
CA GLU F 197 24.03 20.50 -14.46
C GLU F 197 23.82 19.72 -15.79
N VAL F 198 22.57 19.35 -16.06
CA VAL F 198 22.23 18.75 -17.35
C VAL F 198 22.80 19.61 -18.50
N ALA F 199 22.55 20.91 -18.43
CA ALA F 199 23.02 21.80 -19.48
C ALA F 199 24.56 21.76 -19.55
N LYS F 200 25.21 21.96 -18.41
CA LYS F 200 26.67 21.92 -18.38
C LYS F 200 27.23 20.59 -18.89
N HIS F 201 26.58 19.48 -18.52
CA HIS F 201 27.12 18.19 -18.92
C HIS F 201 27.03 18.00 -20.43
N LEU F 202 25.87 18.31 -21.00
CA LEU F 202 25.66 18.10 -22.42
C LEU F 202 26.69 18.96 -23.17
N ILE F 203 26.90 20.19 -22.71
CA ILE F 203 27.82 21.10 -23.33
C ILE F 203 29.24 20.55 -23.16
N GLY F 204 29.55 20.09 -21.95
CA GLY F 204 30.87 19.54 -21.72
C GLY F 204 31.16 18.33 -22.60
N PHE F 205 30.12 17.63 -23.03
CA PHE F 205 30.34 16.48 -23.91
C PHE F 205 30.60 16.94 -25.33
N GLY F 206 30.27 18.20 -25.60
CA GLY F 206 30.43 18.76 -26.93
C GLY F 206 29.14 19.07 -27.68
N ALA F 207 27.98 18.94 -27.03
CA ALA F 207 26.75 19.29 -27.76
C ALA F 207 26.60 20.79 -27.86
N ASN F 208 25.88 21.23 -28.89
CA ASN F 208 25.56 22.63 -29.09
C ASN F 208 24.37 23.16 -28.25
N PRO F 209 24.58 24.15 -27.35
CA PRO F 209 23.48 24.72 -26.53
C PRO F 209 22.29 25.15 -27.38
N ASP F 210 22.56 25.58 -28.60
CA ASP F 210 21.51 26.00 -29.51
C ASP F 210 20.49 24.92 -29.84
N LYS F 211 20.88 23.67 -29.62
CA LYS F 211 20.04 22.52 -29.95
C LYS F 211 19.38 21.92 -28.68
N ILE F 212 19.67 22.49 -27.52
CA ILE F 212 19.23 21.91 -26.26
C ILE F 212 17.99 22.57 -25.64
N GLN F 213 16.95 21.76 -25.38
CA GLN F 213 15.85 22.21 -24.55
C GLN F 213 15.80 21.42 -23.25
N ILE F 214 15.49 22.09 -22.15
CA ILE F 214 15.32 21.40 -20.85
C ILE F 214 13.89 21.58 -20.39
N SER F 215 13.21 20.47 -20.13
CA SER F 215 11.76 20.49 -19.81
C SER F 215 11.48 20.54 -18.33
N HIS F 216 10.27 20.97 -17.97
CA HIS F 216 9.72 20.93 -16.61
C HIS F 216 10.27 21.89 -15.58
N LEU F 217 10.96 22.95 -16.01
CA LEU F 217 11.41 23.95 -15.06
C LEU F 217 10.23 24.58 -14.36
N ASN F 218 9.05 24.55 -14.99
CA ASN F 218 7.84 25.05 -14.33
C ASN F 218 7.56 24.39 -12.97
N LYS F 219 8.10 23.21 -12.73
CA LYS F 219 7.88 22.56 -11.44
C LYS F 219 8.89 22.99 -10.37
N ASN F 220 9.79 23.89 -10.75
CA ASN F 220 10.74 24.46 -9.81
C ASN F 220 10.69 25.97 -10.05
N PRO F 221 9.62 26.65 -9.56
CA PRO F 221 9.32 28.01 -10.01
C PRO F 221 10.23 29.02 -9.32
N ASP F 222 11.49 28.99 -9.72
CA ASP F 222 12.51 29.85 -9.16
C ASP F 222 13.01 30.70 -10.32
N LYS F 223 12.55 31.96 -10.38
CA LYS F 223 12.87 32.81 -11.52
C LYS F 223 14.36 33.11 -11.64
N TYR F 224 15.05 33.22 -10.50
CA TYR F 224 16.51 33.43 -10.50
C TYR F 224 17.24 32.23 -11.08
N TYR F 225 16.81 31.03 -10.70
CA TYR F 225 17.34 29.79 -11.27
C TYR F 225 17.16 29.73 -12.81
N TYR F 226 15.97 30.06 -13.29
CA TYR F 226 15.70 30.01 -14.72
C TYR F 226 16.72 30.89 -15.48
N GLU F 227 16.86 32.12 -14.99
CA GLU F 227 17.81 33.08 -15.54
C GLU F 227 19.27 32.60 -15.49
N LYS F 228 19.68 32.02 -14.36
CA LYS F 228 21.05 31.51 -14.23
C LYS F 228 21.33 30.43 -15.31
N VAL F 229 20.37 29.52 -15.47
CA VAL F 229 20.58 28.37 -16.37
C VAL F 229 20.73 28.93 -17.77
N ILE F 230 19.82 29.80 -18.17
CA ILE F 230 19.88 30.36 -19.51
C ILE F 230 21.13 31.23 -19.69
N LYS F 231 21.40 32.11 -18.74
CA LYS F 231 22.51 33.04 -18.90
C LYS F 231 23.84 32.30 -18.89
N GLU F 232 23.98 31.27 -18.07
CA GLU F 232 25.27 30.57 -18.00
C GLU F 232 25.51 29.52 -19.06
N THR F 233 24.46 29.04 -19.72
CA THR F 233 24.66 27.95 -20.65
C THR F 233 24.09 28.19 -22.04
N GLY F 234 23.12 29.09 -22.17
CA GLY F 234 22.55 29.38 -23.46
C GLY F 234 21.52 28.36 -23.99
N VAL F 235 21.12 27.42 -23.13
CA VAL F 235 20.08 26.48 -23.53
C VAL F 235 18.70 27.12 -23.50
N THR F 236 17.71 26.34 -23.87
CA THR F 236 16.33 26.77 -23.92
C THR F 236 15.47 25.96 -22.94
N LEU F 237 14.59 26.68 -22.24
CA LEU F 237 13.72 26.07 -21.22
C LEU F 237 12.36 25.83 -21.87
N CYS F 238 11.96 24.57 -21.99
CA CYS F 238 10.64 24.21 -22.48
C CYS F 238 9.67 24.07 -21.30
N PHE F 239 8.74 25.01 -21.14
CA PHE F 239 7.83 24.96 -20.00
C PHE F 239 6.59 24.19 -20.38
N ASP F 240 6.14 23.31 -19.49
CA ASP F 240 4.72 22.96 -19.46
C ASP F 240 4.16 23.61 -18.19
N GLY F 241 3.01 23.17 -17.72
CA GLY F 241 2.44 23.77 -16.51
C GLY F 241 1.01 24.30 -16.62
N PRO F 242 0.59 24.75 -17.82
CA PRO F 242 -0.81 25.20 -17.88
C PRO F 242 -1.76 24.10 -17.41
N ASP F 243 -2.73 24.45 -16.58
CA ASP F 243 -3.72 23.49 -16.04
C ASP F 243 -3.09 22.28 -15.36
N ARG F 244 -2.12 22.54 -14.48
CA ARG F 244 -1.53 21.50 -13.64
C ARG F 244 -1.54 22.02 -12.19
N VAL F 245 -2.73 22.32 -11.68
CA VAL F 245 -2.95 23.02 -10.42
C VAL F 245 -2.40 22.25 -9.20
N LYS F 246 -2.40 20.93 -9.27
CA LYS F 246 -1.80 20.15 -8.17
C LYS F 246 -0.30 20.45 -8.00
N TYR F 247 0.37 20.97 -9.04
CA TYR F 247 1.73 21.49 -8.86
C TYR F 247 1.73 22.98 -8.52
N TYR F 248 1.35 23.82 -9.50
CA TYR F 248 1.37 25.27 -9.37
C TYR F 248 0.28 25.92 -10.25
N PRO F 249 -0.24 27.06 -9.82
CA PRO F 249 -1.27 27.81 -10.56
C PRO F 249 -0.70 28.34 -11.87
N ASP F 250 -1.52 28.51 -12.91
CA ASP F 250 -1.02 29.06 -14.18
C ASP F 250 -0.32 30.43 -13.97
N SER F 251 -0.84 31.21 -13.02
CA SER F 251 -0.38 32.59 -12.80
C SER F 251 1.11 32.60 -12.45
N LEU F 252 1.55 31.56 -11.76
CA LEU F 252 2.95 31.52 -11.34
C LEU F 252 3.90 31.41 -12.53
N LEU F 253 3.60 30.48 -13.43
CA LEU F 253 4.38 30.32 -14.65
C LEU F 253 4.35 31.61 -15.52
N ALA F 254 3.15 32.20 -15.67
CA ALA F 254 3.01 33.45 -16.42
C ALA F 254 3.90 34.55 -15.84
N GLU F 255 3.83 34.79 -14.53
CA GLU F 255 4.74 35.78 -13.96
C GLU F 255 6.22 35.44 -14.11
N ASN F 256 6.60 34.17 -13.93
CA ASN F 256 8.01 33.79 -14.12
C ASN F 256 8.48 33.91 -15.59
N ILE F 257 7.57 33.66 -16.54
CA ILE F 257 7.87 33.94 -17.94
C ILE F 257 8.02 35.47 -18.17
N LYS F 258 7.10 36.25 -17.66
CA LYS F 258 7.19 37.70 -17.78
C LYS F 258 8.57 38.16 -17.28
N TYR F 259 8.99 37.69 -16.11
CA TYR F 259 10.31 38.02 -15.57
C TYR F 259 11.43 37.75 -16.57
N LEU F 260 11.46 36.53 -17.12
CA LEU F 260 12.52 36.15 -18.04
C LEU F 260 12.52 37.04 -19.27
N VAL F 261 11.32 37.36 -19.78
CA VAL F 261 11.20 38.25 -20.93
C VAL F 261 11.72 39.65 -20.56
N ASP F 262 11.43 40.08 -19.34
CA ASP F 262 11.84 41.43 -18.95
C ASP F 262 13.38 41.53 -18.84
N LYS F 263 14.01 40.38 -18.58
CA LYS F 263 15.46 40.30 -18.50
C LYS F 263 16.10 40.09 -19.89
N GLY F 264 15.29 40.18 -20.93
CA GLY F 264 15.79 40.02 -22.30
C GLY F 264 16.02 38.58 -22.73
N LEU F 265 15.32 37.64 -22.11
CA LEU F 265 15.63 36.24 -22.35
C LEU F 265 14.54 35.54 -23.16
N GLN F 266 13.69 36.31 -23.86
CA GLN F 266 12.54 35.71 -24.56
C GLN F 266 12.94 34.72 -25.65
N LYS F 267 14.18 34.77 -26.15
CA LYS F 267 14.58 33.82 -27.20
C LYS F 267 14.88 32.42 -26.64
N HIS F 268 14.84 32.27 -25.32
CA HIS F 268 15.30 31.04 -24.68
C HIS F 268 14.18 30.27 -23.97
N ILE F 269 12.95 30.47 -24.46
CA ILE F 269 11.76 29.91 -23.85
C ILE F 269 10.90 29.27 -24.93
N THR F 270 10.50 28.02 -24.69
CA THR F 270 9.45 27.39 -25.49
C THR F 270 8.31 26.90 -24.62
N LEU F 271 7.19 26.59 -25.26
CA LEU F 271 5.99 26.13 -24.56
C LEU F 271 5.54 24.74 -24.97
N SER F 272 4.73 24.13 -24.11
CA SER F 272 4.25 22.75 -24.29
C SER F 272 3.15 22.47 -23.29
N LEU F 273 2.33 21.46 -23.53
CA LEU F 273 1.33 21.06 -22.56
C LEU F 273 1.77 19.82 -21.76
N ASP F 274 2.63 19.00 -22.37
CA ASP F 274 3.03 17.72 -21.79
C ASP F 274 1.78 16.99 -21.24
N ALA F 275 0.81 16.79 -22.14
CA ALA F 275 -0.46 16.14 -21.81
C ALA F 275 -0.26 14.62 -21.85
N GLY F 276 0.47 14.12 -20.87
CA GLY F 276 0.94 12.77 -20.90
C GLY F 276 0.17 11.89 -19.94
N ARG F 277 -1.00 12.37 -19.48
CA ARG F 277 -1.99 11.54 -18.76
C ARG F 277 -3.32 11.66 -19.50
N ILE F 278 -4.17 10.66 -19.35
CA ILE F 278 -5.38 10.53 -20.16
C ILE F 278 -6.42 11.65 -19.93
N LEU F 279 -6.45 12.23 -18.72
CA LEU F 279 -7.35 13.34 -18.45
C LEU F 279 -6.77 14.72 -18.75
N TYR F 280 -5.58 14.75 -19.36
CA TYR F 280 -4.90 16.00 -19.76
C TYR F 280 -5.24 16.39 -21.24
N GLN F 281 -6.14 15.67 -21.89
CA GLN F 281 -6.66 16.09 -23.20
C GLN F 281 -8.19 16.09 -23.21
N ARG F 282 -8.78 17.01 -23.95
CA ARG F 282 -10.25 17.14 -23.92
C ARG F 282 -10.92 15.91 -24.51
N ASN F 283 -10.49 15.50 -25.71
CA ASN F 283 -11.11 14.35 -26.32
C ASN F 283 -10.85 13.03 -25.58
N TYR F 284 -9.61 12.78 -25.19
CA TYR F 284 -9.39 11.63 -24.31
C TYR F 284 -10.31 11.69 -23.08
N GLY F 285 -10.48 12.87 -22.48
CA GLY F 285 -11.32 13.00 -21.30
C GLY F 285 -12.72 12.49 -21.58
N LEU F 286 -13.23 12.82 -22.77
CA LEU F 286 -14.55 12.44 -23.20
C LEU F 286 -14.66 10.94 -23.26
N THR F 287 -13.60 10.27 -23.70
CA THR F 287 -13.67 8.82 -23.74
C THR F 287 -13.79 8.25 -22.34
N LYS F 288 -13.43 9.03 -21.32
CA LYS F 288 -13.57 8.58 -19.94
C LYS F 288 -14.82 9.18 -19.28
N GLY F 289 -15.74 9.74 -20.08
CA GLY F 289 -16.95 10.36 -19.55
C GLY F 289 -16.70 11.59 -18.68
N LYS F 290 -15.69 12.41 -19.00
CA LYS F 290 -15.39 13.62 -18.22
C LYS F 290 -15.15 14.84 -19.13
N GLN F 291 -15.45 16.01 -18.60
CA GLN F 291 -15.06 17.28 -19.20
C GLN F 291 -13.69 17.63 -18.67
N THR F 292 -12.72 17.73 -19.59
CA THR F 292 -11.34 18.09 -19.21
C THR F 292 -10.76 19.09 -20.21
N PHE F 293 -9.68 19.75 -19.82
CA PHE F 293 -8.94 20.62 -20.74
C PHE F 293 -7.80 19.86 -21.42
N GLY F 294 -7.38 20.38 -22.57
CA GLY F 294 -6.30 19.75 -23.32
C GLY F 294 -5.60 20.79 -24.15
N LEU F 295 -5.27 20.45 -25.39
CA LEU F 295 -4.36 21.28 -26.15
C LEU F 295 -4.93 22.70 -26.40
N ALA F 296 -6.23 22.83 -26.61
CA ALA F 296 -6.79 24.12 -26.98
C ALA F 296 -6.65 25.14 -25.85
N TYR F 297 -6.59 24.64 -24.62
CA TYR F 297 -6.49 25.49 -23.42
C TYR F 297 -5.27 26.42 -23.51
N LEU F 298 -4.24 25.97 -24.23
CA LEU F 298 -3.04 26.78 -24.43
C LEU F 298 -3.43 28.14 -25.01
N PHE F 299 -4.26 28.09 -26.06
CA PHE F 299 -4.68 29.27 -26.80
C PHE F 299 -5.86 29.99 -26.15
N ASP F 300 -6.80 29.23 -25.58
CA ASP F 300 -8.02 29.84 -25.02
C ASP F 300 -7.77 30.49 -23.66
N ARG F 301 -6.76 30.02 -22.93
CA ARG F 301 -6.61 30.40 -21.53
C ARG F 301 -5.19 30.87 -21.19
N PHE F 302 -4.18 30.07 -21.48
CA PHE F 302 -2.84 30.43 -21.03
C PHE F 302 -2.18 31.60 -21.79
N LEU F 303 -2.19 31.54 -23.10
CA LEU F 303 -1.61 32.67 -23.86
C LEU F 303 -2.33 34.00 -23.57
N PRO F 304 -3.66 33.99 -23.43
CA PRO F 304 -4.25 35.27 -23.00
C PRO F 304 -3.79 35.72 -21.61
N LEU F 305 -3.48 34.76 -20.73
CA LEU F 305 -2.95 35.11 -19.41
C LEU F 305 -1.55 35.75 -19.52
N LEU F 306 -0.69 35.14 -20.32
CA LEU F 306 0.62 35.75 -20.65
C LEU F 306 0.49 37.23 -21.06
N LYS F 307 -0.46 37.53 -21.94
CA LYS F 307 -0.67 38.92 -22.39
C LYS F 307 -1.15 39.75 -21.26
N GLN F 308 -2.09 39.20 -20.49
CA GLN F 308 -2.62 39.90 -19.33
C GLN F 308 -1.53 40.33 -18.37
N VAL F 309 -0.57 39.46 -18.07
CA VAL F 309 0.47 39.85 -17.14
C VAL F 309 1.54 40.71 -17.80
N GLY F 310 1.42 40.96 -19.11
CA GLY F 310 2.28 41.92 -19.80
C GLY F 310 3.40 41.39 -20.68
N VAL F 311 3.25 40.16 -21.17
CA VAL F 311 4.21 39.60 -22.09
C VAL F 311 3.83 40.06 -23.48
N SER F 312 4.79 40.58 -24.23
CA SER F 312 4.46 41.19 -25.52
C SER F 312 4.10 40.15 -26.57
N LYS F 313 3.41 40.59 -27.60
CA LYS F 313 3.04 39.73 -28.70
C LYS F 313 4.26 39.17 -29.41
N GLU F 314 5.31 40.00 -29.47
CA GLU F 314 6.57 39.60 -30.11
C GLU F 314 7.26 38.53 -29.27
N ALA F 315 7.29 38.72 -27.96
CA ALA F 315 7.88 37.71 -27.08
C ALA F 315 7.11 36.36 -27.28
N ILE F 316 5.80 36.46 -27.41
CA ILE F 316 4.98 35.26 -27.60
C ILE F 316 5.22 34.61 -28.95
N PHE F 317 5.43 35.41 -30.00
CA PHE F 317 5.79 34.86 -31.32
C PHE F 317 7.15 34.11 -31.28
N ASP F 318 8.13 34.69 -30.60
CA ASP F 318 9.36 33.96 -30.36
C ASP F 318 9.08 32.60 -29.68
N ILE F 319 8.33 32.62 -28.58
CA ILE F 319 8.17 31.40 -27.77
C ILE F 319 7.53 30.28 -28.59
N LEU F 320 6.51 30.63 -29.37
CA LEU F 320 5.74 29.67 -30.15
C LEU F 320 6.35 29.30 -31.50
N VAL F 321 6.98 30.26 -32.16
CA VAL F 321 7.38 30.08 -33.56
C VAL F 321 8.91 30.20 -33.78
N ASN F 322 9.50 31.35 -33.42
CA ASN F 322 10.94 31.56 -33.71
C ASN F 322 11.89 30.67 -32.91
N ASN F 323 11.62 30.55 -31.62
CA ASN F 323 12.47 29.72 -30.79
C ASN F 323 12.45 28.25 -31.23
N PRO F 324 11.25 27.66 -31.47
CA PRO F 324 11.27 26.25 -31.91
C PRO F 324 11.92 26.03 -33.29
N LYS F 325 11.75 27.01 -34.17
CA LYS F 325 12.39 27.03 -35.48
C LYS F 325 13.93 27.00 -35.34
N ARG F 326 14.45 27.65 -34.30
CA ARG F 326 15.89 27.62 -34.00
C ARG F 326 16.29 26.28 -33.33
N VAL F 327 15.70 25.97 -32.18
CA VAL F 327 16.17 24.80 -31.42
C VAL F 327 15.88 23.44 -32.07
N LEU F 328 14.87 23.34 -32.91
CA LEU F 328 14.56 22.06 -33.55
C LEU F 328 15.26 21.86 -34.90
N ALA F 329 15.88 22.93 -35.42
CA ALA F 329 16.62 22.82 -36.70
C ALA F 329 17.83 21.89 -36.55
N PHE F 330 18.08 21.03 -37.53
CA PHE F 330 19.26 20.18 -37.44
C PHE F 330 20.52 21.04 -37.54
N ASP F 331 21.54 20.73 -36.74
CA ASP F 331 22.88 21.25 -37.00
C ASP F 331 23.55 20.45 -38.14
N GLU F 332 24.69 20.94 -38.61
CA GLU F 332 25.49 20.18 -39.55
C GLU F 332 26.14 19.06 -38.77
N LYS F 333 26.31 17.90 -39.40
CA LYS F 333 26.98 16.75 -38.76
C LYS F 333 28.41 17.05 -38.35
N ARG F 334 28.82 16.55 -37.19
CA ARG F 334 30.17 16.80 -36.71
C ARG F 334 30.72 15.52 -36.19
N ASN F 335 32.01 15.53 -35.90
CA ASN F 335 32.60 14.37 -35.27
C ASN F 335 32.66 14.45 -33.74
N PHE F 336 32.46 13.33 -33.10
CA PHE F 336 32.62 13.26 -31.67
C PHE F 336 34.06 12.93 -31.31
N ASP F 337 34.71 13.82 -30.58
CA ASP F 337 36.05 13.58 -30.08
C ASP F 337 36.01 13.42 -28.56
N PRO F 338 36.11 12.17 -28.06
CA PRO F 338 36.07 11.95 -26.61
C PRO F 338 37.18 12.66 -25.85
N LEU F 339 38.21 13.14 -26.54
CA LEU F 339 39.36 13.74 -25.88
C LEU F 339 39.03 15.15 -25.56
N LYS F 340 37.96 15.63 -26.20
CA LYS F 340 37.56 17.01 -26.03
C LYS F 340 36.46 17.17 -24.97
N VAL F 341 36.09 16.08 -24.29
CA VAL F 341 35.09 16.13 -23.22
C VAL F 341 35.64 16.90 -22.00
N SER F 342 34.83 17.76 -21.41
CA SER F 342 35.32 18.70 -20.38
C SER F 342 35.92 17.90 -19.22
N LYS F 343 36.88 18.50 -18.53
CA LYS F 343 37.46 17.81 -17.39
C LYS F 343 36.39 17.53 -16.32
N GLU F 344 35.46 18.48 -16.15
CA GLU F 344 34.38 18.37 -15.16
C GLU F 344 33.57 17.10 -15.44
N VAL F 345 33.23 16.90 -16.70
CA VAL F 345 32.46 15.72 -17.10
C VAL F 345 33.29 14.44 -16.95
N LEU F 346 34.54 14.45 -17.41
CA LEU F 346 35.41 13.29 -17.21
C LEU F 346 35.51 12.95 -15.71
N GLU F 347 35.75 13.96 -14.90
CA GLU F 347 35.90 13.72 -13.48
C GLU F 347 34.64 13.05 -12.88
N LEU F 348 33.46 13.48 -13.31
CA LEU F 348 32.20 12.93 -12.77
C LEU F 348 32.00 11.47 -13.20
N LYS F 349 32.30 11.19 -14.45
CA LYS F 349 32.19 9.83 -14.99
C LYS F 349 33.06 8.87 -14.21
N LYS F 350 34.21 9.36 -13.75
CA LYS F 350 35.09 8.51 -12.94
C LYS F 350 34.47 8.26 -11.56
N GLU F 351 33.99 9.33 -10.94
CA GLU F 351 33.31 9.23 -9.66
C GLU F 351 32.05 8.33 -9.70
N LEU F 352 31.32 8.35 -10.82
CA LEU F 352 30.13 7.52 -10.99
C LEU F 352 30.41 6.13 -11.59
N ASN F 353 31.67 5.75 -11.76
CA ASN F 353 32.00 4.41 -12.28
C ASN F 353 31.58 4.12 -13.73
N LEU F 354 31.74 5.11 -14.60
CA LEU F 354 31.21 4.98 -15.95
C LEU F 354 32.27 4.64 -16.99
N ASN F 355 33.49 4.41 -16.54
CA ASN F 355 34.53 4.04 -17.52
C ASN F 355 34.63 2.55 -17.75
ZN ZN G . 12.23 -20.72 -10.16
ZN ZN H . 8.76 -20.67 -11.33
P PO4 I . 8.18 -17.91 -3.12
O1 PO4 I . 9.40 -17.74 -4.04
O2 PO4 I . 7.82 -16.60 -2.39
O3 PO4 I . 6.99 -18.37 -3.98
O4 PO4 I . 8.49 -19.03 -2.13
ZN ZN J . -19.89 -15.37 -0.80
ZN ZN K . -20.60 -15.44 -4.29
P PO4 L . -11.94 -15.15 -4.52
O1 PO4 L . -12.14 -15.13 -3.02
O2 PO4 L . -13.22 -14.59 -5.18
O3 PO4 L . -10.71 -14.30 -4.84
O4 PO4 L . -11.71 -16.59 -4.96
ZN ZN M . -15.98 20.35 3.56
ZN ZN N . -14.95 20.09 -0.01
P PO4 O . -7.74 17.87 4.06
O1 PO4 O . -7.19 19.13 4.70
O2 PO4 O . -9.23 17.67 4.37
O3 PO4 O . -7.57 18.05 2.55
O4 PO4 O . -6.92 16.66 4.52
ZN ZN P . 13.30 17.71 11.67
ZN ZN Q . 16.81 16.90 10.70
P PO4 R . 12.49 15.11 3.60
O1 PO4 R . 13.51 14.68 4.67
O2 PO4 R . 11.33 15.80 4.28
O3 PO4 R . 13.08 16.13 2.65
O4 PO4 R . 11.95 13.88 2.85
ZN ZN S . 4.16 -16.07 19.01
ZN ZN T . 1.40 -15.20 21.33
P PO4 U . -2.69 -14.21 13.81
O1 PO4 U . -2.38 -13.68 15.24
O2 PO4 U . -1.47 -14.99 13.30
O3 PO4 U . -2.96 -13.10 12.81
O4 PO4 U . -3.85 -15.19 13.87
ZN ZN V . 6.17 14.09 -21.16
ZN ZN W . 8.82 14.35 -18.62
P PO4 X . 1.74 14.31 -13.90
O1 PO4 X . 3.03 14.82 -13.24
O2 PO4 X . 0.79 15.49 -13.98
O3 PO4 X . 2.06 13.80 -15.30
O4 PO4 X . 1.13 13.24 -12.97
#